data_7JON
# 
_entry.id   7JON 
# 
_audit_conform.dict_name       mmcif_pdbx.dic 
_audit_conform.dict_version    5.380 
_audit_conform.dict_location   http://mmcif.pdb.org/dictionaries/ascii/mmcif_pdbx.dic 
# 
loop_
_database_2.database_id 
_database_2.database_code 
_database_2.pdbx_database_accession 
_database_2.pdbx_DOI 
PDB   7JON         pdb_00007jon 10.2210/pdb7jon/pdb 
WWPDB D_1000250931 ?            ?                   
# 
_pdbx_database_status.status_code                     REL 
_pdbx_database_status.status_code_sf                  REL 
_pdbx_database_status.status_code_mr                  ? 
_pdbx_database_status.entry_id                        7JON 
_pdbx_database_status.recvd_initial_deposition_date   2020-08-06 
_pdbx_database_status.SG_entry                        N 
_pdbx_database_status.deposit_site                    RCSB 
_pdbx_database_status.process_site                    RCSB 
_pdbx_database_status.status_code_cs                  ? 
_pdbx_database_status.status_code_nmr_data            ? 
_pdbx_database_status.methods_development_category    ? 
_pdbx_database_status.pdb_format_compatible           Y 
# 
loop_
_audit_author.name 
_audit_author.pdbx_ordinal 
_audit_author.identifier_ORCID 
'Simmons, C.R.'      1 0000-0002-2290-6132 
'MacCulloch, T.'     2 0000-0001-5875-3361 
'Stephanopoulos, N.' 3 0000-0001-7859-410X 
'Yan, H.'            4 0000-0001-7397-9852 
# 
_citation.abstract                  ? 
_citation.abstract_id_CAS           ? 
_citation.book_id_ISBN              ? 
_citation.book_publisher            ? 
_citation.book_publisher_city       ? 
_citation.book_title                ? 
_citation.coordinate_linkage        ? 
_citation.country                   UK 
_citation.database_id_Medline       ? 
_citation.details                   ? 
_citation.id                        primary 
_citation.journal_abbrev            'Nat Commun' 
_citation.journal_id_ASTM           ? 
_citation.journal_id_CSD            ? 
_citation.journal_id_ISSN           2041-1723 
_citation.journal_full              ? 
_citation.journal_issue             ? 
_citation.journal_volume            13 
_citation.language                  ? 
_citation.page_first                3112 
_citation.page_last                 3112 
_citation.title                     'The influence of Holliday junction sequence and dynamics on DNA crystal self-assembly.' 
_citation.year                      2022 
_citation.database_id_CSD           ? 
_citation.pdbx_database_id_DOI      10.1038/s41467-022-30779-6 
_citation.pdbx_database_id_PubMed   35662248 
_citation.unpublished_flag          ? 
# 
loop_
_citation_author.citation_id 
_citation_author.name 
_citation_author.ordinal 
_citation_author.identifier_ORCID 
primary 'Simmons, C.R.'      1  ?                   
primary 'MacCulloch, T.'     2  ?                   
primary 'Krepl, M.'          3  0000-0002-9833-4281 
primary 'Matthies, M.'       4  ?                   
primary 'Buchberger, A.'     5  ?                   
primary 'Crawford, I.'       6  ?                   
primary 'Sponer, J.'         7  0000-0001-6558-6186 
primary 'Sulc, P.'           8  0000-0003-1565-6769 
primary 'Stephanopoulos, N.' 9  0000-0001-7859-410X 
primary 'Yan, H.'            10 0000-0001-7397-9852 
# 
_cell.angle_alpha                  90.000 
_cell.angle_alpha_esd              ? 
_cell.angle_beta                   90.000 
_cell.angle_beta_esd               ? 
_cell.angle_gamma                  120.000 
_cell.angle_gamma_esd              ? 
_cell.entry_id                     7JON 
_cell.details                      ? 
_cell.formula_units_Z              ? 
_cell.length_a                     68.625 
_cell.length_a_esd                 ? 
_cell.length_b                     68.625 
_cell.length_b_esd                 ? 
_cell.length_c                     55.959 
_cell.length_c_esd                 ? 
_cell.volume                       ? 
_cell.volume_esd                   ? 
_cell.Z_PDB                        3 
_cell.reciprocal_angle_alpha       ? 
_cell.reciprocal_angle_beta        ? 
_cell.reciprocal_angle_gamma       ? 
_cell.reciprocal_angle_alpha_esd   ? 
_cell.reciprocal_angle_beta_esd    ? 
_cell.reciprocal_angle_gamma_esd   ? 
_cell.reciprocal_length_a          ? 
_cell.reciprocal_length_b          ? 
_cell.reciprocal_length_c          ? 
_cell.reciprocal_length_a_esd      ? 
_cell.reciprocal_length_b_esd      ? 
_cell.reciprocal_length_c_esd      ? 
_cell.pdbx_unique_axis             ? 
# 
_symmetry.entry_id                         7JON 
_symmetry.cell_setting                     ? 
_symmetry.Int_Tables_number                145 
_symmetry.space_group_name_Hall            ? 
_symmetry.space_group_name_H-M             'P 32' 
_symmetry.pdbx_full_space_group_name_H-M   ? 
# 
loop_
_entity.id 
_entity.type 
_entity.src_method 
_entity.pdbx_description 
_entity.formula_weight 
_entity.pdbx_number_of_molecules 
_entity.pdbx_ec 
_entity.pdbx_mutation 
_entity.pdbx_fragment 
_entity.details 
1 polymer     syn 
;DNA (5'-D(*GP*AP*GP*CP*AP*GP*AP*CP*CP*TP*GP*AP*CP*GP*AP*CP*AP*CP*TP*CP*A)-3')
;
6426.177 1 ? ? ? ? 
2 polymer     syn 
;DNA (5'-D(P*TP*CP*GP*TP*CP*A)-3')
;
1784.204 1 ? ? ? ? 
3 polymer     syn 
;DNA (5'-D(*TP*CP*TP*GP*AP*GP*TP*G)-3')
;
2457.627 1 ? ? ? ? 
4 polymer     syn 
;DNA (5'-D(P*GP*GP*TP*CP*TP*GP*C)-3')
;
2129.409 1 ? ? ? ? 
5 non-polymer syn 'MAGNESIUM ION'                                                                 24.305   3 ? ? ? ? 
6 non-polymer syn 'CACODYLATE ION'                                                                136.989  2 ? ? ? ? 
# 
loop_
_entity_poly.entity_id 
_entity_poly.type 
_entity_poly.nstd_linkage 
_entity_poly.nstd_monomer 
_entity_poly.pdbx_seq_one_letter_code 
_entity_poly.pdbx_seq_one_letter_code_can 
_entity_poly.pdbx_strand_id 
_entity_poly.pdbx_target_identifier 
1 polydeoxyribonucleotide no no 
;(DG)(DA)(DG)(DC)(DA)(DG)(DA)(DC)(DC)(DT)(DG)(DA)(DC)(DG)(DA)(DC)(DA)(DC)(DT)(DC)
(DA)
;
GAGCAGACCTGACGACACTCA A ? 
2 polydeoxyribonucleotide no no '(DT)(DC)(DG)(DT)(DC)(DA)'                                                              TCGTCA B ? 
3 polydeoxyribonucleotide no no '(DT)(DC)(DT)(DG)(DA)(DG)(DT)(DG)'                                                      TCTGAGTG C 
? 
4 polydeoxyribonucleotide no no '(DG)(DG)(DT)(DC)(DT)(DG)(DC)'                                                          GGTCTGC D 
? 
# 
loop_
_entity_poly_seq.entity_id 
_entity_poly_seq.num 
_entity_poly_seq.mon_id 
_entity_poly_seq.hetero 
1 1  DG n 
1 2  DA n 
1 3  DG n 
1 4  DC n 
1 5  DA n 
1 6  DG n 
1 7  DA n 
1 8  DC n 
1 9  DC n 
1 10 DT n 
1 11 DG n 
1 12 DA n 
1 13 DC n 
1 14 DG n 
1 15 DA n 
1 16 DC n 
1 17 DA n 
1 18 DC n 
1 19 DT n 
1 20 DC n 
1 21 DA n 
2 1  DT n 
2 2  DC n 
2 3  DG n 
2 4  DT n 
2 5  DC n 
2 6  DA n 
3 1  DT n 
3 2  DC n 
3 3  DT n 
3 4  DG n 
3 5  DA n 
3 6  DG n 
3 7  DT n 
3 8  DG n 
4 1  DG n 
4 2  DG n 
4 3  DT n 
4 4  DC n 
4 5  DT n 
4 6  DG n 
4 7  DC n 
# 
loop_
_pdbx_entity_src_syn.entity_id 
_pdbx_entity_src_syn.pdbx_src_id 
_pdbx_entity_src_syn.pdbx_alt_source_flag 
_pdbx_entity_src_syn.pdbx_beg_seq_num 
_pdbx_entity_src_syn.pdbx_end_seq_num 
_pdbx_entity_src_syn.organism_scientific 
_pdbx_entity_src_syn.organism_common_name 
_pdbx_entity_src_syn.ncbi_taxonomy_id 
_pdbx_entity_src_syn.details 
1 1 sample 1 21 'synthetic construct' ? 32630 ? 
2 1 sample 1 6  'synthetic construct' ? 32630 ? 
3 1 sample 1 8  'synthetic construct' ? 32630 ? 
4 1 sample 1 7  'synthetic construct' ? 32630 ? 
# 
loop_
_struct_ref.id 
_struct_ref.db_name 
_struct_ref.db_code 
_struct_ref.pdbx_db_accession 
_struct_ref.pdbx_db_isoform 
_struct_ref.entity_id 
_struct_ref.pdbx_seq_one_letter_code 
_struct_ref.pdbx_align_begin 
1 PDB 7JON 7JON ? 1 ? 1 
2 PDB 7JON 7JON ? 2 ? 1 
3 PDB 7JON 7JON ? 3 ? 1 
4 PDB 7JON 7JON ? 4 ? 1 
# 
loop_
_struct_ref_seq.align_id 
_struct_ref_seq.ref_id 
_struct_ref_seq.pdbx_PDB_id_code 
_struct_ref_seq.pdbx_strand_id 
_struct_ref_seq.seq_align_beg 
_struct_ref_seq.pdbx_seq_align_beg_ins_code 
_struct_ref_seq.seq_align_end 
_struct_ref_seq.pdbx_seq_align_end_ins_code 
_struct_ref_seq.pdbx_db_accession 
_struct_ref_seq.db_align_beg 
_struct_ref_seq.pdbx_db_align_beg_ins_code 
_struct_ref_seq.db_align_end 
_struct_ref_seq.pdbx_db_align_end_ins_code 
_struct_ref_seq.pdbx_auth_seq_align_beg 
_struct_ref_seq.pdbx_auth_seq_align_end 
1 1 7JON A 1 ? 21 ? 7JON 1  ? 21 ? 1  21 
2 2 7JON B 1 ? 6  ? 7JON 0  ? 5  ? 0  5  
3 3 7JON C 1 ? 8  ? 7JON 1  ? 8  ? 1  8  
4 4 7JON D 1 ? 7  ? 7JON 10 ? 16 ? 10 16 
# 
loop_
_chem_comp.id 
_chem_comp.type 
_chem_comp.mon_nstd_flag 
_chem_comp.name 
_chem_comp.pdbx_synonyms 
_chem_comp.formula 
_chem_comp.formula_weight 
CAC non-polymer   . 'CACODYLATE ION'                     dimethylarsinate 'C2 H6 As O2 -1'  136.989 
DA  'DNA linking' y "2'-DEOXYADENOSINE-5'-MONOPHOSPHATE" ?                'C10 H14 N5 O6 P' 331.222 
DC  'DNA linking' y "2'-DEOXYCYTIDINE-5'-MONOPHOSPHATE"  ?                'C9 H14 N3 O7 P'  307.197 
DG  'DNA linking' y "2'-DEOXYGUANOSINE-5'-MONOPHOSPHATE" ?                'C10 H14 N5 O7 P' 347.221 
DT  'DNA linking' y "THYMIDINE-5'-MONOPHOSPHATE"         ?                'C10 H15 N2 O8 P' 322.208 
MG  non-polymer   . 'MAGNESIUM ION'                      ?                'Mg 2'            24.305  
# 
_exptl.absorpt_coefficient_mu     ? 
_exptl.absorpt_correction_T_max   ? 
_exptl.absorpt_correction_T_min   ? 
_exptl.absorpt_correction_type    ? 
_exptl.absorpt_process_details    ? 
_exptl.entry_id                   7JON 
_exptl.crystals_number            1 
_exptl.details                    ? 
_exptl.method                     'X-RAY DIFFRACTION' 
_exptl.method_details             ? 
# 
_exptl_crystal.colour                      ? 
_exptl_crystal.density_diffrn              ? 
_exptl_crystal.density_Matthews            5.94 
_exptl_crystal.density_method              ? 
_exptl_crystal.density_percent_sol         79.31 
_exptl_crystal.description                 ? 
_exptl_crystal.F_000                       ? 
_exptl_crystal.id                          1 
_exptl_crystal.preparation                 ? 
_exptl_crystal.size_max                    ? 
_exptl_crystal.size_mid                    ? 
_exptl_crystal.size_min                    ? 
_exptl_crystal.size_rad                    ? 
_exptl_crystal.colour_lustre               ? 
_exptl_crystal.colour_modifier             ? 
_exptl_crystal.colour_primary              ? 
_exptl_crystal.density_meas                ? 
_exptl_crystal.density_meas_esd            ? 
_exptl_crystal.density_meas_gt             ? 
_exptl_crystal.density_meas_lt             ? 
_exptl_crystal.density_meas_temp           ? 
_exptl_crystal.density_meas_temp_esd       ? 
_exptl_crystal.density_meas_temp_gt        ? 
_exptl_crystal.density_meas_temp_lt        ? 
_exptl_crystal.pdbx_crystal_image_url      ? 
_exptl_crystal.pdbx_crystal_image_format   ? 
_exptl_crystal.pdbx_mosaicity              ? 
_exptl_crystal.pdbx_mosaicity_esd          ? 
# 
_exptl_crystal_grow.apparatus       ? 
_exptl_crystal_grow.atmosphere      ? 
_exptl_crystal_grow.crystal_id      1 
_exptl_crystal_grow.details         ? 
_exptl_crystal_grow.method          'VAPOR DIFFUSION, SITTING DROP' 
_exptl_crystal_grow.method_ref      ? 
_exptl_crystal_grow.pH              ? 
_exptl_crystal_grow.pressure        ? 
_exptl_crystal_grow.pressure_esd    ? 
_exptl_crystal_grow.seeding         ? 
_exptl_crystal_grow.seeding_ref     ? 
_exptl_crystal_grow.temp            298 
_exptl_crystal_grow.temp_details    'temperature gradient generated from 60 to 25 C at 0.3 degrees per hour' 
_exptl_crystal_grow.temp_esd        ? 
_exptl_crystal_grow.time            ? 
_exptl_crystal_grow.pdbx_details    
;0.5 mL of 0.05 M Cacodylate pH 6.0 with 200 mM MgCl2  and 2.5 M KCl was added to the reservoir with 2 uL added to the drop containing 4 uL of DNA stock
;
_exptl_crystal_grow.pdbx_pH_range   ? 
# 
_diffrn.ambient_environment              ? 
_diffrn.ambient_temp                     100 
_diffrn.ambient_temp_details             ? 
_diffrn.ambient_temp_esd                 ? 
_diffrn.crystal_id                       1 
_diffrn.crystal_support                  ? 
_diffrn.crystal_treatment                ? 
_diffrn.details                          ? 
_diffrn.id                               1 
_diffrn.ambient_pressure                 ? 
_diffrn.ambient_pressure_esd             ? 
_diffrn.ambient_pressure_gt              ? 
_diffrn.ambient_pressure_lt              ? 
_diffrn.ambient_temp_gt                  ? 
_diffrn.ambient_temp_lt                  ? 
_diffrn.pdbx_serial_crystal_experiment   N 
# 
_diffrn_detector.details                      ? 
_diffrn_detector.detector                     CCD 
_diffrn_detector.diffrn_id                    1 
_diffrn_detector.type                         'ADSC QUANTUM 315r' 
_diffrn_detector.area_resol_mean              ? 
_diffrn_detector.dtime                        ? 
_diffrn_detector.pdbx_frames_total            ? 
_diffrn_detector.pdbx_collection_time_total   ? 
_diffrn_detector.pdbx_collection_date         2017-09-15 
_diffrn_detector.pdbx_frequency               ? 
# 
_diffrn_radiation.collimation                      ? 
_diffrn_radiation.diffrn_id                        1 
_diffrn_radiation.filter_edge                      ? 
_diffrn_radiation.inhomogeneity                    ? 
_diffrn_radiation.monochromator                    ? 
_diffrn_radiation.polarisn_norm                    ? 
_diffrn_radiation.polarisn_ratio                   ? 
_diffrn_radiation.probe                            ? 
_diffrn_radiation.type                             ? 
_diffrn_radiation.xray_symbol                      ? 
_diffrn_radiation.wavelength_id                    1 
_diffrn_radiation.pdbx_monochromatic_or_laue_m_l   M 
_diffrn_radiation.pdbx_wavelength_list             ? 
_diffrn_radiation.pdbx_wavelength                  ? 
_diffrn_radiation.pdbx_diffrn_protocol             'SINGLE WAVELENGTH' 
_diffrn_radiation.pdbx_analyzer                    ? 
_diffrn_radiation.pdbx_scattering_type             x-ray 
# 
_diffrn_radiation_wavelength.id           1 
_diffrn_radiation_wavelength.wavelength   0.98 
_diffrn_radiation_wavelength.wt           1.0 
# 
_diffrn_source.current                     ? 
_diffrn_source.details                     ? 
_diffrn_source.diffrn_id                   1 
_diffrn_source.power                       ? 
_diffrn_source.size                        ? 
_diffrn_source.source                      SYNCHROTRON 
_diffrn_source.target                      ? 
_diffrn_source.type                        'ALS BEAMLINE 8.2.2' 
_diffrn_source.voltage                     ? 
_diffrn_source.take-off_angle              ? 
_diffrn_source.pdbx_wavelength_list        0.98 
_diffrn_source.pdbx_wavelength             ? 
_diffrn_source.pdbx_synchrotron_beamline   8.2.2 
_diffrn_source.pdbx_synchrotron_site       ALS 
# 
_reflns.B_iso_Wilson_estimate            46.780 
_reflns.entry_id                         7JON 
_reflns.data_reduction_details           ? 
_reflns.data_reduction_method            ? 
_reflns.d_resolution_high                3.100 
_reflns.d_resolution_low                 50.000 
_reflns.details                          ? 
_reflns.limit_h_max                      ? 
_reflns.limit_h_min                      ? 
_reflns.limit_k_max                      ? 
_reflns.limit_k_min                      ? 
_reflns.limit_l_max                      ? 
_reflns.limit_l_min                      ? 
_reflns.number_all                       ? 
_reflns.number_obs                       4641 
_reflns.observed_criterion               ? 
_reflns.observed_criterion_F_max         ? 
_reflns.observed_criterion_F_min         ? 
_reflns.observed_criterion_I_max         ? 
_reflns.observed_criterion_I_min         ? 
_reflns.observed_criterion_sigma_F       ? 
_reflns.observed_criterion_sigma_I       ? 
_reflns.percent_possible_obs             86.800 
_reflns.R_free_details                   ? 
_reflns.Rmerge_F_all                     ? 
_reflns.Rmerge_F_obs                     ? 
_reflns.Friedel_coverage                 ? 
_reflns.number_gt                        ? 
_reflns.threshold_expression             ? 
_reflns.pdbx_redundancy                  6.300 
_reflns.pdbx_Rmerge_I_obs                0.123 
_reflns.pdbx_Rmerge_I_all                ? 
_reflns.pdbx_Rsym_value                  ? 
_reflns.pdbx_netI_over_av_sigmaI         ? 
_reflns.pdbx_netI_over_sigmaI            5.500 
_reflns.pdbx_res_netI_over_av_sigmaI_2   ? 
_reflns.pdbx_res_netI_over_sigmaI_2      ? 
_reflns.pdbx_chi_squared                 1.014 
_reflns.pdbx_scaling_rejects             ? 
_reflns.pdbx_d_res_high_opt              ? 
_reflns.pdbx_d_res_low_opt               ? 
_reflns.pdbx_d_res_opt_method            ? 
_reflns.phase_calculation_details        ? 
_reflns.pdbx_Rrim_I_all                  0.133 
_reflns.pdbx_Rpim_I_all                  0.050 
_reflns.pdbx_d_opt                       ? 
_reflns.pdbx_number_measured_all         ? 
_reflns.pdbx_diffrn_id                   1 
_reflns.pdbx_ordinal                     1 
_reflns.pdbx_CC_half                     1 
_reflns.pdbx_CC_star                     ? 
_reflns.pdbx_R_split                     ? 
# 
loop_
_reflns_shell.d_res_high 
_reflns_shell.d_res_low 
_reflns_shell.meanI_over_sigI_all 
_reflns_shell.meanI_over_sigI_obs 
_reflns_shell.number_measured_all 
_reflns_shell.number_measured_obs 
_reflns_shell.number_possible 
_reflns_shell.number_unique_all 
_reflns_shell.number_unique_obs 
_reflns_shell.percent_possible_all 
_reflns_shell.percent_possible_obs 
_reflns_shell.Rmerge_F_all 
_reflns_shell.Rmerge_F_obs 
_reflns_shell.Rmerge_I_all 
_reflns_shell.Rmerge_I_obs 
_reflns_shell.meanI_over_sigI_gt 
_reflns_shell.meanI_over_uI_all 
_reflns_shell.meanI_over_uI_gt 
_reflns_shell.number_measured_gt 
_reflns_shell.number_unique_gt 
_reflns_shell.percent_possible_gt 
_reflns_shell.Rmerge_F_gt 
_reflns_shell.Rmerge_I_gt 
_reflns_shell.pdbx_redundancy 
_reflns_shell.pdbx_Rsym_value 
_reflns_shell.pdbx_chi_squared 
_reflns_shell.pdbx_netI_over_sigmaI_all 
_reflns_shell.pdbx_netI_over_sigmaI_obs 
_reflns_shell.pdbx_Rrim_I_all 
_reflns_shell.pdbx_Rpim_I_all 
_reflns_shell.pdbx_rejects 
_reflns_shell.pdbx_ordinal 
_reflns_shell.pdbx_diffrn_id 
_reflns_shell.pdbx_CC_half 
_reflns_shell.pdbx_CC_star 
_reflns_shell.pdbx_R_split 
3.100 3.150  ? ? ? ? ? ? 150 56.600  ? ? ? ? 0.508 ? ? ? ? ? ? ? ? 4.700 ? 0.570 ? ? 0.560 0.229 ? 1  1 0.908 ? ? 
3.150 3.210  ? ? ? ? ? ? 167 62.300  ? ? ? ? 0.204 ? ? ? ? ? ? ? ? 4.700 ? 0.651 ? ? 0.223 0.089 ? 2  1 0.992 ? ? 
3.210 3.270  ? ? ? ? ? ? 203 67.700  ? ? ? ? 0.101 ? ? ? ? ? ? ? ? 4.800 ? 0.688 ? ? 0.110 0.043 ? 3  1 0.997 ? ? 
3.270 3.340  ? ? ? ? ? ? 165 69.300  ? ? ? ? 0.285 ? ? ? ? ? ? ? ? 5.400 ? 0.598 ? ? 0.310 0.121 ? 4  1 0.981 ? ? 
3.340 3.410  ? ? ? ? ? ? 187 74.200  ? ? ? ? 0.168 ? ? ? ? ? ? ? ? 5.400 ? 0.665 ? ? 0.182 0.070 ? 5  1 0.993 ? ? 
3.410 3.490  ? ? ? ? ? ? 214 75.100  ? ? ? ? 0.320 ? ? ? ? ? ? ? ? 5.700 ? 1.547 ? ? 0.349 0.137 ? 6  1 0.943 ? ? 
3.490 3.580  ? ? ? ? ? ? 212 81.500  ? ? ? ? 0.228 ? ? ? ? ? ? ? ? 5.800 ? 0.637 ? ? 0.248 0.096 ? 7  1 0.982 ? ? 
3.580 3.680  ? ? ? ? ? ? 212 80.300  ? ? ? ? 0.441 ? ? ? ? ? ? ? ? 5.800 ? 1.877 ? ? 0.480 0.188 ? 8  1 0.709 ? ? 
3.680 3.780  ? ? ? ? ? ? 230 82.700  ? ? ? ? 0.367 ? ? ? ? ? ? ? ? 6.200 ? 0.684 ? ? 0.398 0.152 ? 9  1 0.961 ? ? 
3.780 3.910  ? ? ? ? ? ? 221 90.900  ? ? ? ? 0.398 ? ? ? ? ? ? ? ? 6.000 ? 0.995 ? ? 0.431 0.164 ? 10 1 0.961 ? ? 
3.910 4.040  ? ? ? ? ? ? 293 96.400  ? ? ? ? 0.320 ? ? ? ? ? ? ? ? 6.200 ? 0.662 ? ? 0.346 0.131 ? 11 1 0.958 ? ? 
4.040 4.210  ? ? ? ? ? ? 264 99.200  ? ? ? ? 0.219 ? ? ? ? ? ? ? ? 6.500 ? 0.601 ? ? 0.237 0.089 ? 12 1 0.976 ? ? 
4.210 4.400  ? ? ? ? ? ? 255 100.000 ? ? ? ? 0.253 ? ? ? ? ? ? ? ? 6.700 ? 0.681 ? ? 0.273 0.102 ? 13 1 0.975 ? ? 
4.400 4.630  ? ? ? ? ? ? 271 100.000 ? ? ? ? 0.258 ? ? ? ? ? ? ? ? 7.000 ? 0.612 ? ? 0.279 0.104 ? 14 1 0.975 ? ? 
4.630 4.920  ? ? ? ? ? ? 262 100.000 ? ? ? ? 0.199 ? ? ? ? ? ? ? ? 7.100 ? 0.681 ? ? 0.214 0.079 ? 15 1 0.987 ? ? 
4.920 5.300  ? ? ? ? ? ? 266 100.000 ? ? ? ? 0.147 ? ? ? ? ? ? ? ? 7.200 ? 0.894 ? ? 0.159 0.058 ? 16 1 0.989 ? ? 
5.300 5.830  ? ? ? ? ? ? 261 100.000 ? ? ? ? 0.119 ? ? ? ? ? ? ? ? 7.200 ? 1.251 ? ? 0.128 0.047 ? 17 1 0.990 ? ? 
5.830 6.670  ? ? ? ? ? ? 273 100.000 ? ? ? ? 0.110 ? ? ? ? ? ? ? ? 7.100 ? 1.069 ? ? 0.118 0.044 ? 18 1 0.993 ? ? 
6.670 8.400  ? ? ? ? ? ? 262 100.000 ? ? ? ? 0.093 ? ? ? ? ? ? ? ? 7.000 ? 1.497 ? ? 0.100 0.038 ? 19 1 0.996 ? ? 
8.400 50.000 ? ? ? ? ? ? 273 99.300  ? ? ? ? 0.076 ? ? ? ? ? ? ? ? 7.300 ? 2.469 ? ? 0.083 0.031 ? 20 1 0.996 ? ? 
# 
_refine.aniso_B[1][1]                            ? 
_refine.aniso_B[1][2]                            ? 
_refine.aniso_B[1][3]                            ? 
_refine.aniso_B[2][2]                            ? 
_refine.aniso_B[2][3]                            ? 
_refine.aniso_B[3][3]                            ? 
_refine.B_iso_max                                248.030 
_refine.B_iso_mean                               78.3668 
_refine.B_iso_min                                27.550 
_refine.correlation_coeff_Fo_to_Fc               ? 
_refine.correlation_coeff_Fo_to_Fc_free          ? 
_refine.details                                  ? 
_refine.diff_density_max                         ? 
_refine.diff_density_max_esd                     ? 
_refine.diff_density_min                         ? 
_refine.diff_density_min_esd                     ? 
_refine.diff_density_rms                         ? 
_refine.diff_density_rms_esd                     ? 
_refine.entry_id                                 7JON 
_refine.pdbx_refine_id                           'X-RAY DIFFRACTION' 
_refine.ls_abs_structure_details                 ? 
_refine.ls_abs_structure_Flack                   ? 
_refine.ls_abs_structure_Flack_esd               ? 
_refine.ls_abs_structure_Rogers                  ? 
_refine.ls_abs_structure_Rogers_esd              ? 
_refine.ls_d_res_high                            3.1070 
_refine.ls_d_res_low                             34.3120 
_refine.ls_extinction_coef                       ? 
_refine.ls_extinction_coef_esd                   ? 
_refine.ls_extinction_expression                 ? 
_refine.ls_extinction_method                     ? 
_refine.ls_goodness_of_fit_all                   ? 
_refine.ls_goodness_of_fit_all_esd               ? 
_refine.ls_goodness_of_fit_obs                   ? 
_refine.ls_goodness_of_fit_obs_esd               ? 
_refine.ls_hydrogen_treatment                    ? 
_refine.ls_matrix_type                           ? 
_refine.ls_number_constraints                    ? 
_refine.ls_number_parameters                     ? 
_refine.ls_number_reflns_all                     ? 
_refine.ls_number_reflns_obs                     4582 
_refine.ls_number_reflns_R_free                  232 
_refine.ls_number_reflns_R_work                  4350 
_refine.ls_number_restraints                     ? 
_refine.ls_percent_reflns_obs                    85.9200 
_refine.ls_percent_reflns_R_free                 5.0600 
_refine.ls_R_factor_all                          ? 
_refine.ls_R_factor_obs                          0.2281 
_refine.ls_R_factor_R_free                       0.2441 
_refine.ls_R_factor_R_free_error                 ? 
_refine.ls_R_factor_R_free_error_details         ? 
_refine.ls_R_factor_R_work                       0.2272 
_refine.ls_R_Fsqd_factor_obs                     ? 
_refine.ls_R_I_factor_obs                        ? 
_refine.ls_redundancy_reflns_all                 ? 
_refine.ls_redundancy_reflns_obs                 ? 
_refine.ls_restrained_S_all                      ? 
_refine.ls_restrained_S_obs                      ? 
_refine.ls_shift_over_esd_max                    ? 
_refine.ls_shift_over_esd_mean                   ? 
_refine.ls_structure_factor_coef                 ? 
_refine.ls_weighting_details                     ? 
_refine.ls_weighting_scheme                      ? 
_refine.ls_wR_factor_all                         ? 
_refine.ls_wR_factor_obs                         ? 
_refine.ls_wR_factor_R_free                      ? 
_refine.ls_wR_factor_R_work                      ? 
_refine.occupancy_max                            ? 
_refine.occupancy_min                            ? 
_refine.solvent_model_details                    'FLAT BULK SOLVENT MODEL' 
_refine.solvent_model_param_bsol                 ? 
_refine.solvent_model_param_ksol                 ? 
_refine.pdbx_R_complete                          ? 
_refine.ls_R_factor_gt                           ? 
_refine.ls_goodness_of_fit_gt                    ? 
_refine.ls_goodness_of_fit_ref                   ? 
_refine.ls_shift_over_su_max                     ? 
_refine.ls_shift_over_su_max_lt                  ? 
_refine.ls_shift_over_su_mean                    ? 
_refine.ls_shift_over_su_mean_lt                 ? 
_refine.pdbx_ls_sigma_I                          ? 
_refine.pdbx_ls_sigma_F                          1.980 
_refine.pdbx_ls_sigma_Fsqd                       ? 
_refine.pdbx_data_cutoff_high_absF               ? 
_refine.pdbx_data_cutoff_high_rms_absF           ? 
_refine.pdbx_data_cutoff_low_absF                ? 
_refine.pdbx_isotropic_thermal_model             ? 
_refine.pdbx_ls_cross_valid_method               THROUGHOUT 
_refine.pdbx_method_to_determine_struct          'MOLECULAR REPLACEMENT' 
_refine.pdbx_starting_model                      5VY6 
_refine.pdbx_stereochemistry_target_values       ML 
_refine.pdbx_R_Free_selection_details            ? 
_refine.pdbx_stereochem_target_val_spec_case     ? 
_refine.pdbx_overall_ESU_R                       ? 
_refine.pdbx_overall_ESU_R_Free                  ? 
_refine.pdbx_solvent_vdw_probe_radii             1.1100 
_refine.pdbx_solvent_ion_probe_radii             ? 
_refine.pdbx_solvent_shrinkage_radii             0.9000 
_refine.pdbx_real_space_R                        ? 
_refine.pdbx_density_correlation                 ? 
_refine.pdbx_pd_number_of_powder_patterns        ? 
_refine.pdbx_pd_number_of_points                 ? 
_refine.pdbx_pd_meas_number_of_points            ? 
_refine.pdbx_pd_proc_ls_prof_R_factor            ? 
_refine.pdbx_pd_proc_ls_prof_wR_factor           ? 
_refine.pdbx_pd_Marquardt_correlation_coeff      ? 
_refine.pdbx_pd_Fsqrd_R_factor                   ? 
_refine.pdbx_pd_ls_matrix_band_width             ? 
_refine.pdbx_overall_phase_error                 29.4700 
_refine.pdbx_overall_SU_R_free_Cruickshank_DPI   ? 
_refine.pdbx_overall_SU_R_free_Blow_DPI          ? 
_refine.pdbx_overall_SU_R_Blow_DPI               ? 
_refine.pdbx_TLS_residual_ADP_flag               ? 
_refine.pdbx_diffrn_id                           1 
_refine.overall_SU_B                             ? 
_refine.overall_SU_ML                            0.3800 
_refine.overall_SU_R_Cruickshank_DPI             ? 
_refine.overall_SU_R_free                        ? 
_refine.overall_FOM_free_R_set                   ? 
_refine.overall_FOM_work_R_set                   ? 
_refine.pdbx_average_fsc_overall                 ? 
_refine.pdbx_average_fsc_work                    ? 
_refine.pdbx_average_fsc_free                    ? 
# 
_refine_hist.pdbx_refine_id                   'X-RAY DIFFRACTION' 
_refine_hist.cycle_id                         final 
_refine_hist.details                          ? 
_refine_hist.d_res_high                       3.1070 
_refine_hist.d_res_low                        34.3120 
_refine_hist.number_atoms_solvent             0 
_refine_hist.number_atoms_total               860 
_refine_hist.number_reflns_all                ? 
_refine_hist.number_reflns_obs                ? 
_refine_hist.number_reflns_R_free             ? 
_refine_hist.number_reflns_R_work             ? 
_refine_hist.R_factor_all                     ? 
_refine_hist.R_factor_obs                     ? 
_refine_hist.R_factor_R_free                  ? 
_refine_hist.R_factor_R_work                  ? 
_refine_hist.pdbx_number_residues_total       42 
_refine_hist.pdbx_B_iso_mean_ligand           121.86 
_refine_hist.pdbx_B_iso_mean_solvent          ? 
_refine_hist.pdbx_number_atoms_protein        0 
_refine_hist.pdbx_number_atoms_nucleic_acid   855 
_refine_hist.pdbx_number_atoms_ligand         5 
_refine_hist.pdbx_number_atoms_lipid          ? 
_refine_hist.pdbx_number_atoms_carb           ? 
_refine_hist.pdbx_pseudo_atom_details         ? 
# 
loop_
_refine_ls_restr.pdbx_refine_id 
_refine_ls_restr.criterion 
_refine_ls_restr.dev_ideal 
_refine_ls_restr.dev_ideal_target 
_refine_ls_restr.number 
_refine_ls_restr.rejects 
_refine_ls_restr.type 
_refine_ls_restr.weight 
_refine_ls_restr.pdbx_restraint_function 
'X-RAY DIFFRACTION' ? 0.005  ? 956  ? f_bond_d           ? ? 
'X-RAY DIFFRACTION' ? 0.729  ? 1467 ? f_angle_d          ? ? 
'X-RAY DIFFRACTION' ? 0.042  ? 166  ? f_chiral_restr     ? ? 
'X-RAY DIFFRACTION' ? 0.005  ? 42   ? f_plane_restr      ? ? 
'X-RAY DIFFRACTION' ? 33.320 ? 406  ? f_dihedral_angle_d ? ? 
# 
loop_
_refine_ls_shell.pdbx_refine_id 
_refine_ls_shell.d_res_high 
_refine_ls_shell.d_res_low 
_refine_ls_shell.number_reflns_all 
_refine_ls_shell.number_reflns_obs 
_refine_ls_shell.number_reflns_R_free 
_refine_ls_shell.number_reflns_R_work 
_refine_ls_shell.percent_reflns_obs 
_refine_ls_shell.percent_reflns_R_free 
_refine_ls_shell.R_factor_all 
_refine_ls_shell.R_factor_obs 
_refine_ls_shell.R_factor_R_free 
_refine_ls_shell.R_factor_R_free_error 
_refine_ls_shell.R_factor_R_work 
_refine_ls_shell.redundancy_reflns_all 
_refine_ls_shell.redundancy_reflns_obs 
_refine_ls_shell.wR_factor_all 
_refine_ls_shell.wR_factor_obs 
_refine_ls_shell.wR_factor_R_free 
_refine_ls_shell.wR_factor_R_work 
_refine_ls_shell.pdbx_R_complete 
_refine_ls_shell.pdbx_total_number_of_bins_used 
_refine_ls_shell.pdbx_phase_error 
_refine_ls_shell.pdbx_fsc_work 
_refine_ls_shell.pdbx_fsc_free 
'X-RAY DIFFRACTION' 3.1074 3.9141 . . 102 1811 72.0000 . . . 0.2628 0.0000 0.2775 . . . . . . . . . . . 
'X-RAY DIFFRACTION' 3.9141 34.312 . . 130 2539 99.0000 . . . 0.2372 0.0000 0.2093 . . . . . . . . . . . 
# 
_struct.entry_id                     7JON 
_struct.title                        
'Self-assembly of a 3D DNA crystal lattice (4x6 duplex version) containing the J23 immobile Holliday junction' 
_struct.pdbx_model_details           ? 
_struct.pdbx_formula_weight          ? 
_struct.pdbx_formula_weight_method   ? 
_struct.pdbx_model_type_details      ? 
_struct.pdbx_CASP_flag               N 
# 
_struct_keywords.entry_id        7JON 
_struct_keywords.text            
'Structural DNA nanotechnology, immobile Holliday junctions, 3D DNA self-assembly, designer DNA crystals, DNA' 
_struct_keywords.pdbx_keywords   DNA 
# 
loop_
_struct_asym.id 
_struct_asym.pdbx_blank_PDB_chainid_flag 
_struct_asym.pdbx_modified 
_struct_asym.entity_id 
_struct_asym.details 
A N N 1 ? 
B N N 2 ? 
C N N 3 ? 
D N N 4 ? 
E N N 5 ? 
F N N 6 ? 
G N N 5 ? 
H N N 5 ? 
I N N 6 ? 
# 
loop_
_struct_conn.id 
_struct_conn.conn_type_id 
_struct_conn.pdbx_leaving_atom_flag 
_struct_conn.pdbx_PDB_id 
_struct_conn.ptnr1_label_asym_id 
_struct_conn.ptnr1_label_comp_id 
_struct_conn.ptnr1_label_seq_id 
_struct_conn.ptnr1_label_atom_id 
_struct_conn.pdbx_ptnr1_label_alt_id 
_struct_conn.pdbx_ptnr1_PDB_ins_code 
_struct_conn.pdbx_ptnr1_standard_comp_id 
_struct_conn.ptnr1_symmetry 
_struct_conn.ptnr2_label_asym_id 
_struct_conn.ptnr2_label_comp_id 
_struct_conn.ptnr2_label_seq_id 
_struct_conn.ptnr2_label_atom_id 
_struct_conn.pdbx_ptnr2_label_alt_id 
_struct_conn.pdbx_ptnr2_PDB_ins_code 
_struct_conn.ptnr1_auth_asym_id 
_struct_conn.ptnr1_auth_comp_id 
_struct_conn.ptnr1_auth_seq_id 
_struct_conn.ptnr2_auth_asym_id 
_struct_conn.ptnr2_auth_comp_id 
_struct_conn.ptnr2_auth_seq_id 
_struct_conn.ptnr2_symmetry 
_struct_conn.pdbx_ptnr3_label_atom_id 
_struct_conn.pdbx_ptnr3_label_seq_id 
_struct_conn.pdbx_ptnr3_label_comp_id 
_struct_conn.pdbx_ptnr3_label_asym_id 
_struct_conn.pdbx_ptnr3_label_alt_id 
_struct_conn.pdbx_ptnr3_PDB_ins_code 
_struct_conn.details 
_struct_conn.pdbx_dist_value 
_struct_conn.pdbx_value_order 
_struct_conn.pdbx_role 
metalc1  metalc ? ? A DG 3  O6 ? ? ? 1_555 E MG . MG ? ? A DG 3  A MG 101 1_555 ? ? ? ? ? ? ?            2.964 ? ? 
metalc2  metalc ? ? C DT 3  O2 ? ? ? 1_555 H MG . MG ? ? C DT 3  C MG 102 1_555 ? ? ? ? ? ? ?            2.601 ? ? 
hydrog1  hydrog ? ? A DG 3  N2 ? ? ? 1_555 D DC 7 N3 ? ? A DG 3  D DC 16  1_555 ? ? ? ? ? ? 'DG-DC PAIR' ?     ? ? 
hydrog2  hydrog ? ? A DC 4  N3 ? ? ? 1_555 D DG 6 N1 ? ? A DC 4  D DG 15  1_555 ? ? ? ? ? ? WATSON-CRICK ?     ? ? 
hydrog3  hydrog ? ? A DC 4  N4 ? ? ? 1_555 D DG 6 O6 ? ? A DC 4  D DG 15  1_555 ? ? ? ? ? ? WATSON-CRICK ?     ? ? 
hydrog4  hydrog ? ? A DC 4  O2 ? ? ? 1_555 D DG 6 N2 ? ? A DC 4  D DG 15  1_555 ? ? ? ? ? ? WATSON-CRICK ?     ? ? 
hydrog5  hydrog ? ? A DA 5  N1 ? ? ? 1_555 D DT 5 N3 ? ? A DA 5  D DT 14  1_555 ? ? ? ? ? ? WATSON-CRICK ?     ? ? 
hydrog6  hydrog ? ? A DA 5  N6 ? ? ? 1_555 D DT 5 O4 ? ? A DA 5  D DT 14  1_555 ? ? ? ? ? ? WATSON-CRICK ?     ? ? 
hydrog7  hydrog ? ? A DG 6  N1 ? ? ? 1_555 D DC 4 N3 ? ? A DG 6  D DC 13  1_555 ? ? ? ? ? ? WATSON-CRICK ?     ? ? 
hydrog8  hydrog ? ? A DG 6  N2 ? ? ? 1_555 D DC 4 O2 ? ? A DG 6  D DC 13  1_555 ? ? ? ? ? ? WATSON-CRICK ?     ? ? 
hydrog9  hydrog ? ? A DG 6  O6 ? ? ? 1_555 D DC 4 N4 ? ? A DG 6  D DC 13  1_555 ? ? ? ? ? ? WATSON-CRICK ?     ? ? 
hydrog10 hydrog ? ? A DA 7  N1 ? ? ? 1_555 D DT 3 N3 ? ? A DA 7  D DT 12  1_555 ? ? ? ? ? ? WATSON-CRICK ?     ? ? 
hydrog11 hydrog ? ? A DA 7  N6 ? ? ? 1_555 D DT 3 O4 ? ? A DA 7  D DT 12  1_555 ? ? ? ? ? ? WATSON-CRICK ?     ? ? 
hydrog12 hydrog ? ? A DC 8  N3 ? ? ? 1_555 D DG 2 N1 ? ? A DC 8  D DG 11  1_555 ? ? ? ? ? ? WATSON-CRICK ?     ? ? 
hydrog13 hydrog ? ? A DC 8  N4 ? ? ? 1_555 D DG 2 O6 ? ? A DC 8  D DG 11  1_555 ? ? ? ? ? ? WATSON-CRICK ?     ? ? 
hydrog14 hydrog ? ? A DC 8  O2 ? ? ? 1_555 D DG 2 N2 ? ? A DC 8  D DG 11  1_555 ? ? ? ? ? ? WATSON-CRICK ?     ? ? 
hydrog15 hydrog ? ? A DC 9  N3 ? ? ? 1_555 D DG 1 N1 ? ? A DC 9  D DG 10  1_555 ? ? ? ? ? ? WATSON-CRICK ?     ? ? 
hydrog16 hydrog ? ? A DC 9  N4 ? ? ? 1_555 D DG 1 O6 ? ? A DC 9  D DG 10  1_555 ? ? ? ? ? ? WATSON-CRICK ?     ? ? 
hydrog17 hydrog ? ? A DC 9  O2 ? ? ? 1_555 D DG 1 N2 ? ? A DC 9  D DG 10  1_555 ? ? ? ? ? ? WATSON-CRICK ?     ? ? 
hydrog18 hydrog ? ? A DT 10 N3 ? ? ? 1_555 B DA 6 N1 ? ? A DT 10 B DA 5   1_555 ? ? ? ? ? ? 'DT-DA PAIR' ?     ? ? 
hydrog19 hydrog ? ? A DG 11 N2 ? ? ? 1_555 B DC 5 N3 ? ? A DG 11 B DC 4   1_555 ? ? ? ? ? ? 'DG-DC PAIR' ?     ? ? 
hydrog20 hydrog ? ? A DA 12 N1 ? ? ? 1_555 B DT 4 N3 ? ? A DA 12 B DT 3   1_555 ? ? ? ? ? ? WATSON-CRICK ?     ? ? 
hydrog21 hydrog ? ? A DA 12 N6 ? ? ? 1_555 B DT 4 O4 ? ? A DA 12 B DT 3   1_555 ? ? ? ? ? ? WATSON-CRICK ?     ? ? 
hydrog22 hydrog ? ? A DC 13 N3 ? ? ? 1_555 B DG 3 N1 ? ? A DC 13 B DG 2   1_555 ? ? ? ? ? ? WATSON-CRICK ?     ? ? 
hydrog23 hydrog ? ? A DC 13 N4 ? ? ? 1_555 B DG 3 O6 ? ? A DC 13 B DG 2   1_555 ? ? ? ? ? ? WATSON-CRICK ?     ? ? 
hydrog24 hydrog ? ? A DC 13 O2 ? ? ? 1_555 B DG 3 N2 ? ? A DC 13 B DG 2   1_555 ? ? ? ? ? ? WATSON-CRICK ?     ? ? 
hydrog25 hydrog ? ? A DG 14 N1 ? ? ? 1_555 B DC 2 N3 ? ? A DG 14 B DC 1   1_555 ? ? ? ? ? ? WATSON-CRICK ?     ? ? 
hydrog26 hydrog ? ? A DG 14 N2 ? ? ? 1_555 B DC 2 O2 ? ? A DG 14 B DC 1   1_555 ? ? ? ? ? ? WATSON-CRICK ?     ? ? 
hydrog27 hydrog ? ? A DG 14 O6 ? ? ? 1_555 B DC 2 N4 ? ? A DG 14 B DC 1   1_555 ? ? ? ? ? ? WATSON-CRICK ?     ? ? 
hydrog28 hydrog ? ? A DA 15 N1 ? ? ? 1_555 B DT 1 N3 ? ? A DA 15 B DT 0   1_555 ? ? ? ? ? ? WATSON-CRICK ?     ? ? 
hydrog29 hydrog ? ? A DA 15 N6 ? ? ? 1_555 B DT 1 O4 ? ? A DA 15 B DT 0   1_555 ? ? ? ? ? ? WATSON-CRICK ?     ? ? 
hydrog30 hydrog ? ? A DC 16 N3 ? ? ? 1_555 C DG 8 N1 ? ? A DC 16 C DG 8   1_555 ? ? ? ? ? ? WATSON-CRICK ?     ? ? 
hydrog31 hydrog ? ? A DC 16 N4 ? ? ? 1_555 C DG 8 O6 ? ? A DC 16 C DG 8   1_555 ? ? ? ? ? ? WATSON-CRICK ?     ? ? 
hydrog32 hydrog ? ? A DC 16 O2 ? ? ? 1_555 C DG 8 N2 ? ? A DC 16 C DG 8   1_555 ? ? ? ? ? ? WATSON-CRICK ?     ? ? 
hydrog33 hydrog ? ? A DA 17 N1 ? ? ? 1_555 C DT 7 N3 ? ? A DA 17 C DT 7   1_555 ? ? ? ? ? ? WATSON-CRICK ?     ? ? 
hydrog34 hydrog ? ? A DA 17 N6 ? ? ? 1_555 C DT 7 O4 ? ? A DA 17 C DT 7   1_555 ? ? ? ? ? ? WATSON-CRICK ?     ? ? 
hydrog35 hydrog ? ? A DC 18 N3 ? ? ? 1_555 C DG 6 N1 ? ? A DC 18 C DG 6   1_555 ? ? ? ? ? ? WATSON-CRICK ?     ? ? 
hydrog36 hydrog ? ? A DC 18 N4 ? ? ? 1_555 C DG 6 O6 ? ? A DC 18 C DG 6   1_555 ? ? ? ? ? ? WATSON-CRICK ?     ? ? 
hydrog37 hydrog ? ? A DC 18 O2 ? ? ? 1_555 C DG 6 N2 ? ? A DC 18 C DG 6   1_555 ? ? ? ? ? ? WATSON-CRICK ?     ? ? 
hydrog38 hydrog ? ? A DT 19 N3 ? ? ? 1_555 C DA 5 N1 ? ? A DT 19 C DA 5   1_555 ? ? ? ? ? ? WATSON-CRICK ?     ? ? 
hydrog39 hydrog ? ? A DT 19 O4 ? ? ? 1_555 C DA 5 N6 ? ? A DT 19 C DA 5   1_555 ? ? ? ? ? ? WATSON-CRICK ?     ? ? 
hydrog40 hydrog ? ? A DC 20 N3 ? ? ? 1_555 C DG 4 N1 ? ? A DC 20 C DG 4   1_555 ? ? ? ? ? ? WATSON-CRICK ?     ? ? 
hydrog41 hydrog ? ? A DC 20 N4 ? ? ? 1_555 C DG 4 O6 ? ? A DC 20 C DG 4   1_555 ? ? ? ? ? ? WATSON-CRICK ?     ? ? 
hydrog42 hydrog ? ? A DC 20 O2 ? ? ? 1_555 C DG 4 N2 ? ? A DC 20 C DG 4   1_555 ? ? ? ? ? ? WATSON-CRICK ?     ? ? 
hydrog43 hydrog ? ? A DA 21 N1 ? ? ? 1_555 C DT 3 N3 ? ? A DA 21 C DT 3   1_555 ? ? ? ? ? ? WATSON-CRICK ?     ? ? 
hydrog44 hydrog ? ? A DA 21 N6 ? ? ? 1_555 C DT 3 O4 ? ? A DA 21 C DT 3   1_555 ? ? ? ? ? ? WATSON-CRICK ?     ? ? 
# 
loop_
_struct_conn_type.id 
_struct_conn_type.criteria 
_struct_conn_type.reference 
metalc ? ? 
hydrog ? ? 
# 
_atom_sites.entry_id                    7JON 
_atom_sites.Cartn_transf_matrix[1][1]   ? 
_atom_sites.Cartn_transf_matrix[1][2]   ? 
_atom_sites.Cartn_transf_matrix[1][3]   ? 
_atom_sites.Cartn_transf_matrix[2][1]   ? 
_atom_sites.Cartn_transf_matrix[2][2]   ? 
_atom_sites.Cartn_transf_matrix[2][3]   ? 
_atom_sites.Cartn_transf_matrix[3][1]   ? 
_atom_sites.Cartn_transf_matrix[3][2]   ? 
_atom_sites.Cartn_transf_matrix[3][3]   ? 
_atom_sites.Cartn_transf_vector[1]      ? 
_atom_sites.Cartn_transf_vector[2]      ? 
_atom_sites.Cartn_transf_vector[3]      ? 
_atom_sites.fract_transf_matrix[1][1]   0.01682602 
_atom_sites.fract_transf_matrix[1][2]   0.00002737 
_atom_sites.fract_transf_matrix[1][3]   -0.00007690 
_atom_sites.fract_transf_matrix[2][1]   0.00840568 
_atom_sites.fract_transf_matrix[2][2]   -0.01315266 
_atom_sites.fract_transf_matrix[2][3]   -0.00628223 
_atom_sites.fract_transf_matrix[3][1]   -0.00008625 
_atom_sites.fract_transf_matrix[3][2]   0.00765695 
_atom_sites.fract_transf_matrix[3][3]   -0.01614622 
_atom_sites.fract_transf_vector[1]      1.097450 
_atom_sites.fract_transf_vector[2]      1.142672 
_atom_sites.fract_transf_vector[3]      0.063706 
_atom_sites.solution_primary            ? 
_atom_sites.solution_secondary          ? 
_atom_sites.solution_hydrogens          ? 
_atom_sites.special_details             ? 
# 
loop_
_atom_type.symbol 
AS 
C  
H  
MG 
N  
O  
P  
# 
loop_
_atom_site.group_PDB 
_atom_site.id 
_atom_site.type_symbol 
_atom_site.label_atom_id 
_atom_site.label_alt_id 
_atom_site.label_comp_id 
_atom_site.label_asym_id 
_atom_site.label_entity_id 
_atom_site.label_seq_id 
_atom_site.pdbx_PDB_ins_code 
_atom_site.Cartn_x 
_atom_site.Cartn_y 
_atom_site.Cartn_z 
_atom_site.occupancy 
_atom_site.B_iso_or_equiv 
_atom_site.pdbx_formal_charge 
_atom_site.auth_seq_id 
_atom_site.auth_comp_id 
_atom_site.auth_asym_id 
_atom_site.auth_atom_id 
_atom_site.pdbx_PDB_model_num 
ATOM   1    O  "O5'"  . DG  A 1 1  ? 27.379  17.962  15.176  1.00 60.78  ? 1   DG  A "O5'"  1 
ATOM   2    C  "C5'"  . DG  A 1 1  ? 27.347  19.385  15.111  1.00 64.86  ? 1   DG  A "C5'"  1 
ATOM   3    C  "C4'"  . DG  A 1 1  ? 27.562  19.864  13.685  1.00 66.43  ? 1   DG  A "C4'"  1 
ATOM   4    O  "O4'"  . DG  A 1 1  ? 28.858  19.422  13.227  1.00 60.91  ? 1   DG  A "O4'"  1 
ATOM   5    C  "C3'"  . DG  A 1 1  ? 26.549  19.338  12.681  1.00 87.54  ? 1   DG  A "C3'"  1 
ATOM   6    O  "O3'"  . DG  A 1 1  ? 25.518  20.303  12.508  1.00 98.22  ? 1   DG  A "O3'"  1 
ATOM   7    C  "C2'"  . DG  A 1 1  ? 27.359  19.155  11.398  1.00 77.76  ? 1   DG  A "C2'"  1 
ATOM   8    C  "C1'"  . DG  A 1 1  ? 28.789  18.961  11.894  1.00 53.82  ? 1   DG  A "C1'"  1 
ATOM   9    N  N9     . DG  A 1 1  ? 29.265  17.580  11.867  1.00 55.22  ? 1   DG  A N9     1 
ATOM   10   C  C8     . DG  A 1 1  ? 29.220  16.671  12.896  1.00 57.14  ? 1   DG  A C8     1 
ATOM   11   N  N7     . DG  A 1 1  ? 29.746  15.517  12.595  1.00 56.76  ? 1   DG  A N7     1 
ATOM   12   C  C5     . DG  A 1 1  ? 30.179  15.673  11.286  1.00 57.81  ? 1   DG  A C5     1 
ATOM   13   C  C6     . DG  A 1 1  ? 30.829  14.758  10.427  1.00 64.31  ? 1   DG  A C6     1 
ATOM   14   O  O6     . DG  A 1 1  ? 31.161  13.589  10.665  1.00 66.67  ? 1   DG  A O6     1 
ATOM   15   N  N1     . DG  A 1 1  ? 31.092  15.318  9.181   1.00 61.79  ? 1   DG  A N1     1 
ATOM   16   C  C2     . DG  A 1 1  ? 30.767  16.601  8.812   1.00 65.30  ? 1   DG  A C2     1 
ATOM   17   N  N2     . DG  A 1 1  ? 31.100  16.961  7.565   1.00 69.97  ? 1   DG  A N2     1 
ATOM   18   N  N3     . DG  A 1 1  ? 30.158  17.472  9.606   1.00 53.45  ? 1   DG  A N3     1 
ATOM   19   C  C4     . DG  A 1 1  ? 29.895  16.940  10.824  1.00 55.49  ? 1   DG  A C4     1 
ATOM   20   P  P      . DA  A 1 2  ? 24.481  20.179  11.288  1.00 100.16 ? 2   DA  A P      1 
ATOM   21   O  OP1    . DA  A 1 2  ? 23.482  21.262  11.441  1.00 86.48  ? 2   DA  A OP1    1 
ATOM   22   O  OP2    . DA  A 1 2  ? 24.044  18.767  11.230  1.00 87.38  ? 2   DA  A OP2    1 
ATOM   23   O  "O5'"  . DA  A 1 2  ? 25.369  20.477  9.988   1.00 75.95  ? 2   DA  A "O5'"  1 
ATOM   24   C  "C5'"  . DA  A 1 2  ? 24.776  21.088  8.850   1.00 81.39  ? 2   DA  A "C5'"  1 
ATOM   25   C  "C4'"  . DA  A 1 2  ? 25.631  20.885  7.612   1.00 72.35  ? 2   DA  A "C4'"  1 
ATOM   26   O  "O4'"  . DA  A 1 2  ? 26.673  19.915  7.902   1.00 66.71  ? 2   DA  A "O4'"  1 
ATOM   27   C  "C3'"  . DA  A 1 2  ? 24.880  20.350  6.398   1.00 90.82  ? 2   DA  A "C3'"  1 
ATOM   28   O  "O3'"  . DA  A 1 2  ? 25.362  20.939  5.194   1.00 98.39  ? 2   DA  A "O3'"  1 
ATOM   29   C  "C2'"  . DA  A 1 2  ? 25.139  18.853  6.452   1.00 86.74  ? 2   DA  A "C2'"  1 
ATOM   30   C  "C1'"  . DA  A 1 2  ? 26.511  18.757  7.104   1.00 69.82  ? 2   DA  A "C1'"  1 
ATOM   31   N  N9     . DA  A 1 2  ? 26.668  17.583  7.957   1.00 73.38  ? 2   DA  A N9     1 
ATOM   32   C  C8     . DA  A 1 2  ? 26.136  17.400  9.202   1.00 73.42  ? 2   DA  A C8     1 
ATOM   33   N  N7     . DA  A 1 2  ? 26.439  16.242  9.743   1.00 75.72  ? 2   DA  A N7     1 
ATOM   34   C  C5     . DA  A 1 2  ? 27.222  15.622  8.784   1.00 65.43  ? 2   DA  A C5     1 
ATOM   35   C  C6     . DA  A 1 2  ? 27.858  14.365  8.747   1.00 68.20  ? 2   DA  A C6     1 
ATOM   36   N  N6     . DA  A 1 2  ? 27.797  13.481  9.748   1.00 64.85  ? 2   DA  A N6     1 
ATOM   37   N  N1     . DA  A 1 2  ? 28.561  14.053  7.637   1.00 70.17  ? 2   DA  A N1     1 
ATOM   38   C  C2     . DA  A 1 2  ? 28.619  14.941  6.638   1.00 73.90  ? 2   DA  A C2     1 
ATOM   39   N  N3     . DA  A 1 2  ? 28.063  16.152  6.558   1.00 75.96  ? 2   DA  A N3     1 
ATOM   40   C  C4     . DA  A 1 2  ? 27.372  16.433  7.675   1.00 69.96  ? 2   DA  A C4     1 
ATOM   41   H  "H5'"  . DA  A 1 2  ? 24.675  22.038  9.014   1.00 97.84  ? 2   DA  A "H5'"  1 
ATOM   42   H  "H5''" . DA  A 1 2  ? 23.901  20.696  8.699   1.00 97.84  ? 2   DA  A "H5''" 1 
ATOM   43   H  "H4'"  . DA  A 1 2  ? 26.046  21.730  7.377   1.00 86.98  ? 2   DA  A "H4'"  1 
ATOM   44   H  "H3'"  . DA  A 1 2  ? 23.931  20.524  6.494   1.00 109.15 ? 2   DA  A "H3'"  1 
ATOM   45   H  "H2'"  . DA  A 1 2  ? 24.470  18.410  6.997   1.00 104.26 ? 2   DA  A "H2'"  1 
ATOM   46   H  "H2''" . DA  A 1 2  ? 25.158  18.477  5.558   1.00 104.26 ? 2   DA  A "H2''" 1 
ATOM   47   H  "H1'"  . DA  A 1 2  ? 27.194  18.745  6.414   1.00 83.96  ? 2   DA  A "H1'"  1 
ATOM   48   H  H8     . DA  A 1 2  ? 25.614  18.038  9.630   1.00 88.27  ? 2   DA  A H8     1 
ATOM   49   H  H61    . DA  A 1 2  ? 28.204  12.726  9.679   1.00 77.99  ? 2   DA  A H61    1 
ATOM   50   H  H62    . DA  A 1 2  ? 27.351  13.666  10.459  1.00 77.99  ? 2   DA  A H62    1 
ATOM   51   H  H2     . DA  A 1 2  ? 29.114  14.678  5.897   1.00 88.84  ? 2   DA  A H2     1 
ATOM   52   P  P      . DG  A 1 3  ? 24.679  20.562  3.788   1.00 97.18  ? 3   DG  A P      1 
ATOM   53   O  OP1    . DG  A 1 3  ? 24.764  21.742  2.900   1.00 85.03  ? 3   DG  A OP1    1 
ATOM   54   O  OP2    . DG  A 1 3  ? 23.362  19.959  4.088   1.00 97.81  ? 3   DG  A OP2    1 
ATOM   55   O  "O5'"  . DG  A 1 3  ? 25.615  19.402  3.205   1.00 80.07  ? 3   DG  A "O5'"  1 
ATOM   56   C  "C5'"  . DG  A 1 3  ? 25.290  18.791  1.965   1.00 90.73  ? 3   DG  A "C5'"  1 
ATOM   57   C  "C4'"  . DG  A 1 3  ? 25.835  17.374  1.900   1.00 100.91 ? 3   DG  A "C4'"  1 
ATOM   58   O  "O4'"  . DG  A 1 3  ? 26.018  16.869  3.236   1.00 93.29  ? 3   DG  A "O4'"  1 
ATOM   59   C  "C3'"  . DG  A 1 3  ? 24.924  16.368  1.196   1.00 107.70 ? 3   DG  A "C3'"  1 
ATOM   60   O  "O3'"  . DG  A 1 3  ? 25.405  16.105  -0.116  1.00 113.53 ? 3   DG  A "O3'"  1 
ATOM   61   C  "C2'"  . DG  A 1 3  ? 24.947  15.114  2.089   1.00 96.94  ? 3   DG  A "C2'"  1 
ATOM   62   C  "C1'"  . DG  A 1 3  ? 25.906  15.467  3.223   1.00 91.31  ? 3   DG  A "C1'"  1 
ATOM   63   N  N9     . DG  A 1 3  ? 25.460  15.042  4.548   1.00 81.49  ? 3   DG  A N9     1 
ATOM   64   C  C8     . DG  A 1 3  ? 24.734  15.787  5.444   1.00 79.49  ? 3   DG  A C8     1 
ATOM   65   N  N7     . DG  A 1 3  ? 24.490  15.165  6.563   1.00 72.96  ? 3   DG  A N7     1 
ATOM   66   C  C5     . DG  A 1 3  ? 25.099  13.928  6.404   1.00 71.30  ? 3   DG  A C5     1 
ATOM   67   C  C6     . DG  A 1 3  ? 25.167  12.829  7.292   1.00 70.25  ? 3   DG  A C6     1 
ATOM   68   O  O6     . DG  A 1 3  ? 24.687  12.731  8.431   1.00 68.45  ? 3   DG  A O6     1 
ATOM   69   N  N1     . DG  A 1 3  ? 25.880  11.766  6.741   1.00 63.82  ? 3   DG  A N1     1 
ATOM   70   C  C2     . DG  A 1 3  ? 26.455  11.769  5.489   1.00 69.63  ? 3   DG  A C2     1 
ATOM   71   N  N2     . DG  A 1 3  ? 27.103  10.650  5.128   1.00 63.84  ? 3   DG  A N2     1 
ATOM   72   N  N3     . DG  A 1 3  ? 26.398  12.795  4.647   1.00 67.93  ? 3   DG  A N3     1 
ATOM   73   C  C4     . DG  A 1 3  ? 25.706  13.837  5.169   1.00 73.06  ? 3   DG  A C4     1 
ATOM   74   H  "H5'"  . DG  A 1 3  ? 25.672  19.313  1.243   1.00 109.04 ? 3   DG  A "H5'"  1 
ATOM   75   H  "H5''" . DG  A 1 3  ? 24.325  18.766  1.864   1.00 109.04 ? 3   DG  A "H5''" 1 
ATOM   76   H  "H4'"  . DG  A 1 3  ? 26.694  17.389  1.449   1.00 121.27 ? 3   DG  A "H4'"  1 
ATOM   77   H  "H3'"  . DG  A 1 3  ? 24.022  16.721  1.149   1.00 129.40 ? 3   DG  A "H3'"  1 
ATOM   78   H  "H2'"  . DG  A 1 3  ? 24.061  14.933  2.441   1.00 116.49 ? 3   DG  A "H2'"  1 
ATOM   79   H  "H2''" . DG  A 1 3  ? 25.277  14.350  1.592   1.00 116.49 ? 3   DG  A "H2''" 1 
ATOM   80   H  "H1'"  . DG  A 1 3  ? 26.776  15.079  3.039   1.00 109.74 ? 3   DG  A "H1'"  1 
ATOM   81   H  H8     . DG  A 1 3  ? 24.441  16.652  5.268   1.00 95.56  ? 3   DG  A H8     1 
ATOM   82   H  H1     . DG  A 1 3  ? 25.969  11.056  7.218   1.00 76.76  ? 3   DG  A H1     1 
ATOM   83   H  H21    . DG  A 1 3  ? 27.483  10.603  4.358   1.00 76.77  ? 3   DG  A H21    1 
ATOM   84   H  H22    . DG  A 1 3  ? 27.139  9.982   5.668   1.00 76.77  ? 3   DG  A H22    1 
ATOM   85   P  P      . DC  A 1 4  ? 24.432  15.469  -1.223  1.00 120.69 ? 4   DC  A P      1 
ATOM   86   O  OP1    . DC  A 1 4  ? 25.023  15.750  -2.550  1.00 114.87 ? 4   DC  A OP1    1 
ATOM   87   O  OP2    . DC  A 1 4  ? 23.052  15.909  -0.918  1.00 111.21 ? 4   DC  A OP2    1 
ATOM   88   O  "O5'"  . DC  A 1 4  ? 24.521  13.898  -0.945  1.00 111.70 ? 4   DC  A "O5'"  1 
ATOM   89   C  "C5'"  . DC  A 1 4  ? 25.780  13.236  -1.007  1.00 100.81 ? 4   DC  A "C5'"  1 
ATOM   90   C  "C4'"  . DC  A 1 4  ? 25.650  11.782  -0.584  1.00 106.63 ? 4   DC  A "C4'"  1 
ATOM   91   O  "O4'"  . DC  A 1 4  ? 25.553  11.709  0.851   1.00 108.39 ? 4   DC  A "O4'"  1 
ATOM   92   C  "C3'"  . DC  A 1 4  ? 24.416  11.071  -1.128  1.00 111.16 ? 4   DC  A "C3'"  1 
ATOM   93   O  "O3'"  . DC  A 1 4  ? 24.785  10.195  -2.179  1.00 105.53 ? 4   DC  A "O3'"  1 
ATOM   94   C  "C2'"  . DC  A 1 4  ? 23.818  10.320  0.073   1.00 103.42 ? 4   DC  A "C2'"  1 
ATOM   95   C  "C1'"  . DC  A 1 4  ? 24.784  10.589  1.220   1.00 90.58  ? 4   DC  A "C1'"  1 
ATOM   96   N  N1     . DC  A 1 4  ? 24.132  10.908  2.530   1.00 85.33  ? 4   DC  A N1     1 
ATOM   97   C  C2     . DC  A 1 4  ? 24.194  9.992   3.592   1.00 82.92  ? 4   DC  A C2     1 
ATOM   98   O  O2     . DC  A 1 4  ? 24.756  8.901   3.424   1.00 81.51  ? 4   DC  A O2     1 
ATOM   99   N  N3     . DC  A 1 4  ? 23.618  10.325  4.778   1.00 74.50  ? 4   DC  A N3     1 
ATOM   100  C  C4     . DC  A 1 4  ? 23.023  11.511  4.924   1.00 78.85  ? 4   DC  A C4     1 
ATOM   101  N  N4     . DC  A 1 4  ? 22.468  11.796  6.109   1.00 82.81  ? 4   DC  A N4     1 
ATOM   102  C  C5     . DC  A 1 4  ? 22.962  12.458  3.859   1.00 81.13  ? 4   DC  A C5     1 
ATOM   103  C  C6     . DC  A 1 4  ? 23.529  12.121  2.696   1.00 80.61  ? 4   DC  A C6     1 
ATOM   104  H  "H5'"  . DC  A 1 4  ? 26.407  13.685  -0.418  1.00 121.14 ? 4   DC  A "H5'"  1 
ATOM   105  H  "H5''" . DC  A 1 4  ? 26.116  13.274  -1.916  1.00 121.14 ? 4   DC  A "H5''" 1 
ATOM   106  H  "H4'"  . DC  A 1 4  ? 26.443  11.301  -0.870  1.00 128.13 ? 4   DC  A "H4'"  1 
ATOM   107  H  "H3'"  . DC  A 1 4  ? 23.779  11.725  -1.455  1.00 133.55 ? 4   DC  A "H3'"  1 
ATOM   108  H  "H2'"  . DC  A 1 4  ? 22.937  10.670  0.285   1.00 124.28 ? 4   DC  A "H2'"  1 
ATOM   109  H  "H2''" . DC  A 1 4  ? 23.770  9.370   -0.113  1.00 124.28 ? 4   DC  A "H2''" 1 
ATOM   110  H  "H1'"  . DC  A 1 4  ? 25.368  9.823   1.332   1.00 108.86 ? 4   DC  A "H1'"  1 
ATOM   111  H  H41    . DC  A 1 4  ? 22.070  12.549  6.227   1.00 99.55  ? 4   DC  A H41    1 
ATOM   112  H  H42    . DC  A 1 4  ? 22.510  11.226  6.752   1.00 99.55  ? 4   DC  A H42    1 
ATOM   113  H  H5     . DC  A 1 4  ? 22.544  13.281  3.971   1.00 97.53  ? 4   DC  A H5     1 
ATOM   114  H  H6     . DC  A 1 4  ? 23.505  12.721  1.986   1.00 96.90  ? 4   DC  A H6     1 
ATOM   115  P  P      . DA  A 1 5  ? 23.670  9.618   -3.179  1.00 119.67 ? 5   DA  A P      1 
ATOM   116  O  OP1    . DA  A 1 5  ? 24.277  9.551   -4.526  1.00 115.79 ? 5   DA  A OP1    1 
ATOM   117  O  OP2    . DA  A 1 5  ? 22.428  10.398  -2.968  1.00 110.43 ? 5   DA  A OP2    1 
ATOM   118  O  "O5'"  . DA  A 1 5  ? 23.420  8.132   -2.643  1.00 110.16 ? 5   DA  A "O5'"  1 
ATOM   119  C  "C5'"  . DA  A 1 5  ? 24.519  7.243   -2.497  1.00 93.79  ? 5   DA  A "C5'"  1 
ATOM   120  C  "C4'"  . DA  A 1 5  ? 24.230  6.181   -1.450  1.00 98.79  ? 5   DA  A "C4'"  1 
ATOM   121  O  "O4'"  . DA  A 1 5  ? 23.895  6.814   -0.196  1.00 88.31  ? 5   DA  A "O4'"  1 
ATOM   122  C  "C3'"  . DA  A 1 5  ? 23.059  5.256   -1.786  1.00 105.43 ? 5   DA  A "C3'"  1 
ATOM   123  O  "O3'"  . DA  A 1 5  ? 23.531  3.932   -1.991  1.00 109.12 ? 5   DA  A "O3'"  1 
ATOM   124  C  "C2'"  . DA  A 1 5  ? 22.106  5.363   -0.582  1.00 95.45  ? 5   DA  A "C2'"  1 
ATOM   125  C  "C1'"  . DA  A 1 5  ? 22.952  6.027   0.490   1.00 78.65  ? 5   DA  A "C1'"  1 
ATOM   126  N  N9     . DA  A 1 5  ? 22.221  6.904   1.401   1.00 70.60  ? 5   DA  A N9     1 
ATOM   127  C  C8     . DA  A 1 5  ? 21.779  8.168   1.132   1.00 74.96  ? 5   DA  A C8     1 
ATOM   128  N  N7     . DA  A 1 5  ? 21.186  8.751   2.142   1.00 72.30  ? 5   DA  A N7     1 
ATOM   129  C  C5     . DA  A 1 5  ? 21.250  7.810   3.154   1.00 75.56  ? 5   DA  A C5     1 
ATOM   130  C  C6     . DA  A 1 5  ? 20.792  7.826   4.485   1.00 76.83  ? 5   DA  A C6     1 
ATOM   131  N  N6     . DA  A 1 5  ? 20.154  8.867   5.023   1.00 76.64  ? 5   DA  A N6     1 
ATOM   132  N  N1     . DA  A 1 5  ? 21.008  6.726   5.239   1.00 72.96  ? 5   DA  A N1     1 
ATOM   133  C  C2     . DA  A 1 5  ? 21.646  5.683   4.688   1.00 76.00  ? 5   DA  A C2     1 
ATOM   134  N  N3     . DA  A 1 5  ? 22.126  5.553   3.445   1.00 78.91  ? 5   DA  A N3     1 
ATOM   135  C  C4     . DA  A 1 5  ? 21.891  6.665   2.723   1.00 77.04  ? 5   DA  A C4     1 
ATOM   136  H  "H5'"  . DA  A 1 5  ? 25.303  7.748   -2.228  1.00 112.72 ? 5   DA  A "H5'"  1 
ATOM   137  H  "H5''" . DA  A 1 5  ? 24.695  6.812   -3.347  1.00 112.72 ? 5   DA  A "H5''" 1 
ATOM   138  H  "H4'"  . DA  A 1 5  ? 25.027  5.642   -1.325  1.00 118.72 ? 5   DA  A "H4'"  1 
ATOM   139  H  "H3'"  . DA  A 1 5  ? 22.611  5.572   -2.586  1.00 126.68 ? 5   DA  A "H3'"  1 
ATOM   140  H  "H2'"  . DA  A 1 5  ? 21.341  5.915   -0.802  1.00 114.71 ? 5   DA  A "H2'"  1 
ATOM   141  H  "H2''" . DA  A 1 5  ? 21.822  4.481   -0.293  1.00 114.71 ? 5   DA  A "H2''" 1 
ATOM   142  H  "H1'"  . DA  A 1 5  ? 23.415  5.345   1.002   1.00 94.55  ? 5   DA  A "H1'"  1 
ATOM   143  H  H8     . DA  A 1 5  ? 21.887  8.576   0.303   1.00 90.12  ? 5   DA  A H8     1 
ATOM   144  H  H61    . DA  A 1 5  ? 19.888  8.833   5.840   1.00 92.14  ? 5   DA  A H61    1 
ATOM   145  H  H62    . DA  A 1 5  ? 20.010  9.572   4.553   1.00 92.14  ? 5   DA  A H62    1 
ATOM   146  H  H2     . DA  A 1 5  ? 21.774  4.951   5.246   1.00 91.37  ? 5   DA  A H2     1 
ATOM   147  P  P      . DG  A 1 6  ? 22.602  2.842   -2.712  1.00 109.80 ? 6   DG  A P      1 
ATOM   148  O  OP1    . DG  A 1 6  ? 23.408  1.612   -2.868  1.00 97.31  ? 6   DG  A OP1    1 
ATOM   149  O  OP2    . DG  A 1 6  ? 22.001  3.482   -3.904  1.00 103.89 ? 6   DG  A OP2    1 
ATOM   150  O  "O5'"  . DG  A 1 6  ? 21.436  2.590   -1.648  1.00 108.99 ? 6   DG  A "O5'"  1 
ATOM   151  C  "C5'"  . DG  A 1 6  ? 20.965  1.277   -1.402  1.00 110.58 ? 6   DG  A "C5'"  1 
ATOM   152  C  "C4'"  . DG  A 1 6  ? 21.070  0.930   0.074   1.00 109.15 ? 6   DG  A "C4'"  1 
ATOM   153  O  "O4'"  . DG  A 1 6  ? 21.128  2.154   0.851   1.00 91.98  ? 6   DG  A "O4'"  1 
ATOM   154  C  "C3'"  . DG  A 1 6  ? 19.896  0.115   0.615   1.00 119.78 ? 6   DG  A "C3'"  1 
ATOM   155  O  "O3'"  . DG  A 1 6  ? 20.346  -1.114  1.170   1.00 119.61 ? 6   DG  A "O3'"  1 
ATOM   156  C  "C2'"  . DG  A 1 6  ? 19.233  1.011   1.662   1.00 112.34 ? 6   DG  A "C2'"  1 
ATOM   157  C  "C1'"  . DG  A 1 6  ? 20.271  2.075   1.969   1.00 94.13  ? 6   DG  A "C1'"  1 
ATOM   158  N  N9     . DG  A 1 6  ? 19.696  3.400   2.193   1.00 90.27  ? 6   DG  A N9     1 
ATOM   159  C  C8     . DG  A 1 6  ? 19.590  4.414   1.272   1.00 87.59  ? 6   DG  A C8     1 
ATOM   160  N  N7     . DG  A 1 6  ? 19.033  5.491   1.746   1.00 77.31  ? 6   DG  A N7     1 
ATOM   161  C  C5     . DG  A 1 6  ? 18.747  5.175   3.067   1.00 78.61  ? 6   DG  A C5     1 
ATOM   162  C  C6     . DG  A 1 6  ? 18.139  5.958   4.073   1.00 79.79  ? 6   DG  A C6     1 
ATOM   163  O  O6     . DG  A 1 6  ? 17.724  7.121   3.988   1.00 81.67  ? 6   DG  A O6     1 
ATOM   164  N  N1     . DG  A 1 6  ? 18.035  5.263   5.275   1.00 73.81  ? 6   DG  A N1     1 
ATOM   165  C  C2     . DG  A 1 6  ? 18.464  3.971   5.478   1.00 77.71  ? 6   DG  A C2     1 
ATOM   166  N  N2     . DG  A 1 6  ? 18.278  3.463   6.707   1.00 75.57  ? 6   DG  A N2     1 
ATOM   167  N  N3     . DG  A 1 6  ? 19.037  3.224   4.538   1.00 81.17  ? 6   DG  A N3     1 
ATOM   168  C  C4     . DG  A 1 6  ? 19.146  3.890   3.362   1.00 84.69  ? 6   DG  A C4     1 
ATOM   169  H  "H5'"  . DG  A 1 6  ? 21.494  0.647   -1.917  1.00 132.86 ? 6   DG  A "H5'"  1 
ATOM   170  H  "H5''" . DG  A 1 6  ? 20.037  1.214   -1.679  1.00 132.86 ? 6   DG  A "H5''" 1 
ATOM   171  H  "H4'"  . DG  A 1 6  ? 21.888  0.431   0.218   1.00 131.15 ? 6   DG  A "H4'"  1 
ATOM   172  H  "H3'"  . DG  A 1 6  ? 19.268  -0.065  -0.101  1.00 143.91 ? 6   DG  A "H3'"  1 
ATOM   173  H  "H2'"  . DG  A 1 6  ? 18.430  1.416   1.299   1.00 134.98 ? 6   DG  A "H2'"  1 
ATOM   174  H  "H2''" . DG  A 1 6  ? 19.025  0.501   2.460   1.00 134.98 ? 6   DG  A "H2''" 1 
ATOM   175  H  "H1'"  . DG  A 1 6  ? 20.783  1.811   2.749   1.00 113.12 ? 6   DG  A "H1'"  1 
ATOM   176  H  H8     . DG  A 1 6  ? 19.889  4.339   0.395   1.00 105.28 ? 6   DG  A H8     1 
ATOM   177  H  H1     . DG  A 1 6  ? 17.675  5.672   5.941   1.00 88.75  ? 6   DG  A H1     1 
ATOM   178  H  H21    . DG  A 1 6  ? 18.543  2.665   6.887   1.00 90.85  ? 6   DG  A H21    1 
ATOM   179  H  H22    . DG  A 1 6  ? 17.895  3.936   7.314   1.00 90.85  ? 6   DG  A H22    1 
ATOM   180  P  P      . DA  A 1 7  ? 19.345  -2.367  1.244   1.00 124.28 ? 7   DA  A P      1 
ATOM   181  O  OP1    . DA  A 1 7  ? 20.151  -3.575  1.534   1.00 111.05 ? 7   DA  A OP1    1 
ATOM   182  O  OP2    . DA  A 1 7  ? 18.498  -2.328  0.031   1.00 102.18 ? 7   DA  A OP2    1 
ATOM   183  O  "O5'"  . DA  A 1 7  ? 18.414  -2.037  2.504   1.00 103.95 ? 7   DA  A "O5'"  1 
ATOM   184  C  "C5'"  . DA  A 1 7  ? 18.966  -2.040  3.816   1.00 104.86 ? 7   DA  A "C5'"  1 
ATOM   185  C  "C4'"  . DA  A 1 7  ? 17.906  -1.728  4.861   1.00 107.83 ? 7   DA  A "C4'"  1 
ATOM   186  O  "O4'"  . DA  A 1 7  ? 17.691  -0.290  4.919   1.00 99.93  ? 7   DA  A "O4'"  1 
ATOM   187  C  "C3'"  . DA  A 1 7  ? 16.535  -2.363  4.599   1.00 112.54 ? 7   DA  A "C3'"  1 
ATOM   188  O  "O3'"  . DA  A 1 7  ? 16.077  -3.077  5.747   1.00 119.29 ? 7   DA  A "O3'"  1 
ATOM   189  C  "C2'"  . DA  A 1 7  ? 15.632  -1.179  4.259   1.00 110.83 ? 7   DA  A "C2'"  1 
ATOM   190  C  "C1'"  . DA  A 1 7  ? 16.309  -0.013  4.957   1.00 95.88  ? 7   DA  A "C1'"  1 
ATOM   191  N  N9     . DA  A 1 7  ? 16.068  1.270   4.302   1.00 89.03  ? 7   DA  A N9     1 
ATOM   192  C  C8     . DA  A 1 7  ? 16.365  1.587   3.008   1.00 85.29  ? 7   DA  A C8     1 
ATOM   193  N  N7     . DA  A 1 7  ? 16.035  2.808   2.670   1.00 82.59  ? 7   DA  A N7     1 
ATOM   194  C  C5     . DA  A 1 7  ? 15.479  3.334   3.821   1.00 85.60  ? 7   DA  A C5     1 
ATOM   195  C  C6     . DA  A 1 7  ? 14.934  4.597   4.110   1.00 87.62  ? 7   DA  A C6     1 
ATOM   196  N  N6     . DA  A 1 7  ? 14.868  5.580   3.211   1.00 84.49  ? 7   DA  A N6     1 
ATOM   197  N  N1     . DA  A 1 7  ? 14.460  4.810   5.355   1.00 84.46  ? 7   DA  A N1     1 
ATOM   198  C  C2     . DA  A 1 7  ? 14.531  3.813   6.250   1.00 86.08  ? 7   DA  A C2     1 
ATOM   199  N  N3     . DA  A 1 7  ? 15.023  2.577   6.095   1.00 82.01  ? 7   DA  A N3     1 
ATOM   200  C  C4     . DA  A 1 7  ? 15.487  2.402   4.843   1.00 82.76  ? 7   DA  A C4     1 
ATOM   201  H  "H5'"  . DA  A 1 7  ? 19.669  -1.374  3.868   1.00 126.00 ? 7   DA  A "H5'"  1 
ATOM   202  H  "H5''" . DA  A 1 7  ? 19.344  -2.915  4.000   1.00 126.00 ? 7   DA  A "H5''" 1 
ATOM   203  H  "H4'"  . DA  A 1 7  ? 18.226  -2.029  5.726   1.00 129.57 ? 7   DA  A "H4'"  1 
ATOM   204  H  "H3'"  . DA  A 1 7  ? 16.589  -2.963  3.840   1.00 135.22 ? 7   DA  A "H3'"  1 
ATOM   205  H  "H2'"  . DA  A 1 7  ? 15.603  -1.035  3.300   1.00 133.17 ? 7   DA  A "H2'"  1 
ATOM   206  H  "H2''" . DA  A 1 7  ? 14.738  -1.317  4.613   1.00 133.17 ? 7   DA  A "H2''" 1 
ATOM   207  H  "H1'"  . DA  A 1 7  ? 16.012  0.032   5.880   1.00 115.22 ? 7   DA  A "H1'"  1 
ATOM   208  H  H8     . DA  A 1 7  ? 16.767  0.990   2.420   1.00 102.51 ? 7   DA  A H8     1 
ATOM   209  H  H61    . DA  A 1 7  ? 14.530  6.339   3.429   1.00 101.56 ? 7   DA  A H61    1 
ATOM   210  H  H62    . DA  A 1 7  ? 15.163  5.454   2.413   1.00 101.56 ? 7   DA  A H62    1 
ATOM   211  H  H2     . DA  A 1 7  ? 14.190  4.006   7.094   1.00 103.46 ? 7   DA  A H2     1 
ATOM   212  P  P      . DC  A 1 8  ? 14.648  -3.814  5.730   1.00 130.23 ? 8   DC  A P      1 
ATOM   213  O  OP1    . DC  A 1 8  ? 14.703  -4.930  6.700   1.00 126.06 ? 8   DC  A OP1    1 
ATOM   214  O  OP2    . DC  A 1 8  ? 14.301  -4.085  4.317   1.00 118.21 ? 8   DC  A OP2    1 
ATOM   215  O  "O5'"  . DC  A 1 8  ? 13.641  -2.704  6.284   1.00 101.99 ? 8   DC  A "O5'"  1 
ATOM   216  C  "C5'"  . DC  A 1 8  ? 13.903  -2.080  7.530   1.00 99.54  ? 8   DC  A "C5'"  1 
ATOM   217  C  "C4'"  . DC  A 1 8  ? 12.910  -0.968  7.805   1.00 113.50 ? 8   DC  A "C4'"  1 
ATOM   218  O  "O4'"  . DC  A 1 8  ? 13.153  0.142   6.900   1.00 114.26 ? 8   DC  A "O4'"  1 
ATOM   219  C  "C3'"  . DC  A 1 8  ? 11.438  -1.356  7.615   1.00 106.90 ? 8   DC  A "C3'"  1 
ATOM   220  O  "O3'"  . DC  A 1 8  ? 10.720  -1.177  8.832   1.00 109.45 ? 8   DC  A "O3'"  1 
ATOM   221  C  "C2'"  . DC  A 1 8  ? 10.946  -0.431  6.493   1.00 97.93  ? 8   DC  A "C2'"  1 
ATOM   222  C  "C1'"  . DC  A 1 8  ? 11.920  0.726   6.568   1.00 102.01 ? 8   DC  A "C1'"  1 
ATOM   223  N  N1     . DC  A 1 8  ? 12.059  1.483   5.294   1.00 96.57  ? 8   DC  A N1     1 
ATOM   224  C  C2     . DC  A 1 8  ? 11.556  2.788   5.198   1.00 89.37  ? 8   DC  A C2     1 
ATOM   225  O  O2     . DC  A 1 8  ? 11.001  3.292   6.183   1.00 81.95  ? 8   DC  A O2     1 
ATOM   226  N  N3     . DC  A 1 8  ? 11.690  3.458   4.026   1.00 82.23  ? 8   DC  A N3     1 
ATOM   227  C  C4     . DC  A 1 8  ? 12.295  2.872   2.990   1.00 82.76  ? 8   DC  A C4     1 
ATOM   228  N  N4     . DC  A 1 8  ? 12.409  3.566   1.852   1.00 80.63  ? 8   DC  A N4     1 
ATOM   229  C  C5     . DC  A 1 8  ? 12.810  1.545   3.070   1.00 88.64  ? 8   DC  A C5     1 
ATOM   230  C  C6     . DC  A 1 8  ? 12.671  0.895   4.228   1.00 88.98  ? 8   DC  A C6     1 
ATOM   231  H  "H5'"  . DC  A 1 8  ? 14.800  -1.710  7.519   1.00 119.62 ? 8   DC  A "H5'"  1 
ATOM   232  H  "H5''" . DC  A 1 8  ? 13.841  -2.742  8.237   1.00 119.62 ? 8   DC  A "H5''" 1 
ATOM   233  H  "H4'"  . DC  A 1 8  ? 13.035  -0.658  8.716   1.00 136.37 ? 8   DC  A "H4'"  1 
ATOM   234  H  "H3'"  . DC  A 1 8  ? 11.377  -2.281  7.329   1.00 128.45 ? 8   DC  A "H3'"  1 
ATOM   235  H  "H2'"  . DC  A 1 8  ? 11.005  -0.874  5.632   1.00 117.69 ? 8   DC  A "H2'"  1 
ATOM   236  H  "H2''" . DC  A 1 8  ? 10.042  -0.130  6.667   1.00 117.69 ? 8   DC  A "H2''" 1 
ATOM   237  H  "H1'"  . DC  A 1 8  ? 11.648  1.331   7.276   1.00 122.58 ? 8   DC  A "H1'"  1 
ATOM   238  H  H41    . DC  A 1 8  ? 12.793  3.212   1.169   1.00 96.92  ? 8   DC  A H41    1 
ATOM   239  H  H42    . DC  A 1 8  ? 12.097  4.366   1.804   1.00 96.92  ? 8   DC  A H42    1 
ATOM   240  H  H5     . DC  A 1 8  ? 13.231  1.147   2.342   1.00 106.53 ? 8   DC  A H5     1 
ATOM   241  H  H6     . DC  A 1 8  ? 13.000  0.029   4.309   1.00 106.95 ? 8   DC  A H6     1 
ATOM   242  P  P      . DC  A 1 9  ? 9.115   -1.227  8.847   1.00 110.90 ? 9   DC  A P      1 
ATOM   243  O  OP1    . DC  A 1 9  ? 8.683   -1.555  10.224  1.00 112.48 ? 9   DC  A OP1    1 
ATOM   244  O  OP2    . DC  A 1 9  ? 8.682   -2.067  7.708   1.00 90.90  ? 9   DC  A OP2    1 
ATOM   245  O  "O5'"  . DC  A 1 9  ? 8.695   0.277   8.520   1.00 94.97  ? 9   DC  A "O5'"  1 
ATOM   246  C  "C5'"  . DC  A 1 9  ? 7.334   0.609   8.350   1.00 86.92  ? 9   DC  A "C5'"  1 
ATOM   247  C  "C4'"  . DC  A 1 9  ? 7.028   1.958   8.969   1.00 95.07  ? 9   DC  A "C4'"  1 
ATOM   248  O  "O4'"  . DC  A 1 9  ? 7.743   2.999   8.253   1.00 98.79  ? 9   DC  A "O4'"  1 
ATOM   249  C  "C3'"  . DC  A 1 9  ? 5.569   2.363   8.922   1.00 98.59  ? 9   DC  A "C3'"  1 
ATOM   250  O  "O3'"  . DC  A 1 9  ? 5.239   3.148   10.053  1.00 100.49 ? 9   DC  A "O3'"  1 
ATOM   251  C  "C2'"  . DC  A 1 9  ? 5.462   3.138   7.615   1.00 90.61  ? 9   DC  A "C2'"  1 
ATOM   252  C  "C1'"  . DC  A 1 9  ? 6.848   3.756   7.452   1.00 86.15  ? 9   DC  A "C1'"  1 
ATOM   253  N  N1     . DC  A 1 9  ? 7.355   3.739   6.048   1.00 79.29  ? 9   DC  A N1     1 
ATOM   254  C  C2     . DC  A 1 9  ? 7.125   4.837   5.205   1.00 68.75  ? 9   DC  A C2     1 
ATOM   255  O  O2     . DC  A 1 9  ? 6.494   5.810   5.640   1.00 67.35  ? 9   DC  A O2     1 
ATOM   256  N  N3     . DC  A 1 9  ? 7.600   4.796   3.931   1.00 58.85  ? 9   DC  A N3     1 
ATOM   257  C  C4     . DC  A 1 9  ? 8.275   3.723   3.505   1.00 59.85  ? 9   DC  A C4     1 
ATOM   258  N  N4     . DC  A 1 9  ? 8.727   3.719   2.246   1.00 54.96  ? 9   DC  A N4     1 
ATOM   259  C  C5     . DC  A 1 9  ? 8.515   2.602   4.349   1.00 67.46  ? 9   DC  A C5     1 
ATOM   260  C  C6     . DC  A 1 9  ? 8.046   2.652   5.599   1.00 74.94  ? 9   DC  A C6     1 
ATOM   261  H  "H5'"  . DC  A 1 9  ? 6.785   -0.068  8.774   1.00 104.47 ? 9   DC  A "H5'"  1 
ATOM   262  H  "H5''" . DC  A 1 9  ? 7.129   0.639   7.402   1.00 104.47 ? 9   DC  A "H5''" 1 
ATOM   263  H  "H4'"  . DC  A 1 9  ? 7.323   1.953   9.893   1.00 114.26 ? 9   DC  A "H4'"  1 
ATOM   264  H  "H3'"  . DC  A 1 9  ? 5.006   1.573   8.888   1.00 118.47 ? 9   DC  A "H3'"  1 
ATOM   265  H  "H2'"  . DC  A 1 9  ? 5.267   2.538   6.876   1.00 108.91 ? 9   DC  A "H2'"  1 
ATOM   266  H  "H2''" . DC  A 1 9  ? 4.786   3.830   7.682   1.00 108.91 ? 9   DC  A "H2''" 1 
ATOM   267  H  "H1'"  . DC  A 1 9  ? 6.829   4.671   7.774   1.00 103.55 ? 9   DC  A "H1'"  1 
ATOM   268  H  H41    . DC  A 1 9  ? 9.165   3.041   1.949   1.00 66.12  ? 9   DC  A H41    1 
ATOM   269  H  H42    . DC  A 1 9  ? 8.581   4.394   1.734   1.00 66.12  ? 9   DC  A H42    1 
ATOM   270  H  H5     . DC  A 1 9  ? 8.988   1.862   4.043   1.00 81.12  ? 9   DC  A H5     1 
ATOM   271  H  H6     . DC  A 1 9  ? 8.190   1.934   6.171   1.00 90.10  ? 9   DC  A H6     1 
ATOM   272  P  P      . DT  A 1 10 ? 3.727   3.189   10.588  1.00 134.94 ? 10  DT  A P      1 
ATOM   273  O  OP1    . DT  A 1 10 ? 3.749   3.745   11.959  1.00 131.94 ? 10  DT  A OP1    1 
ATOM   274  O  OP2    . DT  A 1 10 ? 3.113   1.866   10.339  1.00 120.01 ? 10  DT  A OP2    1 
ATOM   275  O  "O5'"  . DT  A 1 10 ? 3.028   4.246   9.622   1.00 124.63 ? 10  DT  A "O5'"  1 
ATOM   276  C  "C5'"  . DT  A 1 10 ? 3.561   5.555   9.507   1.00 105.52 ? 10  DT  A "C5'"  1 
ATOM   277  C  "C4'"  . DT  A 1 10 ? 2.718   6.408   8.579   1.00 100.60 ? 10  DT  A "C4'"  1 
ATOM   278  O  "O4'"  . DT  A 1 10 ? 3.285   6.392   7.252   1.00 100.67 ? 10  DT  A "O4'"  1 
ATOM   279  C  "C3'"  . DT  A 1 10 ? 1.262   5.949   8.421   1.00 100.96 ? 10  DT  A "C3'"  1 
ATOM   280  O  "O3'"  . DT  A 1 10 ? 0.393   6.917   8.970   1.00 97.93  ? 10  DT  A "O3'"  1 
ATOM   281  C  "C2'"  . DT  A 1 10 ? 1.071   5.770   6.905   1.00 91.67  ? 10  DT  A "C2'"  1 
ATOM   282  C  "C1'"  . DT  A 1 10 ? 2.245   6.530   6.316   1.00 95.37  ? 10  DT  A "C1'"  1 
ATOM   283  N  N1     . DT  A 1 10 ? 2.737   6.026   4.997   1.00 84.34  ? 10  DT  A N1     1 
ATOM   284  C  C2     . DT  A 1 10 ? 2.578   6.812   3.878   1.00 75.69  ? 10  DT  A C2     1 
ATOM   285  O  O2     . DT  A 1 10 ? 2.018   7.895   3.896   1.00 76.52  ? 10  DT  A O2     1 
ATOM   286  N  N3     . DT  A 1 10 ? 3.088   6.277   2.724   1.00 69.44  ? 10  DT  A N3     1 
ATOM   287  C  C4     . DT  A 1 10 ? 3.739   5.064   2.583   1.00 67.61  ? 10  DT  A C4     1 
ATOM   288  O  O4     . DT  A 1 10 ? 4.164   4.669   1.501   1.00 56.00  ? 10  DT  A O4     1 
ATOM   289  C  C5     . DT  A 1 10 ? 3.885   4.296   3.797   1.00 72.82  ? 10  DT  A C5     1 
ATOM   290  C  C7     . DT  A 1 10 ? 4.571   2.962   3.765   1.00 65.38  ? 10  DT  A C7     1 
ATOM   291  C  C6     . DT  A 1 10 ? 3.387   4.810   4.935   1.00 75.31  ? 10  DT  A C6     1 
ATOM   292  H  "H5'"  . DT  A 1 10 ? 4.465   5.502   9.157   1.00 126.79 ? 10  DT  A "H5'"  1 
ATOM   293  H  "H5''" . DT  A 1 10 ? 3.585   5.967   10.385  1.00 126.79 ? 10  DT  A "H5''" 1 
ATOM   294  H  "H4'"  . DT  A 1 10 ? 2.722   7.320   8.908   1.00 120.89 ? 10  DT  A "H4'"  1 
ATOM   295  H  "H3'"  . DT  A 1 10 ? 1.136   5.100   8.871   1.00 121.31 ? 10  DT  A "H3'"  1 
ATOM   296  H  "H2'"  . DT  A 1 10 ? 1.115   4.832   6.664   1.00 110.17 ? 10  DT  A "H2'"  1 
ATOM   297  H  "H2''" . DT  A 1 10 ? 0.231   6.162   6.618   1.00 110.17 ? 10  DT  A "H2''" 1 
ATOM   298  H  "H1'"  . DT  A 1 10 ? 2.012   7.468   6.234   1.00 114.61 ? 10  DT  A "H1'"  1 
ATOM   299  H  H3     . DT  A 1 10 ? 2.994   6.746   2.010   1.00 83.50  ? 10  DT  A H3     1 
ATOM   300  H  H71    . DT  A 1 10 ? 5.339   2.980   4.357   1.00 78.62  ? 10  DT  A H71    1 
ATOM   301  H  H72    . DT  A 1 10 ? 3.952   2.274   4.059   1.00 78.62  ? 10  DT  A H72    1 
ATOM   302  H  H73    . DT  A 1 10 ? 4.863   2.770   2.860   1.00 78.62  ? 10  DT  A H73    1 
ATOM   303  H  H6     . DT  A 1 10 ? 3.480   4.318   5.718   1.00 90.54  ? 10  DT  A H6     1 
ATOM   304  P  P      . DG  A 1 11 ? -1.167  6.594   9.138   1.00 119.65 ? 11  DG  A P      1 
ATOM   305  O  OP1    . DG  A 1 11 ? -1.681  7.412   10.261  1.00 123.75 ? 11  DG  A OP1    1 
ATOM   306  O  OP2    . DG  A 1 11 ? -1.319  5.121   9.167   1.00 104.86 ? 11  DG  A OP2    1 
ATOM   307  O  "O5'"  . DG  A 1 11 ? -1.798  7.125   7.773   1.00 105.37 ? 11  DG  A "O5'"  1 
ATOM   308  C  "C5'"  . DG  A 1 11 ? -1.370  8.370   7.229   1.00 102.03 ? 11  DG  A "C5'"  1 
ATOM   309  C  "C4'"  . DG  A 1 11 ? -2.088  8.654   5.928   1.00 93.40  ? 11  DG  A "C4'"  1 
ATOM   310  O  "O4'"  . DG  A 1 11 ? -1.328  8.083   4.823   1.00 87.76  ? 11  DG  A "O4'"  1 
ATOM   311  C  "C3'"  . DG  A 1 11 ? -3.483  8.044   5.840   1.00 85.18  ? 11  DG  A "C3'"  1 
ATOM   312  O  "O3'"  . DG  A 1 11 ? -4.382  8.906   5.170   1.00 82.94  ? 11  DG  A "O3'"  1 
ATOM   313  C  "C2'"  . DG  A 1 11 ? -3.246  6.754   5.075   1.00 78.01  ? 11  DG  A "C2'"  1 
ATOM   314  C  "C1'"  . DG  A 1 11 ? -2.122  7.143   4.127   1.00 71.43  ? 11  DG  A "C1'"  1 
ATOM   315  N  N9     . DG  A 1 11 ? -1.283  6.022   3.712   1.00 66.77  ? 11  DG  A N9     1 
ATOM   316  C  C8     . DG  A 1 11 ? -0.895  4.946   4.474   1.00 72.61  ? 11  DG  A C8     1 
ATOM   317  N  N7     . DG  A 1 11 ? -0.147  4.096   3.830   1.00 71.57  ? 11  DG  A N7     1 
ATOM   318  C  C5     . DG  A 1 11 ? -0.030  4.641   2.559   1.00 66.49  ? 11  DG  A C5     1 
ATOM   319  C  C6     . DG  A 1 11 ? 0.664   4.164   1.423   1.00 70.09  ? 11  DG  A C6     1 
ATOM   320  O  O6     . DG  A 1 11 ? 1.337   3.129   1.314   1.00 77.61  ? 11  DG  A O6     1 
ATOM   321  N  N1     . DG  A 1 11 ? 0.525   5.021   0.335   1.00 61.21  ? 11  DG  A N1     1 
ATOM   322  C  C2     . DG  A 1 11 ? -0.198  6.190   0.345   1.00 56.97  ? 11  DG  A C2     1 
ATOM   323  N  N2     . DG  A 1 11 ? -0.218  6.886   -0.800  1.00 52.70  ? 11  DG  A N2     1 
ATOM   324  N  N3     . DG  A 1 11 ? -0.853  6.649   1.402   1.00 58.40  ? 11  DG  A N3     1 
ATOM   325  C  C4     . DG  A 1 11 ? -0.726  5.825   2.470   1.00 62.81  ? 11  DG  A C4     1 
ATOM   326  H  "H5'"  . DG  A 1 11 ? -0.414  8.336   7.068   1.00 122.60 ? 11  DG  A "H5'"  1 
ATOM   327  H  "H5''" . DG  A 1 11 ? -1.562  9.079   7.863   1.00 122.60 ? 11  DG  A "H5''" 1 
ATOM   328  H  "H4'"  . DG  A 1 11 ? -2.154  9.613   5.806   1.00 112.24 ? 11  DG  A "H4'"  1 
ATOM   329  H  "H3'"  . DG  A 1 11 ? -3.814  7.845   6.730   1.00 102.38 ? 11  DG  A "H3'"  1 
ATOM   330  H  "H2'"  . DG  A 1 11 ? -2.962  6.046   5.674   1.00 93.78  ? 11  DG  A "H2'"  1 
ATOM   331  H  "H2''" . DG  A 1 11 ? -4.040  6.495   4.582   1.00 93.78  ? 11  DG  A "H2''" 1 
ATOM   332  H  "H1'"  . DG  A 1 11 ? -2.502  7.567   3.341   1.00 85.88  ? 11  DG  A "H1'"  1 
ATOM   333  H  H8     . DG  A 1 11 ? -1.143  4.838   5.364   1.00 87.30  ? 11  DG  A H8     1 
ATOM   334  H  H1     . DG  A 1 11 ? 0.917   4.802   -0.397  1.00 73.61  ? 11  DG  A H1     1 
ATOM   335  H  H21    . DG  A 1 11 ? -0.654  7.625   -0.847  1.00 63.41  ? 11  DG  A H21    1 
ATOM   336  H  H22    . DG  A 1 11 ? 0.205   6.593   -1.489  1.00 63.41  ? 11  DG  A H22    1 
ATOM   337  P  P      . DA  A 1 12 ? -5.960  8.656   5.307   1.00 87.39  ? 12  DA  A P      1 
ATOM   338  O  OP1    . DA  A 1 12 ? -6.547  9.861   5.933   1.00 84.88  ? 12  DA  A OP1    1 
ATOM   339  O  OP2    . DA  A 1 12 ? -6.141  7.329   5.938   1.00 84.03  ? 12  DA  A OP2    1 
ATOM   340  O  "O5'"  . DA  A 1 12 ? -6.470  8.547   3.796   1.00 86.25  ? 12  DA  A "O5'"  1 
ATOM   341  C  "C5'"  . DA  A 1 12 ? -6.917  9.710   3.116   1.00 87.31  ? 12  DA  A "C5'"  1 
ATOM   342  C  "C4'"  . DA  A 1 12 ? -6.439  9.713   1.678   1.00 77.39  ? 12  DA  A "C4'"  1 
ATOM   343  O  "O4'"  . DA  A 1 12 ? -5.258  8.873   1.563   1.00 72.91  ? 12  DA  A "O4'"  1 
ATOM   344  C  "C3'"  . DA  A 1 12 ? -7.452  9.176   0.664   1.00 73.18  ? 12  DA  A "C3'"  1 
ATOM   345  O  "O3'"  . DA  A 1 12 ? -7.552  10.050  -0.450  1.00 73.85  ? 12  DA  A "O3'"  1 
ATOM   346  C  "C2'"  . DA  A 1 12 ? -6.901  7.808   0.279   1.00 75.60  ? 12  DA  A "C2'"  1 
ATOM   347  C  "C1'"  . DA  A 1 12 ? -5.406  7.977   0.483   1.00 69.96  ? 12  DA  A "C1'"  1 
ATOM   348  N  N9     . DA  A 1 12 ? -4.713  6.734   0.807   1.00 58.97  ? 12  DA  A N9     1 
ATOM   349  C  C8     . DA  A 1 12 ? -4.668  6.111   2.021   1.00 66.94  ? 12  DA  A C8     1 
ATOM   350  N  N7     . DA  A 1 12 ? -3.968  5.000   2.022   1.00 58.86  ? 12  DA  A N7     1 
ATOM   351  C  C5     . DA  A 1 12 ? -3.525  4.887   0.716   1.00 53.06  ? 12  DA  A C5     1 
ATOM   352  C  C6     . DA  A 1 12 ? -2.731  3.922   0.064   1.00 64.96  ? 12  DA  A C6     1 
ATOM   353  N  N6     . DA  A 1 12 ? -2.229  2.845   0.679   1.00 68.45  ? 12  DA  A N6     1 
ATOM   354  N  N1     . DA  A 1 12 ? -2.473  4.107   -1.248  1.00 56.24  ? 12  DA  A N1     1 
ATOM   355  C  C2     . DA  A 1 12 ? -2.980  5.185   -1.858  1.00 58.22  ? 12  DA  A C2     1 
ATOM   356  N  N3     . DA  A 1 12 ? -3.738  6.159   -1.351  1.00 50.15  ? 12  DA  A N3     1 
ATOM   357  C  C4     . DA  A 1 12 ? -3.974  5.948   -0.048  1.00 49.45  ? 12  DA  A C4     1 
ATOM   358  H  "H5'"  . DA  A 1 12 ? -6.573  10.495  3.569   1.00 104.94 ? 12  DA  A "H5'"  1 
ATOM   359  H  "H5''" . DA  A 1 12 ? -7.887  9.733   3.130   1.00 104.94 ? 12  DA  A "H5''" 1 
ATOM   360  H  "H4'"  . DA  A 1 12 ? -6.203  10.621  1.431   1.00 93.04  ? 12  DA  A "H4'"  1 
ATOM   361  H  "H3'"  . DA  A 1 12 ? -8.320  9.076   1.086   1.00 87.98  ? 12  DA  A "H3'"  1 
ATOM   362  H  "H2'"  . DA  A 1 12 ? -7.250  7.119   0.866   1.00 90.89  ? 12  DA  A "H2'"  1 
ATOM   363  H  "H2''" . DA  A 1 12 ? -7.099  7.606   -0.648  1.00 90.89  ? 12  DA  A "H2''" 1 
ATOM   364  H  "H1'"  . DA  A 1 12 ? -5.014  8.366   -0.314  1.00 84.12  ? 12  DA  A "H1'"  1 
ATOM   365  H  H8     . DA  A 1 12 ? -5.092  6.444   2.778   1.00 80.50  ? 12  DA  A H8     1 
ATOM   366  H  H61    . DA  A 1 12 ? -1.747  2.285   0.240   1.00 82.31  ? 12  DA  A H61    1 
ATOM   367  H  H62    . DA  A 1 12 ? -2.388  2.714   1.515   1.00 82.31  ? 12  DA  A H62    1 
ATOM   368  H  H2     . DA  A 1 12 ? -2.775  5.267   -2.761  1.00 70.03  ? 12  DA  A H2     1 
ATOM   369  P  P      . DC  A 1 13 ? -8.751  9.880   -1.502  1.00 86.42  ? 13  DC  A P      1 
ATOM   370  O  OP1    . DC  A 1 13 ? -8.900  11.168  -2.219  1.00 84.44  ? 13  DC  A OP1    1 
ATOM   371  O  OP2    . DC  A 1 13 ? -9.909  9.302   -0.785  1.00 91.71  ? 13  DC  A OP2    1 
ATOM   372  O  "O5'"  . DC  A 1 13 ? -8.211  8.772   -2.519  1.00 81.47  ? 13  DC  A "O5'"  1 
ATOM   373  C  "C5'"  . DC  A 1 13 ? -8.088  9.086   -3.894  1.00 95.77  ? 13  DC  A "C5'"  1 
ATOM   374  C  "C4'"  . DC  A 1 13 ? -7.479  7.934   -4.674  1.00 90.34  ? 13  DC  A "C4'"  1 
ATOM   375  O  "O4'"  . DC  A 1 13 ? -6.701  7.095   -3.796  1.00 75.70  ? 13  DC  A "O4'"  1 
ATOM   376  C  "C3'"  . DC  A 1 13 ? -8.492  6.995   -5.322  1.00 90.01  ? 13  DC  A "C3'"  1 
ATOM   377  O  "O3'"  . DC  A 1 13 ? -8.665  7.319   -6.695  1.00 89.31  ? 13  DC  A "O3'"  1 
ATOM   378  C  "C2'"  . DC  A 1 13 ? -7.898  5.592   -5.129  1.00 81.74  ? 13  DC  A "C2'"  1 
ATOM   379  C  "C1'"  . DC  A 1 13 ? -6.579  5.832   -4.404  1.00 64.23  ? 13  DC  A "C1'"  1 
ATOM   380  N  N1     . DC  A 1 13 ? -6.263  4.812   -3.356  1.00 54.65  ? 13  DC  A N1     1 
ATOM   381  C  C2     . DC  A 1 13 ? -5.508  3.672   -3.690  1.00 64.42  ? 13  DC  A C2     1 
ATOM   382  O  O2     . DC  A 1 13 ? -5.117  3.520   -4.854  1.00 62.49  ? 13  DC  A O2     1 
ATOM   383  N  N3     . DC  A 1 13 ? -5.231  2.763   -2.721  1.00 61.88  ? 13  DC  A N3     1 
ATOM   384  C  C4     . DC  A 1 13 ? -5.669  2.959   -1.477  1.00 59.80  ? 13  DC  A C4     1 
ATOM   385  N  N4     . DC  A 1 13 ? -5.370  2.036   -0.557  1.00 54.64  ? 13  DC  A N4     1 
ATOM   386  C  C5     . DC  A 1 13 ? -6.433  4.110   -1.119  1.00 50.45  ? 13  DC  A C5     1 
ATOM   387  C  C6     . DC  A 1 13 ? -6.701  5.000   -2.079  1.00 51.69  ? 13  DC  A C6     1 
ATOM   388  H  "H5'"  . DC  A 1 13 ? -7.522  9.868   -3.992  1.00 115.09 ? 13  DC  A "H5'"  1 
ATOM   389  H  "H5''" . DC  A 1 13 ? -8.966  9.283   -4.254  1.00 115.09 ? 13  DC  A "H5''" 1 
ATOM   390  H  "H4'"  . DC  A 1 13 ? -6.897  8.293   -5.363  1.00 108.57 ? 13  DC  A "H4'"  1 
ATOM   391  H  "H3'"  . DC  A 1 13 ? -9.342  7.059   -4.859  1.00 108.18 ? 13  DC  A "H3'"  1 
ATOM   392  H  "H2'"  . DC  A 1 13 ? -8.489  5.047   -4.585  1.00 98.25  ? 13  DC  A "H2'"  1 
ATOM   393  H  "H2''" . DC  A 1 13 ? -7.742  5.170   -5.987  1.00 98.25  ? 13  DC  A "H2''" 1 
ATOM   394  H  "H1'"  . DC  A 1 13 ? -5.858  5.858   -5.053  1.00 77.25  ? 13  DC  A "H1'"  1 
ATOM   395  H  H41    . DC  A 1 13 ? -5.639  2.134   0.253   1.00 65.74  ? 13  DC  A H41    1 
ATOM   396  H  H42    . DC  A 1 13 ? -4.908  1.345   -0.776  1.00 65.74  ? 13  DC  A H42    1 
ATOM   397  H  H5     . DC  A 1 13 ? -6.732  4.236   -0.247  1.00 60.71  ? 13  DC  A H5     1 
ATOM   398  H  H6     . DC  A 1 13 ? -7.198  5.759   -1.873  1.00 62.19  ? 13  DC  A H6     1 
ATOM   399  P  P      . DG  A 1 14 ? -9.958  6.794   -7.492  1.00 104.59 ? 14  DG  A P      1 
ATOM   400  O  OP1    . DG  A 1 14 ? -10.257 7.785   -8.550  1.00 115.79 ? 14  DG  A OP1    1 
ATOM   401  O  OP2    . DG  A 1 14 ? -10.995 6.454   -6.491  1.00 85.87  ? 14  DG  A OP2    1 
ATOM   402  O  "O5'"  . DG  A 1 14 ? -9.460  5.435   -8.175  1.00 88.90  ? 14  DG  A "O5'"  1 
ATOM   403  C  "C5'"  . DG  A 1 14 ? -8.432  5.469   -9.162  1.00 85.54  ? 14  DG  A "C5'"  1 
ATOM   404  C  "C4'"  . DG  A 1 14 ? -7.772  4.109   -9.311  1.00 90.79  ? 14  DG  A "C4'"  1 
ATOM   405  O  "O4'"  . DG  A 1 14 ? -7.299  3.668   -8.020  1.00 85.43  ? 14  DG  A "O4'"  1 
ATOM   406  C  "C3'"  . DG  A 1 14 ? -8.693  2.998   -9.827  1.00 100.49 ? 14  DG  A "C3'"  1 
ATOM   407  O  "O3'"  . DG  A 1 14 ? -8.345  2.629   -11.160 1.00 104.85 ? 14  DG  A "O3'"  1 
ATOM   408  C  "C2'"  . DG  A 1 14 ? -8.504  1.836   -8.847  1.00 91.98  ? 14  DG  A "C2'"  1 
ATOM   409  C  "C1'"  . DG  A 1 14 ? -7.340  2.264   -7.967  1.00 80.18  ? 14  DG  A "C1'"  1 
ATOM   410  N  N9     . DG  A 1 14 ? -7.470  1.857   -6.569  1.00 73.34  ? 14  DG  A N9     1 
ATOM   411  C  C8     . DG  A 1 14 ? -8.152  2.520   -5.579  1.00 53.33  ? 14  DG  A C8     1 
ATOM   412  N  N7     . DG  A 1 14 ? -8.091  1.932   -4.418  1.00 44.86  ? 14  DG  A N7     1 
ATOM   413  C  C5     . DG  A 1 14 ? -7.318  0.803   -4.651  1.00 62.60  ? 14  DG  A C5     1 
ATOM   414  C  C6     . DG  A 1 14 ? -6.915  -0.218  -3.765  1.00 60.94  ? 14  DG  A C6     1 
ATOM   415  O  O6     . DG  A 1 14 ? -7.168  -0.329  -2.559  1.00 54.03  ? 14  DG  A O6     1 
ATOM   416  N  N1     . DG  A 1 14 ? -6.139  -1.180  -4.405  1.00 56.04  ? 14  DG  A N1     1 
ATOM   417  C  C2     . DG  A 1 14 ? -5.791  -1.153  -5.735  1.00 58.53  ? 14  DG  A C2     1 
ATOM   418  N  N2     . DG  A 1 14 ? -5.037  -2.171  -6.178  1.00 68.25  ? 14  DG  A N2     1 
ATOM   419  N  N3     . DG  A 1 14 ? -6.167  -0.202  -6.580  1.00 63.35  ? 14  DG  A N3     1 
ATOM   420  C  C4     . DG  A 1 14 ? -6.923  0.743   -5.970  1.00 68.61  ? 14  DG  A C4     1 
ATOM   421  H  "H5'"  . DG  A 1 14 ? -7.761  6.120   -8.901  1.00 102.81 ? 14  DG  A "H5'"  1 
ATOM   422  H  "H5''" . DG  A 1 14 ? -8.815  5.731   -10.013 1.00 102.81 ? 14  DG  A "H5''" 1 
ATOM   423  H  "H4'"  . DG  A 1 14 ? -7.014  4.192   -9.911  1.00 109.12 ? 14  DG  A "H4'"  1 
ATOM   424  H  "H3'"  . DG  A 1 14 ? -9.614  3.301   -9.801  1.00 120.75 ? 14  DG  A "H3'"  1 
ATOM   425  H  "H2'"  . DG  A 1 14 ? -9.304  1.711   -8.313  1.00 110.55 ? 14  DG  A "H2'"  1 
ATOM   426  H  "H2''" . DG  A 1 14 ? -8.285  1.021   -9.326  1.00 110.55 ? 14  DG  A "H2''" 1 
ATOM   427  H  "H1'"  . DG  A 1 14 ? -6.514  1.907   -8.329  1.00 96.38  ? 14  DG  A "H1'"  1 
ATOM   428  H  H8     . DG  A 1 14 ? -8.609  3.317   -5.721  1.00 64.17  ? 14  DG  A H8     1 
ATOM   429  H  H1     . DG  A 1 14 ? -5.852  -1.837  -3.931  1.00 67.42  ? 14  DG  A H1     1 
ATOM   430  H  H21    . DG  A 1 14 ? -4.799  -2.202  -7.004  1.00 82.07  ? 14  DG  A H21    1 
ATOM   431  H  H22    . DG  A 1 14 ? -4.792  -2.792  -5.636  1.00 82.07  ? 14  DG  A H22    1 
ATOM   432  P  P      . DA  A 1 15 ? -9.250  1.567   -11.960 1.00 108.25 ? 15  DA  A P      1 
ATOM   433  O  OP1    . DA  A 1 15 ? -8.999  1.756   -13.404 1.00 115.27 ? 15  DA  A OP1    1 
ATOM   434  O  OP2    . DA  A 1 15 ? -10.627 1.675   -11.432 1.00 82.51  ? 15  DA  A OP2    1 
ATOM   435  O  "O5'"  . DA  A 1 15 ? -8.674  0.139   -11.516 1.00 83.20  ? 15  DA  A "O5'"  1 
ATOM   436  C  "C5'"  . DA  A 1 15 ? -7.410  -0.305  -12.002 1.00 81.73  ? 15  DA  A "C5'"  1 
ATOM   437  C  "C4'"  . DA  A 1 15 ? -7.059  -1.670  -11.436 1.00 82.61  ? 15  DA  A "C4'"  1 
ATOM   438  O  "O4'"  . DA  A 1 15 ? -6.996  -1.580  -9.993  1.00 73.86  ? 15  DA  A "O4'"  1 
ATOM   439  C  "C3'"  . DA  A 1 15 ? -8.064  -2.779  -11.763 1.00 80.68  ? 15  DA  A "C3'"  1 
ATOM   440  O  "O3'"  . DA  A 1 15 ? -7.440  -3.815  -12.512 1.00 73.29  ? 15  DA  A "O3'"  1 
ATOM   441  C  "C2'"  . DA  A 1 15 ? -8.569  -3.275  -10.406 1.00 85.26  ? 15  DA  A "C2'"  1 
ATOM   442  C  "C1'"  . DA  A 1 15 ? -7.565  -2.725  -9.408  1.00 68.50  ? 15  DA  A "C1'"  1 
ATOM   443  N  N9     . DA  A 1 15 ? -8.159  -2.332  -8.135  1.00 64.58  ? 15  DA  A N9     1 
ATOM   444  C  C8     . DA  A 1 15 ? -8.860  -1.190  -7.880  1.00 62.45  ? 15  DA  A C8     1 
ATOM   445  N  N7     . DA  A 1 15 ? -9.274  -1.083  -6.643  1.00 57.17  ? 15  DA  A N7     1 
ATOM   446  C  C5     . DA  A 1 15 ? -8.811  -2.237  -6.042  1.00 56.99  ? 15  DA  A C5     1 
ATOM   447  C  C6     . DA  A 1 15 ? -8.919  -2.723  -4.730  1.00 49.51  ? 15  DA  A C6     1 
ATOM   448  N  N6     . DA  A 1 15 ? -9.559  -2.070  -3.758  1.00 46.09  ? 15  DA  A N6     1 
ATOM   449  N  N1     . DA  A 1 15 ? -8.345  -3.910  -4.456  1.00 52.80  ? 15  DA  A N1     1 
ATOM   450  C  C2     . DA  A 1 15 ? -7.705  -4.559  -5.436  1.00 56.64  ? 15  DA  A C2     1 
ATOM   451  N  N3     . DA  A 1 15 ? -7.534  -4.200  -6.707  1.00 56.28  ? 15  DA  A N3     1 
ATOM   452  C  C4     . DA  A 1 15 ? -8.117  -3.018  -6.947  1.00 61.51  ? 15  DA  A C4     1 
ATOM   453  H  "H5'"  . DA  A 1 15 ? -6.728  0.333   -11.742 1.00 98.25  ? 15  DA  A "H5'"  1 
ATOM   454  H  "H5''" . DA  A 1 15 ? -7.442  -0.360  -12.969 1.00 98.25  ? 15  DA  A "H5''" 1 
ATOM   455  H  "H4'"  . DA  A 1 15 ? -6.187  -1.931  -11.770 1.00 99.30  ? 15  DA  A "H4'"  1 
ATOM   456  H  "H3'"  . DA  A 1 15 ? -8.802  -2.410  -12.271 1.00 96.98  ? 15  DA  A "H3'"  1 
ATOM   457  H  "H2'"  . DA  A 1 15 ? -9.454  -2.924  -10.224 1.00 102.48 ? 15  DA  A "H2'"  1 
ATOM   458  H  "H2''" . DA  A 1 15 ? -8.576  -4.245  -10.380 1.00 102.48 ? 15  DA  A "H2''" 1 
ATOM   459  H  "H1'"  . DA  A 1 15 ? -6.872  -3.385  -9.251  1.00 82.36  ? 15  DA  A "H1'"  1 
ATOM   460  H  H8     . DA  A 1 15 ? -9.026  -0.543  -8.528  1.00 75.10  ? 15  DA  A H8     1 
ATOM   461  H  H61    . DA  A 1 15 ? -9.599  -2.408  -2.968  1.00 55.48  ? 15  DA  A H61    1 
ATOM   462  H  H62    . DA  A 1 15 ? -9.931  -1.312  -3.922  1.00 55.48  ? 15  DA  A H62    1 
ATOM   463  H  H2     . DA  A 1 15 ? -7.326  -5.374  -5.196  1.00 68.14  ? 15  DA  A H2     1 
ATOM   464  P  P      . DC  A 1 16 ? -8.318  -5.020  -13.109 1.00 107.32 ? 16  DC  A P      1 
ATOM   465  O  OP1    . DC  A 1 16 ? -8.324  -4.874  -14.582 1.00 107.67 ? 16  DC  A OP1    1 
ATOM   466  O  OP2    . DC  A 1 16 ? -9.605  -5.065  -12.380 1.00 83.30  ? 16  DC  A OP2    1 
ATOM   467  O  "O5'"  . DC  A 1 16 ? -7.488  -6.331  -12.716 1.00 106.95 ? 16  DC  A "O5'"  1 
ATOM   468  C  "C5'"  . DC  A 1 16 ? -6.765  -6.380  -11.487 1.00 93.36  ? 16  DC  A "C5'"  1 
ATOM   469  C  "C4'"  . DC  A 1 16 ? -7.230  -7.532  -10.602 1.00 87.93  ? 16  DC  A "C4'"  1 
ATOM   470  O  "O4'"  . DC  A 1 16 ? -7.635  -7.004  -9.309  1.00 70.93  ? 16  DC  A "O4'"  1 
ATOM   471  C  "C3'"  . DC  A 1 16 ? -8.425  -8.344  -11.131 1.00 86.41  ? 16  DC  A "C3'"  1 
ATOM   472  O  "O3'"  . DC  A 1 16 ? -8.076  -9.724  -11.233 1.00 87.20  ? 16  DC  A "O3'"  1 
ATOM   473  C  "C2'"  . DC  A 1 16 ? -9.540  -8.086  -10.110 1.00 78.46  ? 16  DC  A "C2'"  1 
ATOM   474  C  "C1'"  . DC  A 1 16 ? -8.782  -7.683  -8.858  1.00 61.70  ? 16  DC  A "C1'"  1 
ATOM   475  N  N1     . DC  A 1 16 ? -9.545  -6.773  -7.946  1.00 57.43  ? 16  DC  A N1     1 
ATOM   476  C  C2     . DC  A 1 16 ? -9.795  -7.155  -6.618  1.00 54.04  ? 16  DC  A C2     1 
ATOM   477  O  O2     . DC  A 1 16 ? -9.388  -8.253  -6.215  1.00 55.82  ? 16  DC  A O2     1 
ATOM   478  N  N3     . DC  A 1 16 ? -10.486 -6.310  -5.812  1.00 43.66  ? 16  DC  A N3     1 
ATOM   479  C  C4     . DC  A 1 16 ? -10.908 -5.135  -6.284  1.00 50.08  ? 16  DC  A C4     1 
ATOM   480  N  N4     . DC  A 1 16 ? -11.579 -4.329  -5.454  1.00 51.74  ? 16  DC  A N4     1 
ATOM   481  C  C5     . DC  A 1 16 ? -10.661 -4.732  -7.628  1.00 60.14  ? 16  DC  A C5     1 
ATOM   482  C  C6     . DC  A 1 16 ? -9.980  -5.571  -8.412  1.00 58.80  ? 16  DC  A C6     1 
ATOM   483  H  "H5'"  . DC  A 1 16 ? -6.894  -5.545  -11.012 1.00 112.20 ? 16  DC  A "H5'"  1 
ATOM   484  H  "H5''" . DC  A 1 16 ? -5.822  -6.492  -11.681 1.00 112.20 ? 16  DC  A "H5''" 1 
ATOM   485  H  "H4'"  . DC  A 1 16 ? -6.483  -8.136  -10.467 1.00 105.68 ? 16  DC  A "H4'"  1 
ATOM   486  H  "H3'"  . DC  A 1 16 ? -8.693  -8.006  -12.000 1.00 103.86 ? 16  DC  A "H3'"  1 
ATOM   487  H  "H2'"  . DC  A 1 16 ? -10.116 -7.365  -10.408 1.00 94.33  ? 16  DC  A "H2'"  1 
ATOM   488  H  "H2''" . DC  A 1 16 ? -10.053 -8.894  -9.954  1.00 94.33  ? 16  DC  A "H2''" 1 
ATOM   489  H  "H1'"  . DC  A 1 16 ? -8.515  -8.479  -8.373  1.00 74.21  ? 16  DC  A "H1'"  1 
ATOM   490  H  H41    . DC  A 1 16 ? -11.863 -3.567  -5.732  1.00 62.25  ? 16  DC  A H41    1 
ATOM   491  H  H42    . DC  A 1 16 ? -11.727 -4.574  -4.643  1.00 62.25  ? 16  DC  A H42    1 
ATOM   492  H  H5     . DC  A 1 16 ? -10.955 -3.908  -7.945  1.00 72.34  ? 16  DC  A H5     1 
ATOM   493  H  H6     . DC  A 1 16 ? -9.802  -5.331  -9.293  1.00 70.73  ? 16  DC  A H6     1 
ATOM   494  P  P      . DA  A 1 17 ? -9.186  -10.838 -11.566 1.00 91.43  ? 17  DA  A P      1 
ATOM   495  O  OP1    . DA  A 1 17 ? -8.587  -11.773 -12.542 1.00 97.31  ? 17  DA  A OP1    1 
ATOM   496  O  OP2    . DA  A 1 17 ? -10.462 -10.158 -11.889 1.00 69.19  ? 17  DA  A OP2    1 
ATOM   497  O  "O5'"  . DA  A 1 17 ? -9.368  -11.603 -10.174 1.00 78.11  ? 17  DA  A "O5'"  1 
ATOM   498  C  "C5'"  . DA  A 1 17 ? -8.216  -12.078 -9.477  1.00 79.37  ? 17  DA  A "C5'"  1 
ATOM   499  C  "C4'"  . DA  A 1 17 ? -8.607  -12.770 -8.185  1.00 75.26  ? 17  DA  A "C4'"  1 
ATOM   500  O  "O4'"  . DA  A 1 17 ? -9.114  -11.784 -7.242  1.00 63.88  ? 17  DA  A "O4'"  1 
ATOM   501  C  "C3'"  . DA  A 1 17 ? -9.709  -13.813 -8.331  1.00 71.12  ? 17  DA  A "C3'"  1 
ATOM   502  O  "O3'"  . DA  A 1 17 ? -9.480  -14.923 -7.474  1.00 72.58  ? 17  DA  A "O3'"  1 
ATOM   503  C  "C2'"  . DA  A 1 17 ? -10.963 -13.046 -7.953  1.00 58.01  ? 17  DA  A "C2'"  1 
ATOM   504  C  "C1'"  . DA  A 1 17 ? -10.453 -12.084 -6.894  1.00 52.74  ? 17  DA  A "C1'"  1 
ATOM   505  N  N9     . DA  A 1 17 ? -11.208 -10.841 -6.824  1.00 52.46  ? 17  DA  A N9     1 
ATOM   506  C  C8     . DA  A 1 17 ? -11.396 -9.938  -7.831  1.00 56.61  ? 17  DA  A C8     1 
ATOM   507  N  N7     . DA  A 1 17 ? -12.127 -8.905  -7.486  1.00 53.87  ? 17  DA  A N7     1 
ATOM   508  C  C5     . DA  A 1 17 ? -12.440 -9.148  -6.160  1.00 54.37  ? 17  DA  A C5     1 
ATOM   509  C  C6     . DA  A 1 17 ? -13.195 -8.424  -5.217  1.00 58.39  ? 17  DA  A C6     1 
ATOM   510  N  N6     . DA  A 1 17 ? -13.787 -7.258  -5.492  1.00 54.27  ? 17  DA  A N6     1 
ATOM   511  N  N1     . DA  A 1 17 ? -13.314 -8.945  -3.975  1.00 57.41  ? 17  DA  A N1     1 
ATOM   512  C  C2     . DA  A 1 17 ? -12.711 -10.111 -3.708  1.00 58.38  ? 17  DA  A C2     1 
ATOM   513  N  N3     . DA  A 1 17 ? -11.981 -10.884 -4.513  1.00 45.98  ? 17  DA  A N3     1 
ATOM   514  C  C4     . DA  A 1 17 ? -11.880 -10.336 -5.735  1.00 49.83  ? 17  DA  A C4     1 
ATOM   515  H  "H5'"  . DA  A 1 17 ? -7.636  -11.328 -9.272  1.00 95.41  ? 17  DA  A "H5'"  1 
ATOM   516  H  "H5''" . DA  A 1 17 ? -7.738  -12.705 -10.041 1.00 95.41  ? 17  DA  A "H5''" 1 
ATOM   517  H  "H4'"  . DA  A 1 17 ? -7.823  -13.193 -7.804  1.00 90.48  ? 17  DA  A "H4'"  1 
ATOM   518  H  "H3'"  . DA  A 1 17 ? -9.766  -14.109 -9.253  1.00 85.51  ? 17  DA  A "H3'"  1 
ATOM   519  H  "H2'"  . DA  A 1 17 ? -11.315 -12.562 -8.718  1.00 69.78  ? 17  DA  A "H2'"  1 
ATOM   520  H  "H2''" . DA  A 1 17 ? -11.634 -13.642 -7.583  1.00 69.78  ? 17  DA  A "H2''" 1 
ATOM   521  H  "H1'"  . DA  A 1 17 ? -10.470 -12.521 -6.029  1.00 63.46  ? 17  DA  A "H1'"  1 
ATOM   522  H  H8     . DA  A 1 17 ? -11.036 -10.045 -8.681  1.00 68.10  ? 17  DA  A H8     1 
ATOM   523  H  H61    . DA  A 1 17 ? -14.231 -6.846  -4.881  1.00 65.30  ? 17  DA  A H61    1 
ATOM   524  H  H62    . DA  A 1 17 ? -13.726 -6.919  -6.280  1.00 65.30  ? 17  DA  A H62    1 
ATOM   525  H  H2     . DA  A 1 17 ? -12.828 -10.432 -2.842  1.00 70.22  ? 17  DA  A H2     1 
ATOM   526  P  P      . DC  A 1 18 ? -10.489 -16.173 -7.494  1.00 87.55  ? 18  DC  A P      1 
ATOM   527  O  OP1    . DC  A 1 18 ? -9.689  -17.379 -7.189  1.00 58.72  ? 18  DC  A OP1    1 
ATOM   528  O  OP2    . DC  A 1 18 ? -11.269 -16.096 -8.749  1.00 82.26  ? 18  DC  A OP2    1 
ATOM   529  O  "O5'"  . DC  A 1 18 ? -11.485 -15.890 -6.273  1.00 66.19  ? 18  DC  A "O5'"  1 
ATOM   530  C  "C5'"  . DC  A 1 18 ? -11.150 -16.357 -4.976  1.00 67.93  ? 18  DC  A "C5'"  1 
ATOM   531  C  "C4'"  . DC  A 1 18 ? -11.962 -15.650 -3.910  1.00 62.03  ? 18  DC  A "C4'"  1 
ATOM   532  O  "O4'"  . DC  A 1 18 ? -12.345 -14.325 -4.379  1.00 63.20  ? 18  DC  A "O4'"  1 
ATOM   533  C  "C3'"  . DC  A 1 18 ? -13.270 -16.348 -3.516  1.00 61.53  ? 18  DC  A "C3'"  1 
ATOM   534  O  "O3'"  . DC  A 1 18 ? -13.338 -16.491 -2.098  1.00 58.29  ? 18  DC  A "O3'"  1 
ATOM   535  C  "C2'"  . DC  A 1 18 ? -14.353 -15.415 -4.066  1.00 57.02  ? 18  DC  A "C2'"  1 
ATOM   536  C  "C1'"  . DC  A 1 18 ? -13.667 -14.072 -3.965  1.00 47.16  ? 18  DC  A "C1'"  1 
ATOM   537  N  N1     . DC  A 1 18 ? -14.253 -12.959 -4.813  1.00 43.34  ? 18  DC  A N1     1 
ATOM   538  C  C2     . DC  A 1 18 ? -15.116 -12.016 -4.227  1.00 46.67  ? 18  DC  A C2     1 
ATOM   539  O  O2     . DC  A 1 18 ? -15.404 -12.135 -3.027  1.00 39.01  ? 18  DC  A O2     1 
ATOM   540  N  N3     . DC  A 1 18 ? -15.608 -11.006 -4.989  1.00 42.28  ? 18  DC  A N3     1 
ATOM   541  C  C4     . DC  A 1 18 ? -15.257 -10.915 -6.279  1.00 55.86  ? 18  DC  A C4     1 
ATOM   542  N  N4     . DC  A 1 18 ? -15.764 -9.907  -6.998  1.00 58.17  ? 18  DC  A N4     1 
ATOM   543  C  C5     . DC  A 1 18 ? -14.380 -11.859 -6.891  1.00 52.57  ? 18  DC  A C5     1 
ATOM   544  C  C6     . DC  A 1 18 ? -13.901 -12.848 -6.128  1.00 51.77  ? 18  DC  A C6     1 
ATOM   545  H  "H5'"  . DC  A 1 18 ? -10.207 -16.199 -4.815  1.00 81.68  ? 18  DC  A "H5'"  1 
ATOM   546  H  "H5''" . DC  A 1 18 ? -11.325 -17.311 -4.928  1.00 81.68  ? 18  DC  A "H5''" 1 
ATOM   547  H  "H4'"  . DC  A 1 18 ? -11.413 -15.552 -3.116  1.00 74.60  ? 18  DC  A "H4'"  1 
ATOM   548  H  "H3'"  . DC  A 1 18 ? -13.327 -17.217 -3.944  1.00 74.01  ? 18  DC  A "H3'"  1 
ATOM   549  H  "H2'"  . DC  A 1 18 ? -14.560 -15.631 -4.988  1.00 68.59  ? 18  DC  A "H2'"  1 
ATOM   550  H  "H2''" . DC  A 1 18 ? -15.148 -15.442 -3.511  1.00 68.59  ? 18  DC  A "H2''" 1 
ATOM   551  H  "H1'"  . DC  A 1 18 ? -13.659 -13.790 -3.037  1.00 56.76  ? 18  DC  A "H1'"  1 
ATOM   552  H  H41    . DC  A 1 18 ? -15.575 -9.837  -7.834  1.00 69.98  ? 18  DC  A H41    1 
ATOM   553  H  H42    . DC  A 1 18 ? -16.280 -9.329  -6.624  1.00 69.98  ? 18  DC  A H42    1 
ATOM   554  H  H5     . DC  A 1 18 ? -14.145 -11.785 -7.788  1.00 63.25  ? 18  DC  A H5     1 
ATOM   555  H  H6     . DC  A 1 18 ? -13.323 -13.474 -6.501  1.00 62.30  ? 18  DC  A H6     1 
ATOM   556  P  P      . DT  A 1 19 ? -14.305 -17.584 -1.428  1.00 78.70  ? 19  DT  A P      1 
ATOM   557  O  OP1    . DT  A 1 19 ? -13.469 -18.511 -0.634  1.00 67.86  ? 19  DT  A OP1    1 
ATOM   558  O  OP2    . DT  A 1 19 ? -15.194 -18.113 -2.483  1.00 87.09  ? 19  DT  A OP2    1 
ATOM   559  O  "O5'"  . DT  A 1 19 ? -15.195 -16.722 -0.424  1.00 59.77  ? 19  DT  A "O5'"  1 
ATOM   560  C  "C5'"  . DT  A 1 19 ? -15.795 -15.521 -0.872  1.00 44.97  ? 19  DT  A "C5'"  1 
ATOM   561  C  "C4'"  . DT  A 1 19 ? -16.665 -14.927 0.211   1.00 54.64  ? 19  DT  A "C4'"  1 
ATOM   562  O  "O4'"  . DT  A 1 19 ? -17.234 -13.668 -0.235  1.00 62.25  ? 19  DT  A "O4'"  1 
ATOM   563  C  "C3'"  . DT  A 1 19 ? -17.857 -15.763 0.592   1.00 50.35  ? 19  DT  A "C3'"  1 
ATOM   564  O  "O3'"  . DT  A 1 19 ? -18.232 -15.473 1.929   1.00 57.56  ? 19  DT  A "O3'"  1 
ATOM   565  C  "C2'"  . DT  A 1 19 ? -18.905 -15.334 -0.434  1.00 63.35  ? 19  DT  A "C2'"  1 
ATOM   566  C  "C1'"  . DT  A 1 19 ? -18.585 -13.855 -0.651  1.00 60.33  ? 19  DT  A "C1'"  1 
ATOM   567  N  N1     . DT  A 1 19 ? -18.678 -13.357 -2.067  1.00 54.78  ? 19  DT  A N1     1 
ATOM   568  C  C2     . DT  A 1 19 ? -19.283 -12.137 -2.313  1.00 53.07  ? 19  DT  A C2     1 
ATOM   569  O  O2     . DT  A 1 19 ? -19.809 -11.461 -1.444  1.00 44.51  ? 19  DT  A O2     1 
ATOM   570  N  N3     . DT  A 1 19 ? -19.265 -11.745 -3.625  1.00 45.58  ? 19  DT  A N3     1 
ATOM   571  C  C4     . DT  A 1 19 ? -18.700 -12.420 -4.691  1.00 45.76  ? 19  DT  A C4     1 
ATOM   572  O  O4     . DT  A 1 19 ? -18.737 -11.984 -5.837  1.00 44.93  ? 19  DT  A O4     1 
ATOM   573  C  C5     . DT  A 1 19 ? -18.067 -13.674 -4.365  1.00 35.55  ? 19  DT  A C5     1 
ATOM   574  C  C7     . DT  A 1 19 ? -17.424 -14.490 -5.446  1.00 37.27  ? 19  DT  A C7     1 
ATOM   575  C  C6     . DT  A 1 19 ? -18.074 -14.073 -3.083  1.00 41.80  ? 19  DT  A C6     1 
ATOM   576  H  "H5'"  . DT  A 1 19 ? -16.337 -15.707 -1.655  1.00 54.13  ? 19  DT  A "H5'"  1 
ATOM   577  H  "H5''" . DT  A 1 19 ? -15.100 -14.886 -1.108  1.00 54.13  ? 19  DT  A "H5''" 1 
ATOM   578  H  "H4'"  . DT  A 1 19 ? -16.125 -14.767 1.001   1.00 65.74  ? 19  DT  A "H4'"  1 
ATOM   579  H  "H3'"  . DT  A 1 19 ? -17.652 -16.706 0.492   1.00 60.59  ? 19  DT  A "H3'"  1 
ATOM   580  H  "H2'"  . DT  A 1 19 ? -18.802 -15.832 -1.259  1.00 76.19  ? 19  DT  A "H2'"  1 
ATOM   581  H  "H2''" . DT  A 1 19 ? -19.801 -15.442 -0.075  1.00 76.19  ? 19  DT  A "H2''" 1 
ATOM   582  H  "H1'"  . DT  A 1 19 ? -19.166 -13.319 -0.088  1.00 72.56  ? 19  DT  A "H1'"  1 
ATOM   583  H  H3     . DT  A 1 19 ? -19.643 -10.994 -3.806  1.00 54.86  ? 19  DT  A H3     1 
ATOM   584  H  H71    . DT  A 1 19 ? -17.607 -14.085 -6.309  1.00 44.90  ? 19  DT  A H71    1 
ATOM   585  H  H72    . DT  A 1 19 ? -16.466 -14.522 -5.300  1.00 44.90  ? 19  DT  A H72    1 
ATOM   586  H  H73    . DT  A 1 19 ? -17.785 -15.391 -5.428  1.00 44.90  ? 19  DT  A H73    1 
ATOM   587  H  H6     . DT  A 1 19 ? -17.666 -14.881 -2.871  1.00 50.33  ? 19  DT  A H6     1 
ATOM   588  P  P      . DC  A 1 20 ? -19.030 -16.549 2.812   1.00 85.06  ? 20  DC  A P      1 
ATOM   589  O  OP1    . DC  A 1 20 ? -18.531 -16.452 4.202   1.00 75.41  ? 20  DC  A OP1    1 
ATOM   590  O  OP2    . DC  A 1 20 ? -18.985 -17.847 2.104   1.00 87.75  ? 20  DC  A OP2    1 
ATOM   591  O  "O5'"  . DC  A 1 20 ? -20.534 -16.012 2.773   1.00 77.74  ? 20  DC  A "O5'"  1 
ATOM   592  C  "C5'"  . DC  A 1 20 ? -20.797 -14.640 3.030   1.00 71.84  ? 20  DC  A "C5'"  1 
ATOM   593  C  "C4'"  . DC  A 1 20 ? -22.113 -14.211 2.407   1.00 79.20  ? 20  DC  A "C4'"  1 
ATOM   594  O  "O4'"  . DC  A 1 20 ? -21.926 -13.951 0.983   1.00 71.91  ? 20  DC  A "O4'"  1 
ATOM   595  C  "C3'"  . DC  A 1 20 ? -23.231 -15.248 2.495   1.00 67.33  ? 20  DC  A "C3'"  1 
ATOM   596  O  "O3'"  . DC  A 1 20 ? -24.457 -14.620 2.811   1.00 66.82  ? 20  DC  A "O3'"  1 
ATOM   597  C  "C2'"  . DC  A 1 20 ? -23.239 -15.863 1.102   1.00 62.90  ? 20  DC  A "C2'"  1 
ATOM   598  C  "C1'"  . DC  A 1 20 ? -22.910 -14.652 0.250   1.00 62.61  ? 20  DC  A "C1'"  1 
ATOM   599  N  N1     . DC  A 1 20 ? -22.375 -14.945 -1.125  1.00 51.71  ? 20  DC  A N1     1 
ATOM   600  C  C2     . DC  A 1 20 ? -22.464 -13.956 -2.107  1.00 52.57  ? 20  DC  A C2     1 
ATOM   601  O  O2     . DC  A 1 20 ? -22.983 -12.875 -1.817  1.00 66.55  ? 20  DC  A O2     1 
ATOM   602  N  N3     . DC  A 1 20 ? -21.976 -14.207 -3.345  1.00 41.51  ? 20  DC  A N3     1 
ATOM   603  C  C4     . DC  A 1 20 ? -21.420 -15.388 -3.615  1.00 49.90  ? 20  DC  A C4     1 
ATOM   604  N  N4     . DC  A 1 20 ? -20.952 -15.593 -4.852  1.00 48.64  ? 20  DC  A N4     1 
ATOM   605  C  C5     . DC  A 1 20 ? -21.318 -16.413 -2.628  1.00 47.94  ? 20  DC  A C5     1 
ATOM   606  C  C6     . DC  A 1 20 ? -21.810 -16.156 -1.412  1.00 48.18  ? 20  DC  A C6     1 
ATOM   607  H  "H5'"  . DC  A 1 20 ? -20.079 -14.103 2.660   1.00 86.38  ? 20  DC  A "H5'"  1 
ATOM   608  H  "H5''" . DC  A 1 20 ? -20.838 -14.497 3.989   1.00 86.38  ? 20  DC  A "H5''" 1 
ATOM   609  H  "H4'"  . DC  A 1 20 ? -22.410 -13.393 2.837   1.00 95.21  ? 20  DC  A "H4'"  1 
ATOM   610  H  "H3'"  . DC  A 1 20 ? -23.014 -15.920 3.159   1.00 80.97  ? 20  DC  A "H3'"  1 
ATOM   611  H  "H2'"  . DC  A 1 20 ? -22.554 -16.545 1.019   1.00 75.65  ? 20  DC  A "H2'"  1 
ATOM   612  H  "H2''" . DC  A 1 20 ? -24.116 -16.215 0.884   1.00 75.65  ? 20  DC  A "H2''" 1 
ATOM   613  H  "H1'"  . DC  A 1 20 ? -23.701 -14.096 0.170   1.00 75.30  ? 20  DC  A "H1'"  1 
ATOM   614  H  H41    . DC  A 1 20 ? -20.583 -16.343 -5.054  1.00 58.53  ? 20  DC  A H41    1 
ATOM   615  H  H42    . DC  A 1 20 ? -21.019 -14.974 -5.446  1.00 58.53  ? 20  DC  A H42    1 
ATOM   616  H  H5     . DC  A 1 20 ? -20.928 -17.235 -2.827  1.00 57.70  ? 20  DC  A H5     1 
ATOM   617  H  H6     . DC  A 1 20 ? -21.750 -16.803 -0.747  1.00 57.98  ? 20  DC  A H6     1 
ATOM   618  P  P      . DA  A 1 21 ? -25.528 -15.356 3.750   1.00 95.42  ? 21  DA  A P      1 
ATOM   619  O  OP1    . DA  A 1 21 ? -24.994 -15.345 5.129   1.00 76.31  ? 21  DA  A OP1    1 
ATOM   620  O  OP2    . DA  A 1 21 ? -25.880 -16.640 3.101   1.00 90.33  ? 21  DA  A OP2    1 
ATOM   621  O  "O5'"  . DA  A 1 21 ? -26.804 -14.395 3.684   1.00 83.89  ? 21  DA  A "O5'"  1 
ATOM   622  C  "C5'"  . DA  A 1 21 ? -26.669 -13.024 4.035   1.00 84.91  ? 21  DA  A "C5'"  1 
ATOM   623  C  "C4'"  . DA  A 1 21 ? -27.280 -12.123 2.974   1.00 75.17  ? 21  DA  A "C4'"  1 
ATOM   624  O  "O4'"  . DA  A 1 21 ? -26.602 -12.339 1.705   1.00 75.42  ? 21  DA  A "O4'"  1 
ATOM   625  C  "C3'"  . DA  A 1 21 ? -28.764 -12.362 2.705   1.00 73.95  ? 21  DA  A "C3'"  1 
ATOM   626  O  "O3'"  . DA  A 1 21 ? -29.445 -11.125 2.522   1.00 89.82  ? 21  DA  A "O3'"  1 
ATOM   627  C  "C2'"  . DA  A 1 21 ? -28.761 -13.218 1.444   1.00 72.47  ? 21  DA  A "C2'"  1 
ATOM   628  C  "C1'"  . DA  A 1 21 ? -27.534 -12.711 0.708   1.00 58.59  ? 21  DA  A "C1'"  1 
ATOM   629  N  N9     . DA  A 1 21 ? -26.905 -13.700 -0.166  1.00 64.12  ? 21  DA  A N9     1 
ATOM   630  C  C8     . DA  A 1 21 ? -26.418 -14.926 0.190   1.00 61.13  ? 21  DA  A C8     1 
ATOM   631  N  N7     . DA  A 1 21 ? -25.892 -15.597 -0.807  1.00 56.42  ? 21  DA  A N7     1 
ATOM   632  C  C5     . DA  A 1 21 ? -26.037 -14.749 -1.891  1.00 57.03  ? 21  DA  A C5     1 
ATOM   633  C  C6     . DA  A 1 21 ? -25.680 -14.872 -3.248  1.00 51.28  ? 21  DA  A C6     1 
ATOM   634  N  N6     . DA  A 1 21 ? -25.075 -15.949 -3.753  1.00 47.80  ? 21  DA  A N6     1 
ATOM   635  N  N1     . DA  A 1 21 ? -25.969 -13.840 -4.067  1.00 58.40  ? 21  DA  A N1     1 
ATOM   636  C  C2     . DA  A 1 21 ? -26.576 -12.762 -3.555  1.00 68.38  ? 21  DA  A C2     1 
ATOM   637  N  N3     . DA  A 1 21 ? -26.959 -12.532 -2.299  1.00 67.95  ? 21  DA  A N3     1 
ATOM   638  C  C4     . DA  A 1 21 ? -26.657 -13.574 -1.512  1.00 64.90  ? 21  DA  A C4     1 
ATOM   639  H  "H5'"  . DA  A 1 21 ? -25.728 -12.810 4.130   1.00 102.06 ? 21  DA  A "H5'"  1 
ATOM   640  H  "H5''" . DA  A 1 21 ? -27.117 -12.867 4.880   1.00 102.06 ? 21  DA  A "H5''" 1 
ATOM   641  H  "H4'"  . DA  A 1 21 ? -27.157 -11.199 3.241   1.00 90.37  ? 21  DA  A "H4'"  1 
ATOM   642  H  "H3'"  . DA  A 1 21 ? -29.159 -12.855 3.441   1.00 88.91  ? 21  DA  A "H3'"  1 
ATOM   643  H  "HO3'" . DA  A 1 21 ? -30.090 -10.924 3.022   1.00 107.95 ? 21  DA  A "HO3'" 1 
ATOM   644  H  "H2'"  . DA  A 1 21 ? -28.666 -14.158 1.665   1.00 87.13  ? 21  DA  A "H2'"  1 
ATOM   645  H  "H2''" . DA  A 1 21 ? -29.564 -13.064 0.921   1.00 87.13  ? 21  DA  A "H2''" 1 
ATOM   646  H  "H1'"  . DA  A 1 21 ? -27.775 -11.930 0.185   1.00 70.48  ? 21  DA  A "H1'"  1 
ATOM   647  H  H8     . DA  A 1 21 ? -26.459 -15.257 1.058   1.00 73.53  ? 21  DA  A H8     1 
ATOM   648  H  H61    . DA  A 1 21 ? -24.873 -15.976 -4.588  1.00 57.53  ? 21  DA  A H61    1 
ATOM   649  H  H62    . DA  A 1 21 ? -24.887 -16.615 -3.243  1.00 57.53  ? 21  DA  A H62    1 
ATOM   650  H  H2     . DA  A 1 21 ? -26.754 -12.078 -4.159  1.00 82.22  ? 21  DA  A H2     1 
ATOM   651  P  P      . DT  B 2 1  ? -4.189  -7.834  4.692   1.00 113.20 ? 0   DT  B P      1 
ATOM   652  O  OP1    . DT  B 2 1  ? -4.642  -6.536  5.239   1.00 63.49  ? 0   DT  B OP1    1 
ATOM   653  O  OP2    . DT  B 2 1  ? -3.185  -8.640  5.426   1.00 108.22 ? 0   DT  B OP2    1 
ATOM   654  O  "O5'"  . DT  B 2 1  ? -5.475  -8.746  4.409   1.00 77.91  ? 0   DT  B "O5'"  1 
ATOM   655  C  "C5'"  . DT  B 2 1  ? -6.495  -8.282  3.535   1.00 46.58  ? 0   DT  B "C5'"  1 
ATOM   656  C  "C4'"  . DT  B 2 1  ? -6.256  -8.748  2.111   1.00 47.61  ? 0   DT  B "C4'"  1 
ATOM   657  O  "O4'"  . DT  B 2 1  ? -7.327  -8.264  1.281   1.00 49.22  ? 0   DT  B "O4'"  1 
ATOM   658  C  "C3'"  . DT  B 2 1  ? -4.971  -8.241  1.476   1.00 64.30  ? 0   DT  B "C3'"  1 
ATOM   659  O  "O3'"  . DT  B 2 1  ? -3.937  -9.212  1.615   1.00 67.92  ? 0   DT  B "O3'"  1 
ATOM   660  C  "C2'"  . DT  B 2 1  ? -5.339  -8.000  0.012   1.00 52.41  ? 0   DT  B "C2'"  1 
ATOM   661  C  "C1'"  . DT  B 2 1  ? -6.863  -7.901  0.003   1.00 45.27  ? 0   DT  B "C1'"  1 
ATOM   662  N  N1     . DT  B 2 1  ? -7.416  -6.538  -0.308  1.00 47.12  ? 0   DT  B N1     1 
ATOM   663  C  C2     . DT  B 2 1  ? -7.455  -6.102  -1.613  1.00 47.98  ? 0   DT  B C2     1 
ATOM   664  O  O2     . DT  B 2 1  ? -7.011  -6.750  -2.547  1.00 46.52  ? 0   DT  B O2     1 
ATOM   665  N  N3     . DT  B 2 1  ? -8.001  -4.853  -1.780  1.00 44.93  ? 0   DT  B N3     1 
ATOM   666  C  C4     . DT  B 2 1  ? -8.540  -4.036  -0.798  1.00 49.54  ? 0   DT  B C4     1 
ATOM   667  O  O4     . DT  B 2 1  ? -9.009  -2.932  -1.047  1.00 57.50  ? 0   DT  B O4     1 
ATOM   668  C  C5     . DT  B 2 1  ? -8.480  -4.564  0.545   1.00 48.52  ? 0   DT  B C5     1 
ATOM   669  C  C7     . DT  B 2 1  ? -9.020  -3.769  1.703   1.00 43.87  ? 0   DT  B C7     1 
ATOM   670  C  C6     . DT  B 2 1  ? -7.937  -5.775  0.722   1.00 47.27  ? 0   DT  B C6     1 
ATOM   671  H  "H5'"  . DT  B 2 1  ? -6.511  -7.311  3.552   1.00 56.06  ? 0   DT  B "H5'"  1 
ATOM   672  H  "H5''" . DT  B 2 1  ? -7.352  -8.619  3.840   1.00 56.06  ? 0   DT  B "H5''" 1 
ATOM   673  H  "H4'"  . DT  B 2 1  ? -6.256  -9.718  2.092   1.00 57.30  ? 0   DT  B "H4'"  1 
ATOM   674  H  "H3'"  . DT  B 2 1  ? -4.703  -7.407  1.893   1.00 77.33  ? 0   DT  B "H3'"  1 
ATOM   675  H  "H2'"  . DT  B 2 1  ? -4.945  -7.171  -0.302  1.00 63.05  ? 0   DT  B "H2'"  1 
ATOM   676  H  "H2''" . DT  B 2 1  ? -5.046  -8.744  -0.536  1.00 63.05  ? 0   DT  B "H2''" 1 
ATOM   677  H  "H1'"  . DT  B 2 1  ? -7.211  -8.534  -0.645  1.00 54.50  ? 0   DT  B "H1'"  1 
ATOM   678  H  H3     . DT  B 2 1  ? -8.032  -4.554  -2.586  1.00 54.09  ? 0   DT  B H3     1 
ATOM   679  H  H71    . DT  B 2 1  ? -9.738  -4.263  2.128   1.00 52.81  ? 0   DT  B H71    1 
ATOM   680  H  H72    . DT  B 2 1  ? -8.312  -3.612  2.347   1.00 52.81  ? 0   DT  B H72    1 
ATOM   681  H  H73    . DT  B 2 1  ? -9.358  -2.918  1.381   1.00 52.81  ? 0   DT  B H73    1 
ATOM   682  H  H6     . DT  B 2 1  ? -7.903  -6.121  1.585   1.00 56.90  ? 0   DT  B H6     1 
ATOM   683  P  P      . DC  B 2 2  ? -2.394  -8.764  1.632   1.00 56.34  ? 1   DC  B P      1 
ATOM   684  O  OP1    . DC  B 2 2  ? -1.586  -9.987  1.832   1.00 56.99  ? 1   DC  B OP1    1 
ATOM   685  O  OP2    . DC  B 2 2  ? -2.239  -7.617  2.553   1.00 53.31  ? 1   DC  B OP2    1 
ATOM   686  O  "O5'"  . DC  B 2 2  ? -2.142  -8.210  0.157   1.00 48.74  ? 1   DC  B "O5'"  1 
ATOM   687  C  "C5'"  . DC  B 2 2  ? -2.217  -9.088  -0.959  1.00 56.57  ? 1   DC  B "C5'"  1 
ATOM   688  C  "C4'"  . DC  B 2 2  ? -2.149  -8.304  -2.251  1.00 54.74  ? 1   DC  B "C4'"  1 
ATOM   689  O  "O4'"  . DC  B 2 2  ? -3.307  -7.455  -2.351  1.00 67.37  ? 1   DC  B "O4'"  1 
ATOM   690  C  "C3'"  . DC  B 2 2  ? -0.959  -7.368  -2.356  1.00 71.37  ? 1   DC  B "C3'"  1 
ATOM   691  O  "O3'"  . DC  B 2 2  ? 0.139   -8.019  -2.977  1.00 73.37  ? 1   DC  B "O3'"  1 
ATOM   692  C  "C2'"  . DC  B 2 2  ? -1.479  -6.195  -3.186  1.00 68.33  ? 1   DC  B "C2'"  1 
ATOM   693  C  "C1'"  . DC  B 2 2  ? -2.997  -6.304  -3.112  1.00 52.83  ? 1   DC  B "C1'"  1 
ATOM   694  N  N1     . DC  B 2 2  ? -3.674  -5.129  -2.477  1.00 49.92  ? 1   DC  B N1     1 
ATOM   695  C  C2     . DC  B 2 2  ? -4.183  -4.099  -3.279  1.00 58.24  ? 1   DC  B C2     1 
ATOM   696  O  O2     . DC  B 2 2  ? -4.040  -4.163  -4.506  1.00 65.89  ? 1   DC  B O2     1 
ATOM   697  N  N3     . DC  B 2 2  ? -4.814  -3.056  -2.681  1.00 53.61  ? 1   DC  B N3     1 
ATOM   698  C  C4     . DC  B 2 2  ? -4.950  -3.027  -1.352  1.00 56.20  ? 1   DC  B C4     1 
ATOM   699  N  N4     . DC  B 2 2  ? -5.580  -1.980  -0.807  1.00 52.92  ? 1   DC  B N4     1 
ATOM   700  C  C5     . DC  B 2 2  ? -4.446  -4.070  -0.524  1.00 58.30  ? 1   DC  B C5     1 
ATOM   701  C  C6     . DC  B 2 2  ? -3.820  -5.088  -1.122  1.00 49.97  ? 1   DC  B C6     1 
ATOM   702  H  "H5'"  . DC  B 2 2  ? -3.053  -9.577  -0.924  1.00 68.06  ? 1   DC  B "H5'"  1 
ATOM   703  H  "H5''" . DC  B 2 2  ? -1.477  -9.713  -0.924  1.00 68.06  ? 1   DC  B "H5''" 1 
ATOM   704  H  "H4'"  . DC  B 2 2  ? -2.138  -8.921  -2.999  1.00 65.85  ? 1   DC  B "H4'"  1 
ATOM   705  H  "H3'"  . DC  B 2 2  ? -0.704  -7.059  -1.471  1.00 85.81  ? 1   DC  B "H3'"  1 
ATOM   706  H  "H2'"  . DC  B 2 2  ? -1.182  -5.355  -2.804  1.00 82.16  ? 1   DC  B "H2'"  1 
ATOM   707  H  "H2''" . DC  B 2 2  ? -1.180  -6.274  -4.105  1.00 82.16  ? 1   DC  B "H2''" 1 
ATOM   708  H  "H1'"  . DC  B 2 2  ? -3.347  -6.419  -4.010  1.00 63.56  ? 1   DC  B "H1'"  1 
ATOM   709  H  H41    . DC  B 2 2  ? -5.686  -1.938  0.044   1.00 63.67  ? 1   DC  B H41    1 
ATOM   710  H  H42    . DC  B 2 2  ? -5.877  -1.348  -1.310  1.00 63.67  ? 1   DC  B H42    1 
ATOM   711  H  H5     . DC  B 2 2  ? -4.544  -4.041  0.400   1.00 70.13  ? 1   DC  B H5     1 
ATOM   712  H  H6     . DC  B 2 2  ? -3.487  -5.786  -0.605  1.00 60.13  ? 1   DC  B H6     1 
ATOM   713  P  P      . DG  B 2 3  ? 1.608   -7.375  -2.895  1.00 84.75  ? 2   DG  B P      1 
ATOM   714  O  OP1    . DG  B 2 3  ? 2.560   -8.362  -3.451  1.00 73.60  ? 2   DG  B OP1    1 
ATOM   715  O  OP2    . DG  B 2 3  ? 1.803   -6.863  -1.521  1.00 74.84  ? 2   DG  B OP2    1 
ATOM   716  O  "O5'"  . DG  B 2 3  ? 1.526   -6.114  -3.876  1.00 65.65  ? 2   DG  B "O5'"  1 
ATOM   717  C  "C5'"  . DG  B 2 3  ? 1.166   -6.299  -5.235  1.00 64.97  ? 2   DG  B "C5'"  1 
ATOM   718  C  "C4'"  . DG  B 2 3  ? 0.706   -4.994  -5.863  1.00 75.03  ? 2   DG  B "C4'"  1 
ATOM   719  O  "O4'"  . DG  B 2 3  ? -0.312  -4.382  -5.045  1.00 74.32  ? 2   DG  B "O4'"  1 
ATOM   720  C  "C3'"  . DG  B 2 3  ? 1.802   -3.948  -6.014  1.00 76.31  ? 2   DG  B "C3'"  1 
ATOM   721  O  "O3'"  . DG  B 2 3  ? 2.216   -3.888  -7.370  1.00 82.45  ? 2   DG  B "O3'"  1 
ATOM   722  C  "C2'"  . DG  B 2 3  ? 1.172   -2.629  -5.516  1.00 69.24  ? 2   DG  B "C2'"  1 
ATOM   723  C  "C1'"  . DG  B 2 3  ? -0.283  -2.986  -5.231  1.00 57.28  ? 2   DG  B "C1'"  1 
ATOM   724  N  N9     . DG  B 2 3  ? -0.853  -2.360  -4.031  1.00 60.23  ? 2   DG  B N9     1 
ATOM   725  C  C8     . DG  B 2 3  ? -0.768  -2.837  -2.746  1.00 60.40  ? 2   DG  B C8     1 
ATOM   726  N  N7     . DG  B 2 3  ? -1.392  -2.101  -1.871  1.00 57.11  ? 2   DG  B N7     1 
ATOM   727  C  C5     . DG  B 2 3  ? -1.939  -1.071  -2.618  1.00 49.97  ? 2   DG  B C5     1 
ATOM   728  C  C6     . DG  B 2 3  ? -2.724  0.027   -2.202  1.00 58.68  ? 2   DG  B C6     1 
ATOM   729  O  O6     . DG  B 2 3  ? -3.096  0.310   -1.056  1.00 53.66  ? 2   DG  B O6     1 
ATOM   730  N  N1     . DG  B 2 3  ? -3.080  0.846   -3.269  1.00 68.87  ? 2   DG  B N1     1 
ATOM   731  C  C2     . DG  B 2 3  ? -2.723  0.627   -4.580  1.00 67.95  ? 2   DG  B C2     1 
ATOM   732  N  N2     . DG  B 2 3  ? -3.162  1.528   -5.474  1.00 75.52  ? 2   DG  B N2     1 
ATOM   733  N  N3     . DG  B 2 3  ? -1.981  -0.406  -4.989  1.00 57.98  ? 2   DG  B N3     1 
ATOM   734  C  C4     . DG  B 2 3  ? -1.627  -1.212  -3.954  1.00 56.63  ? 2   DG  B C4     1 
ATOM   735  H  "H5'"  . DG  B 2 3  ? 0.446   -6.948  -5.287  1.00 78.13  ? 2   DG  B "H5'"  1 
ATOM   736  H  "H5''" . DG  B 2 3  ? 1.933   -6.635  -5.725  1.00 78.13  ? 2   DG  B "H5''" 1 
ATOM   737  H  "H4'"  . DG  B 2 3  ? 0.333   -5.183  -6.737  1.00 90.21  ? 2   DG  B "H4'"  1 
ATOM   738  H  "H3'"  . DG  B 2 3  ? 2.557   -4.182  -5.451  1.00 91.74  ? 2   DG  B "H3'"  1 
ATOM   739  H  "H2'"  . DG  B 2 3  ? 1.613   -2.327  -4.706  1.00 83.26  ? 2   DG  B "H2'"  1 
ATOM   740  H  "H2''" . DG  B 2 3  ? 1.225   -1.948  -6.205  1.00 83.26  ? 2   DG  B "H2''" 1 
ATOM   741  H  "H1'"  . DG  B 2 3  ? -0.825  -2.755  -6.000  1.00 68.90  ? 2   DG  B "H1'"  1 
ATOM   742  H  H8     . DG  B 2 3  ? -0.304  -3.611  -2.520  1.00 72.65  ? 2   DG  B H8     1 
ATOM   743  H  H1     . DG  B 2 3  ? -3.559  1.538   -3.097  1.00 82.81  ? 2   DG  B H1     1 
ATOM   744  H  H21    . DG  B 2 3  ? -2.967  1.439   -6.308  1.00 90.79  ? 2   DG  B H21    1 
ATOM   745  H  H22    . DG  B 2 3  ? -3.639  2.195   -5.214  1.00 90.79  ? 2   DG  B H22    1 
ATOM   746  P  P      . DT  B 2 4  ? 3.383   -2.888  -7.823  1.00 105.86 ? 3   DT  B P      1 
ATOM   747  O  OP1    . DT  B 2 4  ? 4.013   -3.444  -9.042  1.00 85.65  ? 3   DT  B OP1    1 
ATOM   748  O  OP2    . DT  B 2 4  ? 4.214   -2.584  -6.638  1.00 82.12  ? 3   DT  B OP2    1 
ATOM   749  O  "O5'"  . DT  B 2 4  ? 2.586   -1.566  -8.211  1.00 90.11  ? 3   DT  B "O5'"  1 
ATOM   750  C  "C5'"  . DT  B 2 4  ? 3.285   -0.414  -8.574  1.00 77.58  ? 3   DT  B "C5'"  1 
ATOM   751  C  "C4'"  . DT  B 2 4  ? 2.336   0.746   -8.745  1.00 71.45  ? 3   DT  B "C4'"  1 
ATOM   752  O  "O4'"  . DT  B 2 4  ? 1.384   0.772   -7.633  1.00 72.41  ? 3   DT  B "O4'"  1 
ATOM   753  C  "C3'"  . DT  B 2 4  ? 3.008   2.117   -8.750  1.00 72.57  ? 3   DT  B "C3'"  1 
ATOM   754  O  "O3'"  . DT  B 2 4  ? 2.426   2.954   -9.748  1.00 75.53  ? 3   DT  B "O3'"  1 
ATOM   755  C  "C2'"  . DT  B 2 4  ? 2.743   2.614   -7.338  1.00 74.96  ? 3   DT  B "C2'"  1 
ATOM   756  C  "C1'"  . DT  B 2 4  ? 1.348   2.080   -7.104  1.00 63.97  ? 3   DT  B "C1'"  1 
ATOM   757  N  N1     . DT  B 2 4  ? 0.926   2.047   -5.666  1.00 60.14  ? 3   DT  B N1     1 
ATOM   758  C  C2     . DT  B 2 4  ? 0.100   3.041   -5.197  1.00 71.98  ? 3   DT  B C2     1 
ATOM   759  O  O2     . DT  B 2 4  ? -0.315  3.950   -5.896  1.00 84.74  ? 3   DT  B O2     1 
ATOM   760  N  N3     . DT  B 2 4  ? -0.232  2.938   -3.874  1.00 68.85  ? 3   DT  B N3     1 
ATOM   761  C  C4     . DT  B 2 4  ? 0.173   1.960   -2.987  1.00 60.08  ? 3   DT  B C4     1 
ATOM   762  O  O4     . DT  B 2 4  ? -0.182  1.953   -1.812  1.00 60.74  ? 3   DT  B O4     1 
ATOM   763  C  C5     . DT  B 2 4  ? 1.041   0.947   -3.538  1.00 51.69  ? 3   DT  B C5     1 
ATOM   764  C  C7     . DT  B 2 4  ? 1.543   -0.163  -2.663  1.00 55.46  ? 3   DT  B C7     1 
ATOM   765  C  C6     . DT  B 2 4  ? 1.376   1.036   -4.839  1.00 57.48  ? 3   DT  B C6     1 
ATOM   766  H  "H5'"  . DT  B 2 4  ? 3.752   -0.572  -9.409  1.00 93.26  ? 3   DT  B "H5'"  1 
ATOM   767  H  "H5''" . DT  B 2 4  ? 3.931   -0.200  -7.882  1.00 93.26  ? 3   DT  B "H5''" 1 
ATOM   768  H  "H4'"  . DT  B 2 4  ? 1.847   0.633   -9.575  1.00 85.91  ? 3   DT  B "H4'"  1 
ATOM   769  H  "H3'"  . DT  B 2 4  ? 3.962   2.023   -8.901  1.00 87.25  ? 3   DT  B "H3'"  1 
ATOM   770  H  "H2'"  . DT  B 2 4  ? 3.373   2.229   -6.708  1.00 90.12  ? 3   DT  B "H2'"  1 
ATOM   771  H  "H2''" . DT  B 2 4  ? 2.756   3.583   -7.300  1.00 90.12  ? 3   DT  B "H2''" 1 
ATOM   772  H  "H1'"  . DT  B 2 4  ? 0.714   2.612   -7.612  1.00 76.93  ? 3   DT  B "H1'"  1 
ATOM   773  H  H3     . DT  B 2 4  ? -0.751  3.548   -3.561  1.00 82.79  ? 3   DT  B H3     1 
ATOM   774  H  H71    . DT  B 2 4  ? 1.249   -1.015  -3.021  1.00 66.72  ? 3   DT  B H71    1 
ATOM   775  H  H72    . DT  B 2 4  ? 2.512   -0.140  -2.637  1.00 66.72  ? 3   DT  B H72    1 
ATOM   776  H  H73    . DT  B 2 4  ? 1.191   -0.051  -1.766  1.00 66.72  ? 3   DT  B H73    1 
ATOM   777  H  H6     . DT  B 2 4  ? 1.936   0.385   -5.197  1.00 69.14  ? 3   DT  B H6     1 
ATOM   778  P  P      . DC  B 2 5  ? 3.285   4.120   -10.445 1.00 84.94  ? 4   DC  B P      1 
ATOM   779  O  OP1    . DC  B 2 5  ? 3.178   3.942   -11.910 1.00 76.11  ? 4   DC  B OP1    1 
ATOM   780  O  OP2    . DC  B 2 5  ? 4.616   4.151   -9.798  1.00 58.62  ? 4   DC  B OP2    1 
ATOM   781  O  "O5'"  . DC  B 2 5  ? 2.512   5.451   -10.018 1.00 71.32  ? 4   DC  B "O5'"  1 
ATOM   782  C  "C5'"  . DC  B 2 5  ? 2.127   5.607   -8.673  1.00 57.54  ? 4   DC  B "C5'"  1 
ATOM   783  C  "C4'"  . DC  B 2 5  ? 1.434   6.927   -8.429  1.00 51.98  ? 4   DC  B "C4'"  1 
ATOM   784  O  "O4'"  . DC  B 2 5  ? 0.811   6.899   -7.122  1.00 57.48  ? 4   DC  B "O4'"  1 
ATOM   785  C  "C3'"  . DC  B 2 5  ? 2.338   8.135   -8.377  1.00 46.73  ? 4   DC  B "C3'"  1 
ATOM   786  O  "O3'"  . DC  B 2 5  ? 1.592   9.319   -8.625  1.00 39.16  ? 4   DC  B "O3'"  1 
ATOM   787  C  "C2'"  . DC  B 2 5  ? 2.868   8.065   -6.948  1.00 47.32  ? 4   DC  B "C2'"  1 
ATOM   788  C  "C1'"  . DC  B 2 5  ? 1.659   7.537   -6.173  1.00 48.61  ? 4   DC  B "C1'"  1 
ATOM   789  N  N1     . DC  B 2 5  ? 1.984   6.541   -5.088  1.00 43.66  ? 4   DC  B N1     1 
ATOM   790  C  C2     . DC  B 2 5  ? 1.433   6.707   -3.807  1.00 54.16  ? 4   DC  B C2     1 
ATOM   791  O  O2     . DC  B 2 5  ? 0.706   7.682   -3.583  1.00 64.86  ? 4   DC  B O2     1 
ATOM   792  N  N3     . DC  B 2 5  ? 1.719   5.794   -2.846  1.00 47.73  ? 4   DC  B N3     1 
ATOM   793  C  C4     . DC  B 2 5  ? 2.504   4.755   -3.123  1.00 53.67  ? 4   DC  B C4     1 
ATOM   794  N  N4     . DC  B 2 5  ? 2.757   3.883   -2.141  1.00 57.75  ? 4   DC  B N4     1 
ATOM   795  C  C5     . DC  B 2 5  ? 3.067   4.563   -4.419  1.00 51.74  ? 4   DC  B C5     1 
ATOM   796  C  C6     . DC  B 2 5  ? 2.779   5.468   -5.362  1.00 40.04  ? 4   DC  B C6     1 
ATOM   797  H  "H5'"  . DC  B 2 5  ? 2.917   5.557   -8.111  1.00 69.21  ? 4   DC  B "H5'"  1 
ATOM   798  H  "H5''" . DC  B 2 5  ? 1.525   4.885   -8.433  1.00 69.21  ? 4   DC  B "H5''" 1 
ATOM   799  H  "H4'"  . DC  B 2 5  ? 0.753   7.064   -9.106  1.00 62.54  ? 4   DC  B "H4'"  1 
ATOM   800  H  "H3'"  . DC  B 2 5  ? 3.063   8.044   -9.015  1.00 56.24  ? 4   DC  B "H3'"  1 
ATOM   801  H  "H2'"  . DC  B 2 5  ? 3.613   7.446   -6.887  1.00 56.96  ? 4   DC  B "H2'"  1 
ATOM   802  H  "H2''" . DC  B 2 5  ? 3.122   8.946   -6.633  1.00 56.96  ? 4   DC  B "H2''" 1 
ATOM   803  H  "H1'"  . DC  B 2 5  ? 1.184   8.287   -5.781  1.00 58.50  ? 4   DC  B "H1'"  1 
ATOM   804  H  H41    . DC  B 2 5  ? 3.256   3.199   -2.291  1.00 69.46  ? 4   DC  B H41    1 
ATOM   805  H  H42    . DC  B 2 5  ? 2.419   4.005   -1.360  1.00 69.46  ? 4   DC  B H42    1 
ATOM   806  H  H5     . DC  B 2 5  ? 3.615   3.835   -4.602  1.00 62.25  ? 4   DC  B H5     1 
ATOM   807  H  H6     . DC  B 2 5  ? 3.134   5.367   -6.215  1.00 48.22  ? 4   DC  B H6     1 
ATOM   808  P  P      . DA  B 2 6  ? 2.272   10.586  -9.336  1.00 55.45  ? 5   DA  B P      1 
ATOM   809  O  OP1    . DA  B 2 6  ? 1.388   11.018  -10.441 1.00 56.88  ? 5   DA  B OP1    1 
ATOM   810  O  OP2    . DA  B 2 6  ? 3.679   10.237  -9.628  1.00 72.92  ? 5   DA  B OP2    1 
ATOM   811  O  "O5'"  . DA  B 2 6  ? 2.262   11.706  -8.196  1.00 44.12  ? 5   DA  B "O5'"  1 
ATOM   812  C  "C5'"  . DA  B 2 6  ? 3.355   11.808  -7.294  1.00 54.48  ? 5   DA  B "C5'"  1 
ATOM   813  C  "C4'"  . DA  B 2 6  ? 2.884   12.206  -5.908  1.00 51.10  ? 5   DA  B "C4'"  1 
ATOM   814  O  "O4'"  . DA  B 2 6  ? 2.750   11.015  -5.087  1.00 55.98  ? 5   DA  B "O4'"  1 
ATOM   815  C  "C3'"  . DA  B 2 6  ? 3.827   13.147  -5.163  1.00 41.11  ? 5   DA  B "C3'"  1 
ATOM   816  O  "O3'"  . DA  B 2 6  ? 3.110   14.213  -4.567  1.00 30.37  ? 5   DA  B "O3'"  1 
ATOM   817  C  "C2'"  . DA  B 2 6  ? 4.511   12.264  -4.128  1.00 59.07  ? 5   DA  B "C2'"  1 
ATOM   818  C  "C1'"  . DA  B 2 6  ? 3.538   11.117  -3.917  1.00 47.32  ? 5   DA  B "C1'"  1 
ATOM   819  N  N9     . DA  B 2 6  ? 4.200   9.835   -3.695  1.00 37.98  ? 5   DA  B N9     1 
ATOM   820  C  C8     . DA  B 2 6  ? 4.985   9.156   -4.581  1.00 39.89  ? 5   DA  B C8     1 
ATOM   821  N  N7     . DA  B 2 6  ? 5.451   8.023   -4.116  1.00 44.76  ? 5   DA  B N7     1 
ATOM   822  C  C5     . DA  B 2 6  ? 4.937   7.953   -2.835  1.00 42.55  ? 5   DA  B C5     1 
ATOM   823  C  C6     . DA  B 2 6  ? 5.062   6.990   -1.816  1.00 43.50  ? 5   DA  B C6     1 
ATOM   824  N  N6     . DA  B 2 6  ? 5.778   5.869   -1.947  1.00 48.74  ? 5   DA  B N6     1 
ATOM   825  N  N1     . DA  B 2 6  ? 4.422   7.224   -0.654  1.00 44.31  ? 5   DA  B N1     1 
ATOM   826  C  C2     . DA  B 2 6  ? 3.705   8.348   -0.528  1.00 54.09  ? 5   DA  B C2     1 
ATOM   827  N  N3     . DA  B 2 6  ? 3.515   9.325   -1.413  1.00 53.20  ? 5   DA  B N3     1 
ATOM   828  C  C4     . DA  B 2 6  ? 4.163   9.064   -2.556  1.00 45.13  ? 5   DA  B C4     1 
ATOM   829  H  "H5'"  . DA  B 2 6  ? 3.977   12.475  -7.623  1.00 65.54  ? 5   DA  B "H5'"  1 
ATOM   830  H  "H5''" . DA  B 2 6  ? 3.806   10.951  -7.243  1.00 65.54  ? 5   DA  B "H5''" 1 
ATOM   831  H  "H4'"  . DA  B 2 6  ? 2.016   12.632  -5.983  1.00 61.49  ? 5   DA  B "H4'"  1 
ATOM   832  H  "H3'"  . DA  B 2 6  ? 4.488   13.502  -5.779  1.00 49.50  ? 5   DA  B "H3'"  1 
ATOM   833  H  "HO3'" . DA  B 2 6  ? 3.116   14.306  -3.732  1.00 36.62  ? 5   DA  B "HO3'" 1 
ATOM   834  H  "H2'"  . DA  B 2 6  ? 5.357   11.934  -4.469  1.00 71.05  ? 5   DA  B "H2'"  1 
ATOM   835  H  "H2''" . DA  B 2 6  ? 4.644   12.753  -3.300  1.00 71.05  ? 5   DA  B "H2''" 1 
ATOM   836  H  "H1'"  . DA  B 2 6  ? 2.964   11.318  -3.161  1.00 56.95  ? 5   DA  B "H1'"  1 
ATOM   837  H  H8     . DA  B 2 6  ? 5.171   9.468   -5.437  1.00 48.04  ? 5   DA  B H8     1 
ATOM   838  H  H61    . DA  B 2 6  ? 5.822   5.307   -1.297  1.00 58.66  ? 5   DA  B H61    1 
ATOM   839  H  H62    . DA  B 2 6  ? 6.195   5.708   -2.682  1.00 58.66  ? 5   DA  B H62    1 
ATOM   840  H  H2     . DA  B 2 6  ? 3.282   8.462   0.292   1.00 65.07  ? 5   DA  B H2     1 
ATOM   841  O  "O5'"  . DT  C 3 1  ? -27.706 -25.916 -11.056 1.00 79.51  ? 1   DT  C "O5'"  1 
ATOM   842  C  "C5'"  . DT  C 3 1  ? -26.613 -25.031 -10.847 1.00 67.31  ? 1   DT  C "C5'"  1 
ATOM   843  C  "C4'"  . DT  C 3 1  ? -26.997 -23.612 -11.218 1.00 59.48  ? 1   DT  C "C4'"  1 
ATOM   844  O  "O4'"  . DT  C 3 1  ? -28.050 -23.163 -10.353 1.00 58.48  ? 1   DT  C "O4'"  1 
ATOM   845  C  "C3'"  . DT  C 3 1  ? -25.894 -22.580 -11.037 1.00 72.97  ? 1   DT  C "C3'"  1 
ATOM   846  O  "O3'"  . DT  C 3 1  ? -25.138 -22.439 -12.244 1.00 76.95  ? 1   DT  C "O3'"  1 
ATOM   847  C  "C2'"  . DT  C 3 1  ? -26.650 -21.290 -10.687 1.00 70.25  ? 1   DT  C "C2'"  1 
ATOM   848  C  "C1'"  . DT  C 3 1  ? -28.078 -21.760 -10.391 1.00 66.25  ? 1   DT  C "C1'"  1 
ATOM   849  N  N1     . DT  C 3 1  ? -28.619 -21.253 -9.098  1.00 69.62  ? 1   DT  C N1     1 
ATOM   850  C  C2     . DT  C 3 1  ? -29.343 -20.085 -9.090  1.00 75.84  ? 1   DT  C C2     1 
ATOM   851  O  O2     . DT  C 3 1  ? -29.573 -19.435 -10.094 1.00 81.19  ? 1   DT  C O2     1 
ATOM   852  N  N3     . DT  C 3 1  ? -29.799 -19.701 -7.858  1.00 71.66  ? 1   DT  C N3     1 
ATOM   853  C  C4     . DT  C 3 1  ? -29.605 -20.353 -6.656  1.00 69.06  ? 1   DT  C C4     1 
ATOM   854  O  O4     . DT  C 3 1  ? -30.056 -19.924 -5.598  1.00 57.52  ? 1   DT  C O4     1 
ATOM   855  C  C5     . DT  C 3 1  ? -28.835 -21.573 -6.732  1.00 66.59  ? 1   DT  C C5     1 
ATOM   856  C  C7     . DT  C 3 1  ? -28.558 -22.367 -5.490  1.00 66.37  ? 1   DT  C C7     1 
ATOM   857  C  C6     . DT  C 3 1  ? -28.384 -21.960 -7.936  1.00 65.65  ? 1   DT  C C6     1 
ATOM   858  P  P      . DC  C 3 2  ? -25.836 -21.927 -13.602 1.00 105.36 ? 2   DC  C P      1 
ATOM   859  O  OP1    . DC  C 3 2  ? -27.015 -22.781 -13.870 1.00 91.08  ? 2   DC  C OP1    1 
ATOM   860  O  OP2    . DC  C 3 2  ? -24.765 -21.813 -14.618 1.00 67.68  ? 2   DC  C OP2    1 
ATOM   861  O  "O5'"  . DC  C 3 2  ? -26.367 -20.457 -13.255 1.00 69.83  ? 2   DC  C "O5'"  1 
ATOM   862  C  "C5'"  . DC  C 3 2  ? -25.623 -19.325 -13.668 1.00 70.91  ? 2   DC  C "C5'"  1 
ATOM   863  C  "C4'"  . DC  C 3 2  ? -26.466 -18.063 -13.612 1.00 79.29  ? 2   DC  C "C4'"  1 
ATOM   864  O  "O4'"  . DC  C 3 2  ? -27.212 -18.022 -12.359 1.00 67.14  ? 2   DC  C "O4'"  1 
ATOM   865  C  "C3'"  . DC  C 3 2  ? -25.672 -16.766 -13.635 1.00 80.57  ? 2   DC  C "C3'"  1 
ATOM   866  O  "O3'"  . DC  C 3 2  ? -26.443 -15.721 -14.215 1.00 85.09  ? 2   DC  C "O3'"  1 
ATOM   867  C  "C2'"  . DC  C 3 2  ? -25.415 -16.546 -12.158 1.00 85.84  ? 2   DC  C "C2'"  1 
ATOM   868  C  "C1'"  . DC  C 3 2  ? -26.769 -16.915 -11.583 1.00 71.15  ? 2   DC  C "C1'"  1 
ATOM   869  N  N1     . DC  C 3 2  ? -26.764 -17.318 -10.141 1.00 72.88  ? 2   DC  C N1     1 
ATOM   870  C  C2     . DC  C 3 2  ? -27.459 -16.547 -9.198  1.00 75.88  ? 2   DC  C C2     1 
ATOM   871  O  O2     . DC  C 3 2  ? -28.049 -15.524 -9.566  1.00 69.88  ? 2   DC  C O2     1 
ATOM   872  N  N3     . DC  C 3 2  ? -27.459 -16.943 -7.899  1.00 68.19  ? 2   DC  C N3     1 
ATOM   873  C  C4     . DC  C 3 2  ? -26.812 -18.052 -7.539  1.00 68.26  ? 2   DC  C C4     1 
ATOM   874  N  N4     . DC  C 3 2  ? -26.839 -18.404 -6.250  1.00 62.27  ? 2   DC  C N4     1 
ATOM   875  C  C5     . DC  C 3 2  ? -26.107 -18.852 -8.486  1.00 59.93  ? 2   DC  C C5     1 
ATOM   876  C  C6     . DC  C 3 2  ? -26.112 -18.452 -9.762  1.00 61.25  ? 2   DC  C C6     1 
ATOM   877  H  "H5'"  . DC  C 3 2  ? -25.315 -19.461 -14.578 1.00 85.26  ? 2   DC  C "H5'"  1 
ATOM   878  H  "H5''" . DC  C 3 2  ? -24.855 -19.220 -13.086 1.00 85.26  ? 2   DC  C "H5''" 1 
ATOM   879  H  "H4'"  . DC  C 3 2  ? -27.091 -18.066 -14.354 1.00 95.32  ? 2   DC  C "H4'"  1 
ATOM   880  H  "H3'"  . DC  C 3 2  ? -24.837 -16.885 -14.115 1.00 96.85  ? 2   DC  C "H3'"  1 
ATOM   881  H  "H2'"  . DC  C 3 2  ? -24.722 -17.142 -11.831 1.00 103.17 ? 2   DC  C "H2'"  1 
ATOM   882  H  "H2''" . DC  C 3 2  ? -25.198 -15.619 -11.975 1.00 103.17 ? 2   DC  C "H2''" 1 
ATOM   883  H  "H1'"  . DC  C 3 2  ? -27.382 -16.173 -11.706 1.00 85.54  ? 2   DC  C "H1'"  1 
ATOM   884  H  H41    . DC  C 3 2  ? -26.432 -19.116 -5.989  1.00 74.90  ? 2   DC  C H41    1 
ATOM   885  H  H42    . DC  C 3 2  ? -27.264 -17.919 -5.680  1.00 74.90  ? 2   DC  C H42    1 
ATOM   886  H  H5     . DC  C 3 2  ? -25.659 -19.624 -8.225  1.00 72.08  ? 2   DC  C H5     1 
ATOM   887  H  H6     . DC  C 3 2  ? -25.661 -18.957 -10.401 1.00 73.67  ? 2   DC  C H6     1 
ATOM   888  P  P      . DT  C 3 3  ? -25.757 -14.328 -14.622 1.00 114.61 ? 3   DT  C P      1 
ATOM   889  O  OP1    . DT  C 3 3  ? -26.752 -13.555 -15.399 1.00 96.80  ? 3   DT  C OP1    1 
ATOM   890  O  OP2    . DT  C 3 3  ? -24.438 -14.648 -15.216 1.00 83.60  ? 3   DT  C OP2    1 
ATOM   891  O  "O5'"  . DT  C 3 3  ? -25.546 -13.576 -13.223 1.00 97.29  ? 3   DT  C "O5'"  1 
ATOM   892  C  "C5'"  . DT  C 3 3  ? -26.635 -13.453 -12.308 1.00 83.15  ? 3   DT  C "C5'"  1 
ATOM   893  C  "C4'"  . DT  C 3 3  ? -26.858 -12.006 -11.898 1.00 93.15  ? 3   DT  C "C4'"  1 
ATOM   894  O  "O4'"  . DT  C 3 3  ? -27.063 -11.939 -10.467 1.00 99.76  ? 3   DT  C "O4'"  1 
ATOM   895  C  "C3'"  . DT  C 3 3  ? -25.707 -11.056 -12.173 1.00 88.34  ? 3   DT  C "C3'"  1 
ATOM   896  O  "O3'"  . DT  C 3 3  ? -26.204 -9.741  -12.406 1.00 83.20  ? 3   DT  C "O3'"  1 
ATOM   897  C  "C2'"  . DT  C 3 3  ? -24.856 -11.153 -10.905 1.00 85.61  ? 3   DT  C "C2'"  1 
ATOM   898  C  "C1'"  . DT  C 3 3  ? -25.861 -11.556 -9.813  1.00 86.63  ? 3   DT  C "C1'"  1 
ATOM   899  N  N1     . DT  C 3 3  ? -25.424 -12.703 -8.925  1.00 67.62  ? 3   DT  C N1     1 
ATOM   900  C  C2     . DT  C 3 3  ? -25.846 -12.727 -7.612  1.00 68.94  ? 3   DT  C C2     1 
ATOM   901  O  O2     . DT  C 3 3  ? -26.547 -11.858 -7.120  1.00 70.00  ? 3   DT  C O2     1 
ATOM   902  N  N3     . DT  C 3 3  ? -25.419 -13.814 -6.892  1.00 53.72  ? 3   DT  C N3     1 
ATOM   903  C  C4     . DT  C 3 3  ? -24.632 -14.855 -7.341  1.00 60.01  ? 3   DT  C C4     1 
ATOM   904  O  O4     . DT  C 3 3  ? -24.299 -15.786 -6.617  1.00 63.61  ? 3   DT  C O4     1 
ATOM   905  C  C5     . DT  C 3 3  ? -24.229 -14.774 -8.723  1.00 64.61  ? 3   DT  C C5     1 
ATOM   906  C  C7     . DT  C 3 3  ? -23.370 -15.852 -9.318  1.00 61.87  ? 3   DT  C C7     1 
ATOM   907  C  C6     . DT  C 3 3  ? -24.642 -13.719 -9.443  1.00 52.44  ? 3   DT  C C6     1 
ATOM   908  H  "H5'"  . DT  C 3 3  ? -26.444 -13.980 -11.517 1.00 99.95  ? 3   DT  C "H5'"  1 
ATOM   909  H  "H5''" . DT  C 3 3  ? -27.441 -13.791 -12.728 1.00 99.95  ? 3   DT  C "H5''" 1 
ATOM   910  H  "H4'"  . DT  C 3 3  ? -27.653 -11.674 -12.344 1.00 111.94 ? 3   DT  C "H4'"  1 
ATOM   911  H  "H3'"  . DT  C 3 3  ? -25.199 -11.363 -12.939 1.00 106.17 ? 3   DT  C "H3'"  1 
ATOM   912  H  "H2'"  . DT  C 3 3  ? -24.172 -11.835 -11.006 1.00 102.91 ? 3   DT  C "H2'"  1 
ATOM   913  H  "H2''" . DT  C 3 3  ? -24.455 -10.295 -10.698 1.00 102.91 ? 3   DT  C "H2''" 1 
ATOM   914  H  "H1'"  . DT  C 3 3  ? -26.043 -10.783 -9.257  1.00 104.12 ? 3   DT  C "H1'"  1 
ATOM   915  H  H3     . DT  C 3 3  ? -25.670 -13.850 -6.069  1.00 64.64  ? 3   DT  C H3     1 
ATOM   916  H  H71    . DT  C 3 3  ? -23.154 -16.506 -8.636  1.00 74.41  ? 3   DT  C H71    1 
ATOM   917  H  H72    . DT  C 3 3  ? -23.848 -16.285 -10.041 1.00 74.41  ? 3   DT  C H72    1 
ATOM   918  H  H73    . DT  C 3 3  ? -22.551 -15.460 -9.660  1.00 74.41  ? 3   DT  C H73    1 
ATOM   919  H  H6     . DT  C 3 3  ? -24.380 -13.664 -10.334 1.00 63.09  ? 3   DT  C H6     1 
ATOM   920  P  P      . DG  C 3 4  ? -25.194 -8.522  -12.677 1.00 95.67  ? 4   DG  C P      1 
ATOM   921  O  OP1    . DG  C 3 4  ? -25.894 -7.531  -13.526 1.00 103.57 ? 4   DG  C OP1    1 
ATOM   922  O  OP2    . DG  C 3 4  ? -23.907 -9.093  -13.127 1.00 88.56  ? 4   DG  C OP2    1 
ATOM   923  O  "O5'"  . DG  C 3 4  ? -24.972 -7.895  -11.225 1.00 91.14  ? 4   DG  C "O5'"  1 
ATOM   924  C  "C5'"  . DG  C 3 4  ? -26.092 -7.621  -10.392 1.00 85.85  ? 4   DG  C "C5'"  1 
ATOM   925  C  "C4'"  . DG  C 3 4  ? -25.642 -7.116  -9.035  1.00 89.36  ? 4   DG  C "C4'"  1 
ATOM   926  O  "O4'"  . DG  C 3 4  ? -25.146 -8.232  -8.240  1.00 84.34  ? 4   DG  C "O4'"  1 
ATOM   927  C  "C3'"  . DG  C 3 4  ? -24.499 -6.109  -9.074  1.00 78.82  ? 4   DG  C "C3'"  1 
ATOM   928  O  "O3'"  . DG  C 3 4  ? -24.625 -5.175  -8.018  1.00 72.00  ? 4   DG  C "O3'"  1 
ATOM   929  C  "C2'"  . DG  C 3 4  ? -23.275 -6.993  -8.916  1.00 71.82  ? 4   DG  C "C2'"  1 
ATOM   930  C  "C1'"  . DG  C 3 4  ? -23.780 -8.026  -7.922  1.00 71.21  ? 4   DG  C "C1'"  1 
ATOM   931  N  N9     . DG  C 3 4  ? -23.088 -9.313  -7.969  1.00 61.50  ? 4   DG  C N9     1 
ATOM   932  C  C8     . DG  C 3 4  ? -22.367 -9.845  -9.013  1.00 66.66  ? 4   DG  C C8     1 
ATOM   933  N  N7     . DG  C 3 4  ? -21.870 -11.024 -8.752  1.00 62.40  ? 4   DG  C N7     1 
ATOM   934  C  C5     . DG  C 3 4  ? -22.291 -11.290 -7.455  1.00 61.34  ? 4   DG  C C5     1 
ATOM   935  C  C6     . DG  C 3 4  ? -22.063 -12.420 -6.631  1.00 53.71  ? 4   DG  C C6     1 
ATOM   936  O  O6     . DG  C 3 4  ? -21.420 -13.446 -6.891  1.00 51.17  ? 4   DG  C O6     1 
ATOM   937  N  N1     . DG  C 3 4  ? -22.671 -12.278 -5.385  1.00 51.21  ? 4   DG  C N1     1 
ATOM   938  C  C2     . DG  C 3 4  ? -23.403 -11.183 -4.988  1.00 64.00  ? 4   DG  C C2     1 
ATOM   939  N  N2     . DG  C 3 4  ? -23.918 -11.222 -3.751  1.00 65.84  ? 4   DG  C N2     1 
ATOM   940  N  N3     . DG  C 3 4  ? -23.624 -10.124 -5.750  1.00 63.74  ? 4   DG  C N3     1 
ATOM   941  C  C4     . DG  C 3 4  ? -23.041 -10.245 -6.963  1.00 62.65  ? 4   DG  C C4     1 
ATOM   942  H  "H5'"  . DG  C 3 4  ? -26.608 -8.434  -10.274 1.00 103.19 ? 4   DG  C "H5'"  1 
ATOM   943  H  "H5''" . DG  C 3 4  ? -26.648 -6.947  -10.814 1.00 103.19 ? 4   DG  C "H5''" 1 
ATOM   944  H  "H4'"  . DG  C 3 4  ? -26.399 -6.716  -8.579  1.00 107.40 ? 4   DG  C "H4'"  1 
ATOM   945  H  "H3'"  . DG  C 3 4  ? -24.480 -5.654  -9.930  1.00 94.75  ? 4   DG  C "H3'"  1 
ATOM   946  H  "H2'"  . DG  C 3 4  ? -23.037 -7.409  -9.758  1.00 86.35  ? 4   DG  C "H2'"  1 
ATOM   947  H  "H2''" . DG  C 3 4  ? -22.530 -6.492  -8.548  1.00 86.35  ? 4   DG  C "H2''" 1 
ATOM   948  H  "H1'"  . DG  C 3 4  ? -23.714 -7.662  -7.025  1.00 85.62  ? 4   DG  C "H1'"  1 
ATOM   949  H  H8     . DG  C 3 4  ? -22.246 -9.407  -9.824  1.00 80.16  ? 4   DG  C H8     1 
ATOM   950  H  H1     . DG  C 3 4  ? -22.579 -12.922 -4.822  1.00 61.62  ? 4   DG  C H1     1 
ATOM   951  H  H21    . DG  C 3 4  ? -24.386 -10.563 -3.459  1.00 79.18  ? 4   DG  C H21    1 
ATOM   952  H  H22    . DG  C 3 4  ? -23.779 -11.906 -3.248  1.00 79.18  ? 4   DG  C H22    1 
ATOM   953  P  P      . DA  C 3 5  ? -24.322 -3.621  -8.273  1.00 100.17 ? 5   DA  C P      1 
ATOM   954  O  OP1    . DA  C 3 5  ? -25.579 -3.001  -8.751  1.00 81.20  ? 5   DA  C OP1    1 
ATOM   955  O  OP2    . DA  C 3 5  ? -23.094 -3.535  -9.096  1.00 102.17 ? 5   DA  C OP2    1 
ATOM   956  O  "O5'"  . DA  C 3 5  ? -23.999 -3.051  -6.813  1.00 85.42  ? 5   DA  C "O5'"  1 
ATOM   957  C  "C5'"  . DA  C 3 5  ? -25.064 -2.781  -5.906  1.00 90.06  ? 5   DA  C "C5'"  1 
ATOM   958  C  "C4'"  . DA  C 3 5  ? -24.773 -3.349  -4.528  1.00 80.41  ? 5   DA  C "C4'"  1 
ATOM   959  O  "O4'"  . DA  C 3 5  ? -24.220 -4.691  -4.663  1.00 66.52  ? 5   DA  C "O4'"  1 
ATOM   960  C  "C3'"  . DA  C 3 5  ? -23.749 -2.572  -3.708  1.00 75.28  ? 5   DA  C "C3'"  1 
ATOM   961  O  "O3'"  . DA  C 3 5  ? -24.060 -2.652  -2.314  1.00 73.48  ? 5   DA  C "O3'"  1 
ATOM   962  C  "C2'"  . DA  C 3 5  ? -22.456 -3.285  -4.062  1.00 71.76  ? 5   DA  C "C2'"  1 
ATOM   963  C  "C1'"  . DA  C 3 5  ? -22.923 -4.729  -4.094  1.00 56.94  ? 5   DA  C "C1'"  1 
ATOM   964  N  N9     . DA  C 3 5  ? -22.089 -5.630  -4.885  1.00 61.92  ? 5   DA  C N9     1 
ATOM   965  C  C8     . DA  C 3 5  ? -21.644 -5.439  -6.165  1.00 70.36  ? 5   DA  C C8     1 
ATOM   966  N  N7     . DA  C 3 5  ? -20.917 -6.432  -6.624  1.00 67.26  ? 5   DA  C N7     1 
ATOM   967  C  C5     . DA  C 3 5  ? -20.891 -7.340  -5.577  1.00 64.85  ? 5   DA  C C5     1 
ATOM   968  C  C6     . DA  C 3 5  ? -20.287 -8.605  -5.430  1.00 58.01  ? 5   DA  C C6     1 
ATOM   969  N  N6     . DA  C 3 5  ? -19.565 -9.187  -6.391  1.00 54.03  ? 5   DA  C N6     1 
ATOM   970  N  N1     . DA  C 3 5  ? -20.457 -9.248  -4.254  1.00 48.68  ? 5   DA  C N1     1 
ATOM   971  C  C2     . DA  C 3 5  ? -21.181 -8.658  -3.296  1.00 57.58  ? 5   DA  C C2     1 
ATOM   972  N  N3     . DA  C 3 5  ? -21.796 -7.476  -3.318  1.00 54.73  ? 5   DA  C N3     1 
ATOM   973  C  C4     . DA  C 3 5  ? -21.610 -6.862  -4.499  1.00 62.86  ? 5   DA  C C4     1 
ATOM   974  H  "H5'"  . DA  C 3 5  ? -25.880 -3.179  -6.249  1.00 108.24 ? 5   DA  C "H5'"  1 
ATOM   975  H  "H5''" . DA  C 3 5  ? -25.185 -1.821  -5.836  1.00 108.24 ? 5   DA  C "H5''" 1 
ATOM   976  H  "H4'"  . DA  C 3 5  ? -25.603 -3.401  -4.028  1.00 96.66  ? 5   DA  C "H4'"  1 
ATOM   977  H  "H3'"  . DA  C 3 5  ? -23.716 -1.647  -3.997  1.00 90.50  ? 5   DA  C "H3'"  1 
ATOM   978  H  "H2'"  . DA  C 3 5  ? -22.130 -3.005  -4.932  1.00 86.28  ? 5   DA  C "H2'"  1 
ATOM   979  H  "H2''" . DA  C 3 5  ? -21.784 -3.151  -3.374  1.00 86.28  ? 5   DA  C "H2''" 1 
ATOM   980  H  "H1'"  . DA  C 3 5  ? -22.983 -5.065  -3.186  1.00 68.50  ? 5   DA  C "H1'"  1 
ATOM   981  H  H8     . DA  C 3 5  ? -21.833 -4.676  -6.661  1.00 84.60  ? 5   DA  C H8     1 
ATOM   982  H  H61    . DA  C 3 5  ? -19.212 -9.960  -6.254  1.00 65.00  ? 5   DA  C H61    1 
ATOM   983  H  H62    . DA  C 3 5  ? -19.453 -8.790  -7.145  1.00 65.00  ? 5   DA  C H62    1 
ATOM   984  H  H2     . DA  C 3 5  ? -21.268 -9.141  -2.506  1.00 69.26  ? 5   DA  C H2     1 
ATOM   985  P  P      . DG  C 3 6  ? -23.389 -1.638  -1.265  1.00 88.10  ? 6   DG  C P      1 
ATOM   986  O  OP1    . DG  C 3 6  ? -24.483 -0.979  -0.515  1.00 95.17  ? 6   DG  C OP1    1 
ATOM   987  O  OP2    . DG  C 3 6  ? -22.394 -0.830  -2.006  1.00 69.42  ? 6   DG  C OP2    1 
ATOM   988  O  "O5'"  . DG  C 3 6  ? -22.596 -2.596  -0.262  1.00 78.58  ? 6   DG  C "O5'"  1 
ATOM   989  C  "C5'"  . DG  C 3 6  ? -21.743 -3.585  -0.787  1.00 71.34  ? 6   DG  C "C5'"  1 
ATOM   990  C  "C4'"  . DG  C 3 6  ? -21.366 -4.606  0.259   1.00 65.87  ? 6   DG  C "C4'"  1 
ATOM   991  O  "O4'"  . DG  C 3 6  ? -20.976 -5.815  -0.425  1.00 69.83  ? 6   DG  C "O4'"  1 
ATOM   992  C  "C3'"  . DG  C 3 6  ? -20.190 -4.214  1.151   1.00 52.13  ? 6   DG  C "C3'"  1 
ATOM   993  O  "O3'"  . DG  C 3 6  ? -20.365 -4.693  2.485   1.00 60.75  ? 6   DG  C "O3'"  1 
ATOM   994  C  "C2'"  . DG  C 3 6  ? -18.991 -4.849  0.466   1.00 45.84  ? 6   DG  C "C2'"  1 
ATOM   995  C  "C1'"  . DG  C 3 6  ? -19.583 -5.999  -0.345  1.00 51.05  ? 6   DG  C "C1'"  1 
ATOM   996  N  N9     . DG  C 3 6  ? -19.019 -6.090  -1.687  1.00 51.38  ? 6   DG  C N9     1 
ATOM   997  C  C8     . DG  C 3 6  ? -19.055 -5.148  -2.696  1.00 51.43  ? 6   DG  C C8     1 
ATOM   998  N  N7     . DG  C 3 6  ? -18.414 -5.523  -3.772  1.00 51.86  ? 6   DG  C N7     1 
ATOM   999  C  C5     . DG  C 3 6  ? -17.921 -6.784  -3.447  1.00 48.24  ? 6   DG  C C5     1 
ATOM   1000 C  C6     . DG  C 3 6  ? -17.149 -7.694  -4.206  1.00 52.94  ? 6   DG  C C6     1 
ATOM   1001 O  O6     . DG  C 3 6  ? -16.729 -7.567  -5.363  1.00 47.17  ? 6   DG  C O6     1 
ATOM   1002 N  N1     . DG  C 3 6  ? -16.870 -8.857  -3.490  1.00 48.00  ? 6   DG  C N1     1 
ATOM   1003 C  C2     . DG  C 3 6  ? -17.278 -9.105  -2.201  1.00 52.99  ? 6   DG  C C2     1 
ATOM   1004 N  N2     . DG  C 3 6  ? -16.914 -10.280 -1.671  1.00 41.82  ? 6   DG  C N2     1 
ATOM   1005 N  N3     . DG  C 3 6  ? -18.003 -8.266  -1.485  1.00 41.59  ? 6   DG  C N3     1 
ATOM   1006 C  C4     . DG  C 3 6  ? -18.282 -7.131  -2.167  1.00 45.79  ? 6   DG  C C4     1 
ATOM   1007 H  "H5'"  . DG  C 3 6  ? -20.937 -3.163  -1.122  1.00 85.78  ? 6   DG  C "H5'"  1 
ATOM   1008 H  "H5''" . DG  C 3 6  ? -22.194 -4.035  -1.519  1.00 85.78  ? 6   DG  C "H5''" 1 
ATOM   1009 H  "H4'"  . DG  C 3 6  ? -22.139 -4.791  0.815   1.00 79.21  ? 6   DG  C "H4'"  1 
ATOM   1010 H  "H3'"  . DG  C 3 6  ? -20.091 -3.250  1.158   1.00 62.72  ? 6   DG  C "H3'"  1 
ATOM   1011 H  "H2'"  . DG  C 3 6  ? -18.558 -4.209  -0.120  1.00 55.18  ? 6   DG  C "H2'"  1 
ATOM   1012 H  "H2''" . DG  C 3 6  ? -18.364 -5.186  1.124   1.00 55.18  ? 6   DG  C "H2''" 1 
ATOM   1013 H  "H1'"  . DG  C 3 6  ? -19.407 -6.831  0.123   1.00 61.43  ? 6   DG  C "H1'"  1 
ATOM   1014 H  H8     . DG  C 3 6  ? -19.491 -4.330  -2.619  1.00 61.89  ? 6   DG  C H8     1 
ATOM   1015 H  H1     . DG  C 3 6  ? -16.400 -9.462  -3.882  1.00 57.77  ? 6   DG  C H1     1 
ATOM   1016 H  H21    . DG  C 3 6  ? -17.150 -10.481 -0.869  1.00 50.35  ? 6   DG  C H21    1 
ATOM   1017 H  H22    . DG  C 3 6  ? -16.444 -10.833 -2.133  1.00 50.35  ? 6   DG  C H22    1 
ATOM   1018 P  P      . DT  C 3 7  ? -19.276 -4.342  3.617   1.00 64.24  ? 7   DT  C P      1 
ATOM   1019 O  OP1    . DT  C 3 7  ? -19.933 -4.497  4.934   1.00 66.94  ? 7   DT  C OP1    1 
ATOM   1020 O  OP2    . DT  C 3 7  ? -18.635 -3.058  3.252   1.00 66.18  ? 7   DT  C OP2    1 
ATOM   1021 O  "O5'"  . DT  C 3 7  ? -18.179 -5.497  3.466   1.00 50.23  ? 7   DT  C "O5'"  1 
ATOM   1022 C  "C5'"  . DT  C 3 7  ? -18.579 -6.860  3.551   1.00 51.58  ? 7   DT  C "C5'"  1 
ATOM   1023 C  "C4'"  . DT  C 3 7  ? -17.477 -7.794  3.080   1.00 49.15  ? 7   DT  C "C4'"  1 
ATOM   1024 O  "O4'"  . DT  C 3 7  ? -17.162 -7.530  1.699   1.00 52.98  ? 7   DT  C "O4'"  1 
ATOM   1025 C  "C3'"  . DT  C 3 7  ? -16.150 -7.662  3.827   1.00 39.43  ? 7   DT  C "C3'"  1 
ATOM   1026 O  "O3'"  . DT  C 3 7  ? -16.020 -8.713  4.778   1.00 43.15  ? 7   DT  C "O3'"  1 
ATOM   1027 C  "C2'"  . DT  C 3 7  ? -15.075 -7.722  2.722   1.00 28.78  ? 7   DT  C "C2'"  1 
ATOM   1028 C  "C1'"  . DT  C 3 7  ? -15.871 -8.023  1.455   1.00 45.22  ? 7   DT  C "C1'"  1 
ATOM   1029 N  N1     . DT  C 3 7  ? -15.341 -7.380  0.221   1.00 43.60  ? 7   DT  C N1     1 
ATOM   1030 C  C2     . DT  C 3 7  ? -14.463 -8.077  -0.583  1.00 48.83  ? 7   DT  C C2     1 
ATOM   1031 O  O2     . DT  C 3 7  ? -14.073 -9.205  -0.331  1.00 43.57  ? 7   DT  C O2     1 
ATOM   1032 N  N3     . DT  C 3 7  ? -14.047 -7.395  -1.697  1.00 47.48  ? 7   DT  C N3     1 
ATOM   1033 C  C4     . DT  C 3 7  ? -14.417 -6.120  -2.079  1.00 49.07  ? 7   DT  C C4     1 
ATOM   1034 O  O4     . DT  C 3 7  ? -13.992 -5.597  -3.101  1.00 57.97  ? 7   DT  C O4     1 
ATOM   1035 C  C5     . DT  C 3 7  ? -15.344 -5.455  -1.199  1.00 35.96  ? 7   DT  C C5     1 
ATOM   1036 C  C7     . DT  C 3 7  ? -15.817 -4.070  -1.516  1.00 37.92  ? 7   DT  C C7     1 
ATOM   1037 C  C6     . DT  C 3 7  ? -15.759 -6.109  -0.106  1.00 35.63  ? 7   DT  C C6     1 
ATOM   1038 H  "H5'"  . DT  C 3 7  ? -19.366 -6.994  3.000   1.00 62.07  ? 7   DT  C "H5'"  1 
ATOM   1039 H  "H5''" . DT  C 3 7  ? -18.799 -7.068  4.473   1.00 62.07  ? 7   DT  C "H5''" 1 
ATOM   1040 H  "H4'"  . DT  C 3 7  ? -17.789 -8.709  3.159   1.00 59.15  ? 7   DT  C "H4'"  1 
ATOM   1041 H  "H3'"  . DT  C 3 7  ? -16.110 -6.803  4.277   1.00 47.49  ? 7   DT  C "H3'"  1 
ATOM   1042 H  "H2'"  . DT  C 3 7  ? -14.619 -6.868  2.644   1.00 34.70  ? 7   DT  C "H2'"  1 
ATOM   1043 H  "H2''" . DT  C 3 7  ? -14.440 -8.433  2.902   1.00 34.70  ? 7   DT  C "H2''" 1 
ATOM   1044 H  "H1'"  . DT  C 3 7  ? -15.914 -8.983  1.325   1.00 54.44  ? 7   DT  C "H1'"  1 
ATOM   1045 H  H3     . DT  C 3 7  ? -13.495 -7.805  -2.213  1.00 57.14  ? 7   DT  C H3     1 
ATOM   1046 H  H71    . DT  C 3 7  ? -15.425 -3.778  -2.353  1.00 45.67  ? 7   DT  C H71    1 
ATOM   1047 H  H72    . DT  C 3 7  ? -16.784 -4.068  -1.593  1.00 45.67  ? 7   DT  C H72    1 
ATOM   1048 H  H73    . DT  C 3 7  ? -15.548 -3.466  -0.805  1.00 45.67  ? 7   DT  C H73    1 
ATOM   1049 H  H6     . DT  C 3 7  ? -16.356 -5.681  0.465   1.00 42.92  ? 7   DT  C H6     1 
ATOM   1050 P  P      . DG  C 3 8  ? -14.694 -8.842  5.672   1.00 52.08  ? 8   DG  C P      1 
ATOM   1051 O  OP1    . DG  C 3 8  ? -15.025 -9.678  6.848   1.00 57.04  ? 8   DG  C OP1    1 
ATOM   1052 O  OP2    . DG  C 3 8  ? -14.153 -7.477  5.863   1.00 34.49  ? 8   DG  C OP2    1 
ATOM   1053 O  "O5'"  . DG  C 3 8  ? -13.700 -9.672  4.739   1.00 27.55  ? 8   DG  C "O5'"  1 
ATOM   1054 C  "C5'"  . DG  C 3 8  ? -12.301 -9.524  4.876   1.00 52.11  ? 8   DG  C "C5'"  1 
ATOM   1055 C  "C4'"  . DG  C 3 8  ? -11.597 -9.938  3.602   1.00 41.64  ? 8   DG  C "C4'"  1 
ATOM   1056 O  "O4'"  . DG  C 3 8  ? -12.015 -9.073  2.527   1.00 49.45  ? 8   DG  C "O4'"  1 
ATOM   1057 C  "C3'"  . DG  C 3 8  ? -10.073 -9.836  3.647   1.00 38.58  ? 8   DG  C "C3'"  1 
ATOM   1058 O  "O3'"  . DG  C 3 8  ? -9.488  -11.128 3.697   1.00 42.31  ? 8   DG  C "O3'"  1 
ATOM   1059 C  "C2'"  . DG  C 3 8  ? -9.692  -9.085  2.366   1.00 39.12  ? 8   DG  C "C2'"  1 
ATOM   1060 C  "C1'"  . DG  C 3 8  ? -10.986 -9.016  1.579   1.00 40.15  ? 8   DG  C "C1'"  1 
ATOM   1061 N  N9     . DG  C 3 8  ? -11.138 -7.800  0.788   1.00 37.57  ? 8   DG  C N9     1 
ATOM   1062 C  C8     . DG  C 3 8  ? -11.677 -6.605  1.197   1.00 39.05  ? 8   DG  C C8     1 
ATOM   1063 N  N7     . DG  C 3 8  ? -11.696 -5.697  0.261   1.00 39.11  ? 8   DG  C N7     1 
ATOM   1064 C  C5     . DG  C 3 8  ? -11.137 -6.332  -0.841  1.00 43.61  ? 8   DG  C C5     1 
ATOM   1065 C  C6     . DG  C 3 8  ? -10.898 -5.849  -2.148  1.00 45.91  ? 8   DG  C C6     1 
ATOM   1066 O  O6     . DG  C 3 8  ? -11.139 -4.726  -2.609  1.00 47.41  ? 8   DG  C O6     1 
ATOM   1067 N  N1     . DG  C 3 8  ? -10.318 -6.822  -2.960  1.00 42.80  ? 8   DG  C N1     1 
ATOM   1068 C  C2     . DG  C 3 8  ? -10.010 -8.101  -2.558  1.00 46.87  ? 8   DG  C C2     1 
ATOM   1069 N  N2     . DG  C 3 8  ? -9.454  -8.902  -3.480  1.00 48.40  ? 8   DG  C N2     1 
ATOM   1070 N  N3     . DG  C 3 8  ? -10.229 -8.565  -1.333  1.00 39.07  ? 8   DG  C N3     1 
ATOM   1071 C  C4     . DG  C 3 8  ? -10.792 -7.629  -0.532  1.00 38.97  ? 8   DG  C C4     1 
ATOM   1072 H  "H5'"  . DG  C 3 8  ? -11.990 -10.078 5.609   1.00 62.70  ? 8   DG  C "H5'"  1 
ATOM   1073 H  "H5''" . DG  C 3 8  ? -12.094 -8.596  5.068   1.00 62.70  ? 8   DG  C "H5''" 1 
ATOM   1074 H  "H4'"  . DG  C 3 8  ? -11.846 -10.850 3.388   1.00 50.14  ? 8   DG  C "H4'"  1 
ATOM   1075 H  "H3'"  . DG  C 3 8  ? -9.801  -9.321  4.423   1.00 46.46  ? 8   DG  C "H3'"  1 
ATOM   1076 H  "HO3'" . DG  C 3 8  ? -8.961  -11.374 3.092   1.00 50.94  ? 8   DG  C "HO3'" 1 
ATOM   1077 H  "H2'"  . DG  C 3 8  ? -9.373  -8.194  2.577   1.00 47.11  ? 8   DG  C "H2'"  1 
ATOM   1078 H  "H2''" . DG  C 3 8  ? -9.020  -9.580  1.870   1.00 47.11  ? 8   DG  C "H2''" 1 
ATOM   1079 H  "H1'"  . DG  C 3 8  ? -11.046 -9.787  0.995   1.00 48.35  ? 8   DG  C "H1'"  1 
ATOM   1080 H  H8     . DG  C 3 8  ? -11.993 -6.457  2.059   1.00 47.03  ? 8   DG  C H8     1 
ATOM   1081 H  H1     . DG  C 3 8  ? -10.139 -6.606  -3.774  1.00 51.52  ? 8   DG  C H1     1 
ATOM   1082 H  H21    . DG  C 3 8  ? -9.242  -9.710  -3.276  1.00 58.25  ? 8   DG  C H21    1 
ATOM   1083 H  H22    . DG  C 3 8  ? -9.308  -8.606  -4.274  1.00 58.25  ? 8   DG  C H22    1 
ATOM   1084 P  P      . DG  D 4 1  ? 9.724   13.519  -2.426  1.00 81.67  ? 10  DG  D P      1 
ATOM   1085 O  OP1    . DG  D 4 1  ? 10.786  14.529  -2.232  1.00 82.91  ? 10  DG  D OP1    1 
ATOM   1086 O  OP2    . DG  D 4 1  ? 9.750   12.629  -3.612  1.00 45.50  ? 10  DG  D OP2    1 
ATOM   1087 O  "O5'"  . DG  D 4 1  ? 8.306   14.257  -2.404  1.00 59.25  ? 10  DG  D "O5'"  1 
ATOM   1088 C  "C5'"  . DG  D 4 1  ? 7.118   13.507  -2.602  1.00 52.20  ? 10  DG  D "C5'"  1 
ATOM   1089 C  "C4'"  . DG  D 4 1  ? 6.346   13.351  -1.302  1.00 58.24  ? 10  DG  D "C4'"  1 
ATOM   1090 O  "O4'"  . DG  D 4 1  ? 5.679   12.062  -1.295  1.00 61.99  ? 10  DG  D "O4'"  1 
ATOM   1091 C  "C3'"  . DG  D 4 1  ? 7.195   13.380  -0.038  1.00 63.10  ? 10  DG  D "C3'"  1 
ATOM   1092 O  "O3'"  . DG  D 4 1  ? 7.303   14.704  0.468   1.00 49.82  ? 10  DG  D "O3'"  1 
ATOM   1093 C  "C2'"  . DG  D 4 1  ? 6.441   12.462  0.915   1.00 54.42  ? 10  DG  D "C2'"  1 
ATOM   1094 C  "C1'"  . DG  D 4 1  ? 5.760   11.462  -0.013  1.00 44.82  ? 10  DG  D "C1'"  1 
ATOM   1095 N  N9     . DG  D 4 1  ? 6.476   10.200  -0.141  1.00 40.62  ? 10  DG  D N9     1 
ATOM   1096 C  C8     . DG  D 4 1  ? 7.161   9.750   -1.242  1.00 46.06  ? 10  DG  D C8     1 
ATOM   1097 N  N7     . DG  D 4 1  ? 7.704   8.577   -1.071  1.00 45.80  ? 10  DG  D N7     1 
ATOM   1098 C  C5     . DG  D 4 1  ? 7.353   8.225   0.225   1.00 47.07  ? 10  DG  D C5     1 
ATOM   1099 C  C6     . DG  D 4 1  ? 7.657   7.059   0.965   1.00 44.86  ? 10  DG  D C6     1 
ATOM   1100 O  O6     . DG  D 4 1  ? 8.320   6.076   0.605   1.00 36.75  ? 10  DG  D O6     1 
ATOM   1101 N  N1     . DG  D 4 1  ? 7.107   7.101   2.245   1.00 48.71  ? 10  DG  D N1     1 
ATOM   1102 C  C2     . DG  D 4 1  ? 6.359   8.143   2.746   1.00 62.81  ? 10  DG  D C2     1 
ATOM   1103 N  N2     . DG  D 4 1  ? 5.910   8.012   4.005   1.00 70.39  ? 10  DG  D N2     1 
ATOM   1104 N  N3     . DG  D 4 1  ? 6.068   9.243   2.060   1.00 54.65  ? 10  DG  D N3     1 
ATOM   1105 C  C4     . DG  D 4 1  ? 6.596   9.214   0.811   1.00 50.28  ? 10  DG  D C4     1 
ATOM   1106 H  "H5'"  . DG  D 4 1  ? 7.350   12.629  -2.942  1.00 62.81  ? 10  DG  D "H5'"  1 
ATOM   1107 H  "H5''" . DG  D 4 1  ? 6.560   13.963  -3.250  1.00 62.81  ? 10  DG  D "H5''" 1 
ATOM   1108 H  "H4'"  . DG  D 4 1  ? 5.677   14.051  -1.247  1.00 70.06  ? 10  DG  D "H4'"  1 
ATOM   1109 H  "H3'"  . DG  D 4 1  ? 8.077   13.019  -0.222  1.00 75.89  ? 10  DG  D "H3'"  1 
ATOM   1110 H  "H2'"  . DG  D 4 1  ? 7.058   12.010  1.511   1.00 65.47  ? 10  DG  D "H2'"  1 
ATOM   1111 H  "H2''" . DG  D 4 1  ? 5.781   12.963  1.419   1.00 65.47  ? 10  DG  D "H2''" 1 
ATOM   1112 H  "H1'"  . DG  D 4 1  ? 4.864   11.287  0.313   1.00 53.95  ? 10  DG  D "H1'"  1 
ATOM   1113 H  H8     . DG  D 4 1  ? 7.233   10.234  -2.032  1.00 55.44  ? 10  DG  D H8     1 
ATOM   1114 H  H1     . DG  D 4 1  ? 7.247   6.428   2.762   1.00 58.62  ? 10  DG  D H1     1 
ATOM   1115 H  H21    . DG  D 4 1  ? 5.436   8.635   4.360   1.00 84.64  ? 10  DG  D H21    1 
ATOM   1116 H  H22    . DG  D 4 1  ? 6.097   7.303   4.455   1.00 84.64  ? 10  DG  D H22    1 
ATOM   1117 P  P      . DG  D 4 2  ? 8.569   15.118  1.364   1.00 66.67  ? 11  DG  D P      1 
ATOM   1118 O  OP1    . DG  D 4 2  ? 8.287   16.453  1.940   1.00 54.10  ? 11  DG  D OP1    1 
ATOM   1119 O  OP2    . DG  D 4 2  ? 9.780   14.908  0.542   1.00 74.21  ? 11  DG  D OP2    1 
ATOM   1120 O  "O5'"  . DG  D 4 2  ? 8.588   14.027  2.538   1.00 51.72  ? 11  DG  D "O5'"  1 
ATOM   1121 C  "C5'"  . DG  D 4 2  ? 7.613   14.077  3.576   1.00 47.45  ? 11  DG  D "C5'"  1 
ATOM   1122 C  "C4'"  . DG  D 4 2  ? 7.801   12.932  4.558   1.00 58.96  ? 11  DG  D "C4'"  1 
ATOM   1123 O  "O4'"  . DG  D 4 2  ? 7.770   11.678  3.849   1.00 50.64  ? 11  DG  D "O4'"  1 
ATOM   1124 C  "C3'"  . DG  D 4 2  ? 9.132   12.915  5.293   1.00 85.42  ? 11  DG  D "C3'"  1 
ATOM   1125 O  "O3'"  . DG  D 4 2  ? 9.082   13.714  6.471   1.00 85.11  ? 11  DG  D "O3'"  1 
ATOM   1126 C  "C2'"  . DG  D 4 2  ? 9.340   11.435  5.615   1.00 80.87  ? 11  DG  D "C2'"  1 
ATOM   1127 C  "C1'"  . DG  D 4 2  ? 8.455   10.699  4.607   1.00 52.62  ? 11  DG  D "C1'"  1 
ATOM   1128 N  N9     . DG  D 4 2  ? 9.198   9.835   3.692   1.00 56.44  ? 11  DG  D N9     1 
ATOM   1129 C  C8     . DG  D 4 2  ? 9.555   10.111  2.394   1.00 58.11  ? 11  DG  D C8     1 
ATOM   1130 N  N7     . DG  D 4 2  ? 10.210  9.140   1.817   1.00 48.12  ? 11  DG  D N7     1 
ATOM   1131 C  C5     . DG  D 4 2  ? 10.290  8.157   2.796   1.00 51.36  ? 11  DG  D C5     1 
ATOM   1132 C  C6     . DG  D 4 2  ? 10.888  6.873   2.754   1.00 62.47  ? 11  DG  D C6     1 
ATOM   1133 O  O6     . DG  D 4 2  ? 11.484  6.335   1.810   1.00 61.90  ? 11  DG  D O6     1 
ATOM   1134 N  N1     . DG  D 4 2  ? 10.743  6.196   3.963   1.00 61.43  ? 11  DG  D N1     1 
ATOM   1135 C  C2     . DG  D 4 2  ? 10.100  6.697   5.072   1.00 67.17  ? 11  DG  D C2     1 
ATOM   1136 N  N2     . DG  D 4 2  ? 10.057  5.904   6.150   1.00 70.48  ? 11  DG  D N2     1 
ATOM   1137 N  N3     . DG  D 4 2  ? 9.537   7.899   5.124   1.00 55.47  ? 11  DG  D N3     1 
ATOM   1138 C  C4     . DG  D 4 2  ? 9.670   8.569   3.954   1.00 52.54  ? 11  DG  D C4     1 
ATOM   1139 H  "H5'"  . DG  D 4 2  ? 6.727   14.019  3.186   1.00 57.10  ? 11  DG  D "H5'"  1 
ATOM   1140 H  "H5''" . DG  D 4 2  ? 7.697   14.919  4.050   1.00 57.10  ? 11  DG  D "H5''" 1 
ATOM   1141 H  "H4'"  . DG  D 4 2  ? 7.079   12.948  5.207   1.00 70.92  ? 11  DG  D "H4'"  1 
ATOM   1142 H  "H3'"  . DG  D 4 2  ? 9.838   13.230  4.707   1.00 102.68 ? 11  DG  D "H3'"  1 
ATOM   1143 H  "H2'"  . DG  D 4 2  ? 10.271  11.189  5.492   1.00 97.21  ? 11  DG  D "H2'"  1 
ATOM   1144 H  "H2''" . DG  D 4 2  ? 9.053   11.242  6.521   1.00 97.21  ? 11  DG  D "H2''" 1 
ATOM   1145 H  "H1'"  . DG  D 4 2  ? 7.807   10.163  5.089   1.00 63.31  ? 11  DG  D "H1'"  1 
ATOM   1146 H  H8     . DG  D 4 2  ? 9.352   10.912  1.969   1.00 69.91  ? 11  DG  D H8     1 
ATOM   1147 H  H1     . DG  D 4 2  ? 11.077  5.406   4.020   1.00 73.88  ? 11  DG  D H1     1 
ATOM   1148 H  H21    . DG  D 4 2  ? 9.663   6.171   6.867   1.00 84.74  ? 11  DG  D H21    1 
ATOM   1149 H  H22    . DG  D 4 2  ? 10.423  5.126   6.127   1.00 84.74  ? 11  DG  D H22    1 
ATOM   1150 P  P      . DT  D 4 3  ? 10.411  13.924  7.352   1.00 109.48 ? 12  DT  D P      1 
ATOM   1151 O  OP1    . DT  D 4 3  ? 10.102  14.944  8.379   1.00 105.67 ? 12  DT  D OP1    1 
ATOM   1152 O  OP2    . DT  D 4 3  ? 11.540  14.135  6.419   1.00 76.71  ? 12  DT  D OP2    1 
ATOM   1153 O  "O5'"  . DT  D 4 3  ? 10.632  12.510  8.075   1.00 71.94  ? 12  DT  D "O5'"  1 
ATOM   1154 C  "C5'"  . DT  D 4 3  ? 10.156  12.310  9.402   1.00 69.85  ? 12  DT  D "C5'"  1 
ATOM   1155 C  "C4'"  . DT  D 4 3  ? 10.502  10.919  9.910   1.00 68.03  ? 12  DT  D "C4'"  1 
ATOM   1156 O  "O4'"  . DT  D 4 3  ? 10.665  10.011  8.780   1.00 59.97  ? 12  DT  D "O4'"  1 
ATOM   1157 C  "C3'"  . DT  D 4 3  ? 11.805  10.832  10.712  1.00 88.21  ? 12  DT  D "C3'"  1 
ATOM   1158 O  "O3'"  . DT  D 4 3  ? 11.620  10.048  11.890  1.00 102.32 ? 12  DT  D "O3'"  1 
ATOM   1159 C  "C2'"  . DT  D 4 3  ? 12.778  10.189  9.733   1.00 86.41  ? 12  DT  D "C2'"  1 
ATOM   1160 C  "C1'"  . DT  D 4 3  ? 11.867  9.286   8.929   1.00 60.09  ? 12  DT  D "C1'"  1 
ATOM   1161 N  N1     . DT  D 4 3  ? 12.398  8.939   7.583   1.00 57.20  ? 12  DT  D N1     1 
ATOM   1162 C  C2     . DT  D 4 3  ? 12.896  7.672   7.352   1.00 71.23  ? 12  DT  D C2     1 
ATOM   1163 O  O2     . DT  D 4 3  ? 12.921  6.798   8.202   1.00 80.78  ? 12  DT  D O2     1 
ATOM   1164 N  N3     . DT  D 4 3  ? 13.366  7.469   6.077   1.00 74.07  ? 12  DT  D N3     1 
ATOM   1165 C  C4     . DT  D 4 3  ? 13.386  8.389   5.039   1.00 64.48  ? 12  DT  D C4     1 
ATOM   1166 O  O4     . DT  D 4 3  ? 13.827  8.124   3.928   1.00 69.90  ? 12  DT  D O4     1 
ATOM   1167 C  C5     . DT  D 4 3  ? 12.853  9.692   5.355   1.00 61.83  ? 12  DT  D C5     1 
ATOM   1168 C  C7     . DT  D 4 3  ? 12.827  10.767  4.309   1.00 67.71  ? 12  DT  D C7     1 
ATOM   1169 C  C6     . DT  D 4 3  ? 12.394  9.902   6.596   1.00 60.73  ? 12  DT  D C6     1 
ATOM   1170 H  "H5'"  . DT  D 4 3  ? 9.192   12.421  9.414   1.00 83.99  ? 12  DT  D "H5'"  1 
ATOM   1171 H  "H5''" . DT  D 4 3  ? 10.559  12.971  9.987   1.00 83.99  ? 12  DT  D "H5''" 1 
ATOM   1172 H  "H4'"  . DT  D 4 3  ? 9.773   10.599  10.464  1.00 81.80  ? 12  DT  D "H4'"  1 
ATOM   1173 H  "H3'"  . DT  D 4 3  ? 12.110  11.722  10.948  1.00 106.02 ? 12  DT  D "H3'"  1 
ATOM   1174 H  "H2'"  . DT  D 4 3  ? 13.189  10.860  9.165   1.00 103.86 ? 12  DT  D "H2'"  1 
ATOM   1175 H  "H2''" . DT  D 4 3  ? 13.451  9.672   10.203  1.00 103.86 ? 12  DT  D "H2''" 1 
ATOM   1176 H  "H1'"  . DT  D 4 3  ? 11.694  8.473   9.428   1.00 72.27  ? 12  DT  D "H1'"  1 
ATOM   1177 H  H3     . DT  D 4 3  ? 13.681  6.687   5.904   1.00 89.05  ? 12  DT  D H3     1 
ATOM   1178 H  H71    . DT  D 4 3  ? 13.259  10.444  3.503   1.00 81.43  ? 12  DT  D H71    1 
ATOM   1179 H  H72    . DT  D 4 3  ? 11.907  11.002  4.110   1.00 81.43  ? 12  DT  D H72    1 
ATOM   1180 H  H73    . DT  D 4 3  ? 13.297  11.549  4.637   1.00 81.43  ? 12  DT  D H73    1 
ATOM   1181 H  H6     . DT  D 4 3  ? 12.049  10.741  6.801   1.00 73.05  ? 12  DT  D H6     1 
ATOM   1182 P  P      . DC  D 4 4  ? 12.615  10.210  13.144  1.00 104.97 ? 13  DC  D P      1 
ATOM   1183 O  OP1    . DC  D 4 4  ? 11.795  10.558  14.326  1.00 97.29  ? 13  DC  D OP1    1 
ATOM   1184 O  OP2    . DC  D 4 4  ? 13.722  11.099  12.727  1.00 76.31  ? 13  DC  D OP2    1 
ATOM   1185 O  "O5'"  . DC  D 4 4  ? 13.227  8.743   13.333  1.00 92.22  ? 13  DC  D "O5'"  1 
ATOM   1186 C  "C5'"  . DC  D 4 4  ? 13.912  8.137   12.253  1.00 82.40  ? 13  DC  D "C5'"  1 
ATOM   1187 C  "C4'"  . DC  D 4 4  ? 14.554  6.827   12.664  1.00 96.79  ? 13  DC  D "C4'"  1 
ATOM   1188 O  "O4'"  . DC  D 4 4  ? 14.713  5.986   11.496  1.00 94.91  ? 13  DC  D "O4'"  1 
ATOM   1189 C  "C3'"  . DC  D 4 4  ? 15.941  6.961   13.277  1.00 111.21 ? 13  DC  D "C3'"  1 
ATOM   1190 O  "O3'"  . DC  D 4 4  ? 16.118  6.038   14.346  1.00 125.34 ? 13  DC  D "O3'"  1 
ATOM   1191 C  "C2'"  . DC  D 4 4  ? 16.901  6.694   12.113  1.00 109.98 ? 13  DC  D "C2'"  1 
ATOM   1192 C  "C1'"  . DC  D 4 4  ? 16.055  5.997   11.046  1.00 95.33  ? 13  DC  D "C1'"  1 
ATOM   1193 N  N1     . DC  D 4 4  ? 16.111  6.675   9.702   1.00 90.47  ? 13  DC  D N1     1 
ATOM   1194 C  C2     . DC  D 4 4  ? 16.507  5.950   8.566   1.00 86.17  ? 13  DC  D C2     1 
ATOM   1195 O  O2     . DC  D 4 4  ? 16.796  4.753   8.678   1.00 79.47  ? 13  DC  D O2     1 
ATOM   1196 N  N3     . DC  D 4 4  ? 16.553  6.584   7.369   1.00 83.48  ? 13  DC  D N3     1 
ATOM   1197 C  C4     . DC  D 4 4  ? 16.234  7.876   7.284   1.00 87.70  ? 13  DC  D C4     1 
ATOM   1198 N  N4     . DC  D 4 4  ? 16.293  8.460   6.084   1.00 92.17  ? 13  DC  D N4     1 
ATOM   1199 C  C5     . DC  D 4 4  ? 15.835  8.628   8.424   1.00 73.45  ? 13  DC  D C5     1 
ATOM   1200 C  C6     . DC  D 4 4  ? 15.788  7.995   9.598   1.00 77.31  ? 13  DC  D C6     1 
ATOM   1201 H  "H5'"  . DC  D 4 4  ? 14.601  8.741   11.936  1.00 99.05  ? 13  DC  D "H5'"  1 
ATOM   1202 H  "H5''" . DC  D 4 4  ? 13.284  7.968   11.534  1.00 99.05  ? 13  DC  D "H5''" 1 
ATOM   1203 H  "H4'"  . DC  D 4 4  ? 13.974  6.377   13.298  1.00 116.32 ? 13  DC  D "H4'"  1 
ATOM   1204 H  "H3'"  . DC  D 4 4  ? 16.066  7.866   13.601  1.00 133.62 ? 13  DC  D "H3'"  1 
ATOM   1205 H  "H2'"  . DC  D 4 4  ? 17.254  7.530   11.769  1.00 132.15 ? 13  DC  D "H2'"  1 
ATOM   1206 H  "H2''" . DC  D 4 4  ? 17.624  6.116   12.401  1.00 132.15 ? 13  DC  D "H2''" 1 
ATOM   1207 H  "H1'"  . DC  D 4 4  ? 16.362  5.082   10.951  1.00 114.56 ? 13  DC  D "H1'"  1 
ATOM   1208 H  H41    . DC  D 4 4  ? 16.092  9.291   6.000   1.00 110.78 ? 13  DC  D H41    1 
ATOM   1209 H  H42    . DC  D 4 4  ? 16.534  8.004   5.395   1.00 110.78 ? 13  DC  D H42    1 
ATOM   1210 H  H5     . DC  D 4 4  ? 15.611  9.527   8.353   1.00 88.31  ? 13  DC  D H5     1 
ATOM   1211 H  H6     . DC  D 4 4  ? 15.532  8.464   10.360  1.00 92.94  ? 13  DC  D H6     1 
ATOM   1212 P  P      . DT  D 4 5  ? 17.421  6.135   15.283  1.00 145.73 ? 14  DT  D P      1 
ATOM   1213 O  OP1    . DT  D 4 5  ? 17.148  5.373   16.522  1.00 144.03 ? 14  DT  D OP1    1 
ATOM   1214 O  OP2    . DT  D 4 5  ? 17.808  7.562   15.369  1.00 114.92 ? 14  DT  D OP2    1 
ATOM   1215 O  "O5'"  . DT  D 4 5  ? 18.549  5.371   14.444  1.00 117.02 ? 14  DT  D "O5'"  1 
ATOM   1216 C  "C5'"  . DT  D 4 5  ? 18.310  4.048   13.978  1.00 111.57 ? 14  DT  D "C5'"  1 
ATOM   1217 C  "C4'"  . DT  D 4 5  ? 19.382  3.610   12.995  1.00 114.41 ? 14  DT  D "C4'"  1 
ATOM   1218 O  "O4'"  . DT  D 4 5  ? 19.181  4.275   11.727  1.00 103.50 ? 14  DT  D "O4'"  1 
ATOM   1219 C  "C3'"  . DT  D 4 5  ? 20.813  3.934   13.426  1.00 119.39 ? 14  DT  D "C3'"  1 
ATOM   1220 O  "O3'"  . DT  D 4 5  ? 21.523  2.733   13.681  1.00 117.79 ? 14  DT  D "O3'"  1 
ATOM   1221 C  "C2'"  . DT  D 4 5  ? 21.412  4.740   12.261  1.00 117.55 ? 14  DT  D "C2'"  1 
ATOM   1222 C  "C1'"  . DT  D 4 5  ? 20.426  4.527   11.120  1.00 102.03 ? 14  DT  D "C1'"  1 
ATOM   1223 N  N1     . DT  D 4 5  ? 20.258  5.706   10.205  1.00 95.74  ? 14  DT  D N1     1 
ATOM   1224 C  C2     . DT  D 4 5  ? 20.500  5.565   8.850   1.00 89.65  ? 14  DT  D C2     1 
ATOM   1225 O  O2     . DT  D 4 5  ? 20.878  4.523   8.342   1.00 82.75  ? 14  DT  D O2     1 
ATOM   1226 N  N3     . DT  D 4 5  ? 20.287  6.706   8.111   1.00 88.05  ? 14  DT  D N3     1 
ATOM   1227 C  C4     . DT  D 4 5  ? 19.860  7.938   8.583   1.00 88.64  ? 14  DT  D C4     1 
ATOM   1228 O  O4     . DT  D 4 5  ? 19.698  8.907   7.851   1.00 87.18  ? 14  DT  D O4     1 
ATOM   1229 C  C5     . DT  D 4 5  ? 19.618  8.008   10.003  1.00 87.29  ? 14  DT  D C5     1 
ATOM   1230 C  C7     . DT  D 4 5  ? 19.158  9.295   10.622  1.00 77.71  ? 14  DT  D C7     1 
ATOM   1231 C  C6     . DT  D 4 5  ? 19.821  6.904   10.735  1.00 89.83  ? 14  DT  D C6     1 
ATOM   1232 H  "H5'"  . DT  D 4 5  ? 17.444  4.016   13.540  1.00 134.05 ? 14  DT  D "H5'"  1 
ATOM   1233 H  "H5''" . DT  D 4 5  ? 18.304  3.440   14.734  1.00 134.05 ? 14  DT  D "H5''" 1 
ATOM   1234 H  "H4'"  . DT  D 4 5  ? 19.309  2.653   12.860  1.00 137.46 ? 14  DT  D "H4'"  1 
ATOM   1235 H  "H3'"  . DT  D 4 5  ? 20.796  4.481   14.228  1.00 143.44 ? 14  DT  D "H3'"  1 
ATOM   1236 H  "H2'"  . DT  D 4 5  ? 21.468  5.680   12.490  1.00 141.23 ? 14  DT  D "H2'"  1 
ATOM   1237 H  "H2''" . DT  D 4 5  ? 22.286  4.393   12.022  1.00 141.23 ? 14  DT  D "H2''" 1 
ATOM   1238 H  "H1'"  . DT  D 4 5  ? 20.694  3.751   10.602  1.00 122.60 ? 14  DT  D "H1'"  1 
ATOM   1239 H  H3     . DT  D 4 5  ? 20.434  6.649   7.266   1.00 105.82 ? 14  DT  D H3     1 
ATOM   1240 H  H71    . DT  D 4 5  ? 19.133  9.989   9.945   1.00 93.42  ? 14  DT  D H71    1 
ATOM   1241 H  H72    . DT  D 4 5  ? 18.269  9.175   10.994  1.00 93.42  ? 14  DT  D H72    1 
ATOM   1242 H  H73    . DT  D 4 5  ? 19.771  9.552   11.328  1.00 93.42  ? 14  DT  D H73    1 
ATOM   1243 H  H6     . DT  D 4 5  ? 19.666  6.949   11.650  1.00 107.97 ? 14  DT  D H6     1 
ATOM   1244 P  P      . DG  D 4 6  ? 22.845  2.744   14.590  1.00 146.12 ? 15  DG  D P      1 
ATOM   1245 O  OP1    . DG  D 4 6  ? 22.949  1.422   15.246  1.00 144.39 ? 15  DG  D OP1    1 
ATOM   1246 O  OP2    . DG  D 4 6  ? 22.832  3.975   15.412  1.00 119.16 ? 15  DG  D OP2    1 
ATOM   1247 O  "O5'"  . DG  D 4 6  ? 24.024  2.843   13.521  1.00 124.10 ? 15  DG  D "O5'"  1 
ATOM   1248 C  "C5'"  . DG  D 4 6  ? 24.021  1.987   12.390  1.00 105.05 ? 15  DG  D "C5'"  1 
ATOM   1249 C  "C4'"  . DG  D 4 6  ? 24.823  2.595   11.259  1.00 111.76 ? 15  DG  D "C4'"  1 
ATOM   1250 O  "O4'"  . DG  D 4 6  ? 24.070  3.664   10.651  1.00 109.21 ? 15  DG  D "O4'"  1 
ATOM   1251 C  "C3'"  . DG  D 4 6  ? 26.141  3.232   11.686  1.00 110.16 ? 15  DG  D "C3'"  1 
ATOM   1252 O  "O3'"  . DG  D 4 6  ? 27.232  2.292   11.561  1.00 107.41 ? 15  DG  D "O3'"  1 
ATOM   1253 C  "C2'"  . DG  D 4 6  ? 26.282  4.462   10.770  1.00 99.43  ? 15  DG  D "C2'"  1 
ATOM   1254 C  "C1'"  . DG  D 4 6  ? 24.972  4.506   9.979   1.00 103.06 ? 15  DG  D "C1'"  1 
ATOM   1255 N  N9     . DG  D 4 6  ? 24.407  5.849   9.879   1.00 100.01 ? 15  DG  D N9     1 
ATOM   1256 C  C8     . DG  D 4 6  ? 24.008  6.662   10.916  1.00 97.34  ? 15  DG  D C8     1 
ATOM   1257 N  N7     . DG  D 4 6  ? 23.565  7.824   10.522  1.00 90.27  ? 15  DG  D N7     1 
ATOM   1258 C  C5     . DG  D 4 6  ? 23.684  7.784   9.137   1.00 94.83  ? 15  DG  D C5     1 
ATOM   1259 C  C6     . DG  D 4 6  ? 23.359  8.758   8.163   1.00 87.52  ? 15  DG  D C6     1 
ATOM   1260 O  O6     . DG  D 4 6  ? 22.885  9.889   8.335   1.00 86.80  ? 15  DG  D O6     1 
ATOM   1261 N  N1     . DG  D 4 6  ? 23.638  8.310   6.872   1.00 85.93  ? 15  DG  D N1     1 
ATOM   1262 C  C2     . DG  D 4 6  ? 24.164  7.076   6.565   1.00 88.87  ? 15  DG  D C2     1 
ATOM   1263 N  N2     . DG  D 4 6  ? 24.368  6.826   5.263   1.00 82.06  ? 15  DG  D N2     1 
ATOM   1264 N  N3     . DG  D 4 6  ? 24.473  6.155   7.468   1.00 91.67  ? 15  DG  D N3     1 
ATOM   1265 C  C4     . DG  D 4 6  ? 24.207  6.576   8.729   1.00 97.05  ? 15  DG  D C4     1 
ATOM   1266 H  "H5'"  . DG  D 4 6  ? 23.107  1.849   12.096  1.00 126.22 ? 15  DG  D "H5'"  1 
ATOM   1267 H  "H5''" . DG  D 4 6  ? 24.410  1.133   12.633  1.00 126.22 ? 15  DG  D "H5''" 1 
ATOM   1268 H  "H4'"  . DG  D 4 6  ? 25.000  1.913   10.593  1.00 134.28 ? 15  DG  D "H4'"  1 
ATOM   1269 H  "H3'"  . DG  D 4 6  ? 26.072  3.524   12.608  1.00 132.36 ? 15  DG  D "H3'"  1 
ATOM   1270 H  "H2'"  . DG  D 4 6  ? 26.385  5.267   11.300  1.00 119.48 ? 15  DG  D "H2'"  1 
ATOM   1271 H  "H2''" . DG  D 4 6  ? 27.036  4.352   10.169  1.00 119.48 ? 15  DG  D "H2''" 1 
ATOM   1272 H  "H1'"  . DG  D 4 6  ? 25.127  4.159   9.086   1.00 123.84 ? 15  DG  D "H1'"  1 
ATOM   1273 H  H8     . DG  D 4 6  ? 24.047  6.408   11.810  1.00 116.97 ? 15  DG  D H8     1 
ATOM   1274 H  H1     . DG  D 4 6  ? 23.468  8.845   6.222   1.00 103.28 ? 15  DG  D H1     1 
ATOM   1275 H  H21    . DG  D 4 6  ? 24.700  6.072   5.017   1.00 98.63  ? 15  DG  D H21    1 
ATOM   1276 H  H22    . DG  D 4 6  ? 24.165  7.418   4.674   1.00 98.63  ? 15  DG  D H22    1 
ATOM   1277 P  P      . DC  D 4 7  ? 27.883  1.942   10.131  1.00 116.63 ? 16  DC  D P      1 
ATOM   1278 O  OP1    . DC  D 4 7  ? 26.853  2.153   9.090   1.00 119.94 ? 16  DC  D OP1    1 
ATOM   1279 O  OP2    . DC  D 4 7  ? 28.545  0.626   10.256  1.00 92.40  ? 16  DC  D OP2    1 
ATOM   1280 O  "O5'"  . DC  D 4 7  ? 29.024  3.049   9.953   1.00 97.02  ? 16  DC  D "O5'"  1 
ATOM   1281 C  "C5'"  . DC  D 4 7  ? 30.059  2.862   8.994   1.00 98.77  ? 16  DC  D "C5'"  1 
ATOM   1282 C  "C4'"  . DC  D 4 7  ? 29.498  2.779   7.584   1.00 89.84  ? 16  DC  D "C4'"  1 
ATOM   1283 O  "O4'"  . DC  D 4 7  ? 28.368  3.684   7.456   1.00 89.63  ? 16  DC  D "O4'"  1 
ATOM   1284 C  "C3'"  . DC  D 4 7  ? 30.473  3.182   6.486   1.00 90.98  ? 16  DC  D "C3'"  1 
ATOM   1285 O  "O3'"  . DC  D 4 7  ? 30.251  2.417   5.303   1.00 89.73  ? 16  DC  D "O3'"  1 
ATOM   1286 C  "C2'"  . DC  D 4 7  ? 30.176  4.663   6.288   1.00 83.75  ? 16  DC  D "C2'"  1 
ATOM   1287 C  "C1'"  . DC  D 4 7  ? 28.682  4.751   6.573   1.00 82.57  ? 16  DC  D "C1'"  1 
ATOM   1288 N  N1     . DC  D 4 7  ? 28.261  6.031   7.219   1.00 91.75  ? 16  DC  D N1     1 
ATOM   1289 C  C2     . DC  D 4 7  ? 27.887  7.125   6.427   1.00 85.25  ? 16  DC  D C2     1 
ATOM   1290 O  O2     . DC  D 4 7  ? 27.918  7.019   5.195   1.00 89.17  ? 16  DC  D O2     1 
ATOM   1291 N  N3     . DC  D 4 7  ? 27.501  8.274   7.038   1.00 71.93  ? 16  DC  D N3     1 
ATOM   1292 C  C4     . DC  D 4 7  ? 27.480  8.349   8.370   1.00 81.38  ? 16  DC  D C4     1 
ATOM   1293 N  N4     . DC  D 4 7  ? 27.094  9.502   8.927   1.00 81.89  ? 16  DC  D N4     1 
ATOM   1294 C  C5     . DC  D 4 7  ? 27.854  7.245   9.190   1.00 85.81  ? 16  DC  D C5     1 
ATOM   1295 C  C6     . DC  D 4 7  ? 28.233  6.119   8.579   1.00 90.85  ? 16  DC  D C6     1 
ATOM   1296 H  "H5'"  . DC  D 4 7  ? 30.534  2.041   9.195   1.00 118.69 ? 16  DC  D "H5'"  1 
ATOM   1297 H  "H5''" . DC  D 4 7  ? 30.678  3.608   9.046   1.00 118.69 ? 16  DC  D "H5''" 1 
ATOM   1298 H  "H4'"  . DC  D 4 7  ? 29.195  1.874   7.420   1.00 107.97 ? 16  DC  D "H4'"  1 
ATOM   1299 H  "H3'"  . DC  D 4 7  ? 31.386  3.064   6.793   1.00 109.34 ? 16  DC  D "H3'"  1 
ATOM   1300 H  "HO3'" . DC  D 4 7  ? 30.044  2.803   4.586   1.00 107.85 ? 16  DC  D "HO3'" 1 
ATOM   1301 H  "H2'"  . DC  D 4 7  ? 30.678  5.201   6.920   1.00 100.67 ? 16  DC  D "H2'"  1 
ATOM   1302 H  "H2''" . DC  D 4 7  ? 30.368  4.932   5.376   1.00 100.67 ? 16  DC  D "H2''" 1 
ATOM   1303 H  "H1'"  . DC  D 4 7  ? 28.192  4.634   5.745   1.00 99.25  ? 16  DC  D "H1'"  1 
ATOM   1304 H  H41    . DC  D 4 7  ? 27.009  9.559   9.780   1.00 98.44  ? 16  DC  D H41    1 
ATOM   1305 H  H42    . DC  D 4 7  ? 26.929  10.185  8.430   1.00 98.44  ? 16  DC  D H42    1 
ATOM   1306 H  H5     . DC  D 4 7  ? 27.837  7.307   10.119  1.00 103.14 ? 16  DC  D H5     1 
ATOM   1307 H  H6     . DC  D 4 7  ? 28.482  5.383   9.090   1.00 109.19 ? 16  DC  D H6     1 
HETATM 1308 MG MG     . MG  E 5 .  ? 22.953  13.501  10.709  1.00 43.17  ? 101 MG  A MG     1 
HETATM 1309 AS AS     . CAC F 6 .  ? 3.078   11.048  -13.446 1.00 248.03 ? 101 CAC B AS     1 
HETATM 1310 MG MG     . MG  G 5 .  ? -17.721 -4.228  -7.682  1.00 67.90  ? 101 MG  C MG     1 
HETATM 1311 MG MG     . MG  H 5 .  ? -28.060 -9.742  -7.111  1.00 55.53  ? 102 MG  C MG     1 
HETATM 1312 AS AS     . CAC I 6 .  ? 11.863  9.033   -1.673  1.00 194.68 ? 101 CAC D AS     1 
# 
loop_
_pdbx_poly_seq_scheme.asym_id 
_pdbx_poly_seq_scheme.entity_id 
_pdbx_poly_seq_scheme.seq_id 
_pdbx_poly_seq_scheme.mon_id 
_pdbx_poly_seq_scheme.ndb_seq_num 
_pdbx_poly_seq_scheme.pdb_seq_num 
_pdbx_poly_seq_scheme.auth_seq_num 
_pdbx_poly_seq_scheme.pdb_mon_id 
_pdbx_poly_seq_scheme.auth_mon_id 
_pdbx_poly_seq_scheme.pdb_strand_id 
_pdbx_poly_seq_scheme.pdb_ins_code 
_pdbx_poly_seq_scheme.hetero 
A 1 1  DG 1  1  1  DG DG A . n 
A 1 2  DA 2  2  2  DA DA A . n 
A 1 3  DG 3  3  3  DG DG A . n 
A 1 4  DC 4  4  4  DC DC A . n 
A 1 5  DA 5  5  5  DA DA A . n 
A 1 6  DG 6  6  6  DG DG A . n 
A 1 7  DA 7  7  7  DA DA A . n 
A 1 8  DC 8  8  8  DC DC A . n 
A 1 9  DC 9  9  9  DC DC A . n 
A 1 10 DT 10 10 10 DT DT A . n 
A 1 11 DG 11 11 11 DG DG A . n 
A 1 12 DA 12 12 12 DA DA A . n 
A 1 13 DC 13 13 13 DC DC A . n 
A 1 14 DG 14 14 14 DG DG A . n 
A 1 15 DA 15 15 15 DA DA A . n 
A 1 16 DC 16 16 16 DC DC A . n 
A 1 17 DA 17 17 17 DA DA A . n 
A 1 18 DC 18 18 18 DC DC A . n 
A 1 19 DT 19 19 19 DT DT A . n 
A 1 20 DC 20 20 20 DC DC A . n 
A 1 21 DA 21 21 21 DA DA A . n 
B 2 1  DT 1  0  0  DT DT B . n 
B 2 2  DC 2  1  1  DC DC B . n 
B 2 3  DG 3  2  2  DG DG B . n 
B 2 4  DT 4  3  3  DT DT B . n 
B 2 5  DC 5  4  4  DC DC B . n 
B 2 6  DA 6  5  5  DA DA B . n 
C 3 1  DT 1  1  1  DT DT C . n 
C 3 2  DC 2  2  2  DC DC C . n 
C 3 3  DT 3  3  3  DT DT C . n 
C 3 4  DG 4  4  4  DG DG C . n 
C 3 5  DA 5  5  5  DA DA C . n 
C 3 6  DG 6  6  6  DG DG C . n 
C 3 7  DT 7  7  7  DT DT C . n 
C 3 8  DG 8  8  8  DG DG C . n 
D 4 1  DG 1  10 10 DG DG D . n 
D 4 2  DG 2  11 11 DG DG D . n 
D 4 3  DT 3  12 12 DT DT D . n 
D 4 4  DC 4  13 13 DC DC D . n 
D 4 5  DT 5  14 14 DT DT D . n 
D 4 6  DG 6  15 15 DG DG D . n 
D 4 7  DC 7  16 16 DC DC D . n 
# 
loop_
_pdbx_nonpoly_scheme.asym_id 
_pdbx_nonpoly_scheme.entity_id 
_pdbx_nonpoly_scheme.mon_id 
_pdbx_nonpoly_scheme.ndb_seq_num 
_pdbx_nonpoly_scheme.pdb_seq_num 
_pdbx_nonpoly_scheme.auth_seq_num 
_pdbx_nonpoly_scheme.pdb_mon_id 
_pdbx_nonpoly_scheme.auth_mon_id 
_pdbx_nonpoly_scheme.pdb_strand_id 
_pdbx_nonpoly_scheme.pdb_ins_code 
E 5 MG  1 101 3 MG  MG A . 
F 6 CAC 1 101 1 CAC AS B . 
G 5 MG  1 101 1 MG  MG C . 
H 5 MG  1 102 2 MG  MG C . 
I 6 CAC 1 101 2 CAC AS D . 
# 
_pdbx_struct_assembly.id                   1 
_pdbx_struct_assembly.details              author_defined_assembly 
_pdbx_struct_assembly.method_details       ? 
_pdbx_struct_assembly.oligomeric_details   tetrameric 
_pdbx_struct_assembly.oligomeric_count     4 
# 
_pdbx_struct_assembly_gen.assembly_id       1 
_pdbx_struct_assembly_gen.oper_expression   1 
_pdbx_struct_assembly_gen.asym_id_list      A,B,C,D,E,F,G,H,I 
# 
_pdbx_struct_oper_list.id                   1 
_pdbx_struct_oper_list.type                 'identity operation' 
_pdbx_struct_oper_list.name                 1_555 
_pdbx_struct_oper_list.symmetry_operation   x,y,z 
_pdbx_struct_oper_list.matrix[1][1]         1.0000000000 
_pdbx_struct_oper_list.matrix[1][2]         0.0000000000 
_pdbx_struct_oper_list.matrix[1][3]         0.0000000000 
_pdbx_struct_oper_list.vector[1]            0.0000000000 
_pdbx_struct_oper_list.matrix[2][1]         0.0000000000 
_pdbx_struct_oper_list.matrix[2][2]         1.0000000000 
_pdbx_struct_oper_list.matrix[2][3]         0.0000000000 
_pdbx_struct_oper_list.vector[2]            0.0000000000 
_pdbx_struct_oper_list.matrix[3][1]         0.0000000000 
_pdbx_struct_oper_list.matrix[3][2]         0.0000000000 
_pdbx_struct_oper_list.matrix[3][3]         1.0000000000 
_pdbx_struct_oper_list.vector[3]            0.0000000000 
# 
loop_
_pdbx_audit_revision_history.ordinal 
_pdbx_audit_revision_history.data_content_type 
_pdbx_audit_revision_history.major_revision 
_pdbx_audit_revision_history.minor_revision 
_pdbx_audit_revision_history.revision_date 
1 'Structure model' 1 0 2021-07-14 
2 'Structure model' 1 1 2022-07-06 
3 'Structure model' 1 2 2023-10-18 
# 
_pdbx_audit_revision_details.ordinal             1 
_pdbx_audit_revision_details.revision_ordinal    1 
_pdbx_audit_revision_details.data_content_type   'Structure model' 
_pdbx_audit_revision_details.provider            repository 
_pdbx_audit_revision_details.type                'Initial release' 
_pdbx_audit_revision_details.description         ? 
_pdbx_audit_revision_details.details             ? 
# 
loop_
_pdbx_audit_revision_group.ordinal 
_pdbx_audit_revision_group.revision_ordinal 
_pdbx_audit_revision_group.data_content_type 
_pdbx_audit_revision_group.group 
1 2 'Structure model' 'Database references'    
2 3 'Structure model' 'Data collection'        
3 3 'Structure model' 'Refinement description' 
# 
loop_
_pdbx_audit_revision_category.ordinal 
_pdbx_audit_revision_category.revision_ordinal 
_pdbx_audit_revision_category.data_content_type 
_pdbx_audit_revision_category.category 
1 2 'Structure model' citation                      
2 2 'Structure model' citation_author               
3 2 'Structure model' database_2                    
4 3 'Structure model' chem_comp_atom                
5 3 'Structure model' chem_comp_bond                
6 3 'Structure model' pdbx_initial_refinement_model 
# 
loop_
_pdbx_audit_revision_item.ordinal 
_pdbx_audit_revision_item.revision_ordinal 
_pdbx_audit_revision_item.data_content_type 
_pdbx_audit_revision_item.item 
1  2 'Structure model' '_citation.country'                   
2  2 'Structure model' '_citation.journal_abbrev'            
3  2 'Structure model' '_citation.journal_id_CSD'            
4  2 'Structure model' '_citation.journal_id_ISSN'           
5  2 'Structure model' '_citation.journal_volume'            
6  2 'Structure model' '_citation.page_first'                
7  2 'Structure model' '_citation.page_last'                 
8  2 'Structure model' '_citation.pdbx_database_id_DOI'      
9  2 'Structure model' '_citation.pdbx_database_id_PubMed'   
10 2 'Structure model' '_citation.title'                     
11 2 'Structure model' '_citation.year'                      
12 2 'Structure model' '_database_2.pdbx_DOI'                
13 2 'Structure model' '_database_2.pdbx_database_accession' 
# 
loop_
_software.citation_id 
_software.classification 
_software.compiler_name 
_software.compiler_version 
_software.contact_author 
_software.contact_author_email 
_software.date 
_software.description 
_software.dependencies 
_software.hardware 
_software.language 
_software.location 
_software.mods 
_software.name 
_software.os 
_software.os_version 
_software.type 
_software.version 
_software.pdbx_ordinal 
? 'data reduction'  ? ? ? ? ? ? ? ? ? ? ? HKL-2000    ? ? ? .           1 
? 'data scaling'    ? ? ? ? ? ? ? ? ? ? ? HKL-2000    ? ? ? .           2 
? refinement        ? ? ? ? ? ? ? ? ? ? ? PHENIX      ? ? ? 1.11.1_2575 3 
? 'data extraction' ? ? ? ? ? ? ? ? ? ? ? PDB_EXTRACT ? ? ? 3.25        4 
? phasing           ? ? ? ? ? ? ? ? ? ? ? PHASER      ? ? ? .           5 
# 
_pdbx_entry_details.entry_id                 7JON 
_pdbx_entry_details.has_ligand_of_interest   N 
_pdbx_entry_details.compound_details         ? 
_pdbx_entry_details.source_details           ? 
_pdbx_entry_details.nonpolymer_details       ? 
_pdbx_entry_details.sequence_details         ? 
# 
_pdbx_validate_symm_contact.id                1 
_pdbx_validate_symm_contact.PDB_model_num     1 
_pdbx_validate_symm_contact.auth_atom_id_1    OP1 
_pdbx_validate_symm_contact.auth_asym_id_1    B 
_pdbx_validate_symm_contact.auth_comp_id_1    DT 
_pdbx_validate_symm_contact.auth_seq_id_1     0 
_pdbx_validate_symm_contact.PDB_ins_code_1    ? 
_pdbx_validate_symm_contact.label_alt_id_1    ? 
_pdbx_validate_symm_contact.site_symmetry_1   1_555 
_pdbx_validate_symm_contact.auth_atom_id_2    "O3'" 
_pdbx_validate_symm_contact.auth_asym_id_2    B 
_pdbx_validate_symm_contact.auth_comp_id_2    DA 
_pdbx_validate_symm_contact.auth_seq_id_2     5 
_pdbx_validate_symm_contact.PDB_ins_code_2    ? 
_pdbx_validate_symm_contact.label_alt_id_2    ? 
_pdbx_validate_symm_contact.site_symmetry_2   2_764 
_pdbx_validate_symm_contact.dist              1.99 
# 
_pdbx_validate_rmsd_angle.id                         1 
_pdbx_validate_rmsd_angle.PDB_model_num              1 
_pdbx_validate_rmsd_angle.auth_atom_id_1             "O4'" 
_pdbx_validate_rmsd_angle.auth_asym_id_1             B 
_pdbx_validate_rmsd_angle.auth_comp_id_1             DT 
_pdbx_validate_rmsd_angle.auth_seq_id_1              3 
_pdbx_validate_rmsd_angle.PDB_ins_code_1             ? 
_pdbx_validate_rmsd_angle.label_alt_id_1             ? 
_pdbx_validate_rmsd_angle.auth_atom_id_2             "C1'" 
_pdbx_validate_rmsd_angle.auth_asym_id_2             B 
_pdbx_validate_rmsd_angle.auth_comp_id_2             DT 
_pdbx_validate_rmsd_angle.auth_seq_id_2              3 
_pdbx_validate_rmsd_angle.PDB_ins_code_2             ? 
_pdbx_validate_rmsd_angle.label_alt_id_2             ? 
_pdbx_validate_rmsd_angle.auth_atom_id_3             N1 
_pdbx_validate_rmsd_angle.auth_asym_id_3             B 
_pdbx_validate_rmsd_angle.auth_comp_id_3             DT 
_pdbx_validate_rmsd_angle.auth_seq_id_3              3 
_pdbx_validate_rmsd_angle.PDB_ins_code_3             ? 
_pdbx_validate_rmsd_angle.label_alt_id_3             ? 
_pdbx_validate_rmsd_angle.angle_value                110.24 
_pdbx_validate_rmsd_angle.angle_target_value         108.30 
_pdbx_validate_rmsd_angle.angle_deviation            1.94 
_pdbx_validate_rmsd_angle.angle_standard_deviation   0.30 
_pdbx_validate_rmsd_angle.linker_flag                N 
# 
loop_
_pdbx_unobs_or_zero_occ_atoms.id 
_pdbx_unobs_or_zero_occ_atoms.PDB_model_num 
_pdbx_unobs_or_zero_occ_atoms.polymer_flag 
_pdbx_unobs_or_zero_occ_atoms.occupancy_flag 
_pdbx_unobs_or_zero_occ_atoms.auth_asym_id 
_pdbx_unobs_or_zero_occ_atoms.auth_comp_id 
_pdbx_unobs_or_zero_occ_atoms.auth_seq_id 
_pdbx_unobs_or_zero_occ_atoms.PDB_ins_code 
_pdbx_unobs_or_zero_occ_atoms.auth_atom_id 
_pdbx_unobs_or_zero_occ_atoms.label_alt_id 
_pdbx_unobs_or_zero_occ_atoms.label_asym_id 
_pdbx_unobs_or_zero_occ_atoms.label_comp_id 
_pdbx_unobs_or_zero_occ_atoms.label_seq_id 
_pdbx_unobs_or_zero_occ_atoms.label_atom_id 
1 1 N 1 B CAC 101 ? O1 ? F CAC 1 O1 
2 1 N 1 B CAC 101 ? O2 ? F CAC 1 O2 
3 1 N 1 B CAC 101 ? C1 ? F CAC 1 C1 
4 1 N 1 B CAC 101 ? C2 ? F CAC 1 C2 
5 1 N 1 D CAC 101 ? O1 ? I CAC 1 O1 
6 1 N 1 D CAC 101 ? O2 ? I CAC 1 O2 
7 1 N 1 D CAC 101 ? C1 ? I CAC 1 C1 
8 1 N 1 D CAC 101 ? C2 ? I CAC 1 C2 
# 
loop_
_chem_comp_atom.comp_id 
_chem_comp_atom.atom_id 
_chem_comp_atom.type_symbol 
_chem_comp_atom.pdbx_aromatic_flag 
_chem_comp_atom.pdbx_stereo_config 
_chem_comp_atom.pdbx_ordinal 
CAC AS     AS N N 1   
CAC O1     O  N N 2   
CAC O2     O  N N 3   
CAC C1     C  N N 4   
CAC C2     C  N N 5   
CAC H11    H  N N 6   
CAC H12    H  N N 7   
CAC H13    H  N N 8   
CAC H21    H  N N 9   
CAC H22    H  N N 10  
CAC H23    H  N N 11  
DA  OP3    O  N N 12  
DA  P      P  N N 13  
DA  OP1    O  N N 14  
DA  OP2    O  N N 15  
DA  "O5'"  O  N N 16  
DA  "C5'"  C  N N 17  
DA  "C4'"  C  N R 18  
DA  "O4'"  O  N N 19  
DA  "C3'"  C  N S 20  
DA  "O3'"  O  N N 21  
DA  "C2'"  C  N N 22  
DA  "C1'"  C  N R 23  
DA  N9     N  Y N 24  
DA  C8     C  Y N 25  
DA  N7     N  Y N 26  
DA  C5     C  Y N 27  
DA  C6     C  Y N 28  
DA  N6     N  N N 29  
DA  N1     N  Y N 30  
DA  C2     C  Y N 31  
DA  N3     N  Y N 32  
DA  C4     C  Y N 33  
DA  HOP3   H  N N 34  
DA  HOP2   H  N N 35  
DA  "H5'"  H  N N 36  
DA  "H5''" H  N N 37  
DA  "H4'"  H  N N 38  
DA  "H3'"  H  N N 39  
DA  "HO3'" H  N N 40  
DA  "H2'"  H  N N 41  
DA  "H2''" H  N N 42  
DA  "H1'"  H  N N 43  
DA  H8     H  N N 44  
DA  H61    H  N N 45  
DA  H62    H  N N 46  
DA  H2     H  N N 47  
DC  OP3    O  N N 48  
DC  P      P  N N 49  
DC  OP1    O  N N 50  
DC  OP2    O  N N 51  
DC  "O5'"  O  N N 52  
DC  "C5'"  C  N N 53  
DC  "C4'"  C  N R 54  
DC  "O4'"  O  N N 55  
DC  "C3'"  C  N S 56  
DC  "O3'"  O  N N 57  
DC  "C2'"  C  N N 58  
DC  "C1'"  C  N R 59  
DC  N1     N  N N 60  
DC  C2     C  N N 61  
DC  O2     O  N N 62  
DC  N3     N  N N 63  
DC  C4     C  N N 64  
DC  N4     N  N N 65  
DC  C5     C  N N 66  
DC  C6     C  N N 67  
DC  HOP3   H  N N 68  
DC  HOP2   H  N N 69  
DC  "H5'"  H  N N 70  
DC  "H5''" H  N N 71  
DC  "H4'"  H  N N 72  
DC  "H3'"  H  N N 73  
DC  "HO3'" H  N N 74  
DC  "H2'"  H  N N 75  
DC  "H2''" H  N N 76  
DC  "H1'"  H  N N 77  
DC  H41    H  N N 78  
DC  H42    H  N N 79  
DC  H5     H  N N 80  
DC  H6     H  N N 81  
DG  OP3    O  N N 82  
DG  P      P  N N 83  
DG  OP1    O  N N 84  
DG  OP2    O  N N 85  
DG  "O5'"  O  N N 86  
DG  "C5'"  C  N N 87  
DG  "C4'"  C  N R 88  
DG  "O4'"  O  N N 89  
DG  "C3'"  C  N S 90  
DG  "O3'"  O  N N 91  
DG  "C2'"  C  N N 92  
DG  "C1'"  C  N R 93  
DG  N9     N  Y N 94  
DG  C8     C  Y N 95  
DG  N7     N  Y N 96  
DG  C5     C  Y N 97  
DG  C6     C  N N 98  
DG  O6     O  N N 99  
DG  N1     N  N N 100 
DG  C2     C  N N 101 
DG  N2     N  N N 102 
DG  N3     N  N N 103 
DG  C4     C  Y N 104 
DG  HOP3   H  N N 105 
DG  HOP2   H  N N 106 
DG  "H5'"  H  N N 107 
DG  "H5''" H  N N 108 
DG  "H4'"  H  N N 109 
DG  "H3'"  H  N N 110 
DG  "HO3'" H  N N 111 
DG  "H2'"  H  N N 112 
DG  "H2''" H  N N 113 
DG  "H1'"  H  N N 114 
DG  H8     H  N N 115 
DG  H1     H  N N 116 
DG  H21    H  N N 117 
DG  H22    H  N N 118 
DT  OP3    O  N N 119 
DT  P      P  N N 120 
DT  OP1    O  N N 121 
DT  OP2    O  N N 122 
DT  "O5'"  O  N N 123 
DT  "C5'"  C  N N 124 
DT  "C4'"  C  N R 125 
DT  "O4'"  O  N N 126 
DT  "C3'"  C  N S 127 
DT  "O3'"  O  N N 128 
DT  "C2'"  C  N N 129 
DT  "C1'"  C  N R 130 
DT  N1     N  N N 131 
DT  C2     C  N N 132 
DT  O2     O  N N 133 
DT  N3     N  N N 134 
DT  C4     C  N N 135 
DT  O4     O  N N 136 
DT  C5     C  N N 137 
DT  C7     C  N N 138 
DT  C6     C  N N 139 
DT  HOP3   H  N N 140 
DT  HOP2   H  N N 141 
DT  "H5'"  H  N N 142 
DT  "H5''" H  N N 143 
DT  "H4'"  H  N N 144 
DT  "H3'"  H  N N 145 
DT  "HO3'" H  N N 146 
DT  "H2'"  H  N N 147 
DT  "H2''" H  N N 148 
DT  "H1'"  H  N N 149 
DT  H3     H  N N 150 
DT  H71    H  N N 151 
DT  H72    H  N N 152 
DT  H73    H  N N 153 
DT  H6     H  N N 154 
MG  MG     MG N N 155 
# 
loop_
_chem_comp_bond.comp_id 
_chem_comp_bond.atom_id_1 
_chem_comp_bond.atom_id_2 
_chem_comp_bond.value_order 
_chem_comp_bond.pdbx_aromatic_flag 
_chem_comp_bond.pdbx_stereo_config 
_chem_comp_bond.pdbx_ordinal 
CAC AS    O1     doub N N 1   
CAC AS    O2     sing N N 2   
CAC AS    C1     sing N N 3   
CAC AS    C2     sing N N 4   
CAC C1    H11    sing N N 5   
CAC C1    H12    sing N N 6   
CAC C1    H13    sing N N 7   
CAC C2    H21    sing N N 8   
CAC C2    H22    sing N N 9   
CAC C2    H23    sing N N 10  
DA  OP3   P      sing N N 11  
DA  OP3   HOP3   sing N N 12  
DA  P     OP1    doub N N 13  
DA  P     OP2    sing N N 14  
DA  P     "O5'"  sing N N 15  
DA  OP2   HOP2   sing N N 16  
DA  "O5'" "C5'"  sing N N 17  
DA  "C5'" "C4'"  sing N N 18  
DA  "C5'" "H5'"  sing N N 19  
DA  "C5'" "H5''" sing N N 20  
DA  "C4'" "O4'"  sing N N 21  
DA  "C4'" "C3'"  sing N N 22  
DA  "C4'" "H4'"  sing N N 23  
DA  "O4'" "C1'"  sing N N 24  
DA  "C3'" "O3'"  sing N N 25  
DA  "C3'" "C2'"  sing N N 26  
DA  "C3'" "H3'"  sing N N 27  
DA  "O3'" "HO3'" sing N N 28  
DA  "C2'" "C1'"  sing N N 29  
DA  "C2'" "H2'"  sing N N 30  
DA  "C2'" "H2''" sing N N 31  
DA  "C1'" N9     sing N N 32  
DA  "C1'" "H1'"  sing N N 33  
DA  N9    C8     sing Y N 34  
DA  N9    C4     sing Y N 35  
DA  C8    N7     doub Y N 36  
DA  C8    H8     sing N N 37  
DA  N7    C5     sing Y N 38  
DA  C5    C6     sing Y N 39  
DA  C5    C4     doub Y N 40  
DA  C6    N6     sing N N 41  
DA  C6    N1     doub Y N 42  
DA  N6    H61    sing N N 43  
DA  N6    H62    sing N N 44  
DA  N1    C2     sing Y N 45  
DA  C2    N3     doub Y N 46  
DA  C2    H2     sing N N 47  
DA  N3    C4     sing Y N 48  
DC  OP3   P      sing N N 49  
DC  OP3   HOP3   sing N N 50  
DC  P     OP1    doub N N 51  
DC  P     OP2    sing N N 52  
DC  P     "O5'"  sing N N 53  
DC  OP2   HOP2   sing N N 54  
DC  "O5'" "C5'"  sing N N 55  
DC  "C5'" "C4'"  sing N N 56  
DC  "C5'" "H5'"  sing N N 57  
DC  "C5'" "H5''" sing N N 58  
DC  "C4'" "O4'"  sing N N 59  
DC  "C4'" "C3'"  sing N N 60  
DC  "C4'" "H4'"  sing N N 61  
DC  "O4'" "C1'"  sing N N 62  
DC  "C3'" "O3'"  sing N N 63  
DC  "C3'" "C2'"  sing N N 64  
DC  "C3'" "H3'"  sing N N 65  
DC  "O3'" "HO3'" sing N N 66  
DC  "C2'" "C1'"  sing N N 67  
DC  "C2'" "H2'"  sing N N 68  
DC  "C2'" "H2''" sing N N 69  
DC  "C1'" N1     sing N N 70  
DC  "C1'" "H1'"  sing N N 71  
DC  N1    C2     sing N N 72  
DC  N1    C6     sing N N 73  
DC  C2    O2     doub N N 74  
DC  C2    N3     sing N N 75  
DC  N3    C4     doub N N 76  
DC  C4    N4     sing N N 77  
DC  C4    C5     sing N N 78  
DC  N4    H41    sing N N 79  
DC  N4    H42    sing N N 80  
DC  C5    C6     doub N N 81  
DC  C5    H5     sing N N 82  
DC  C6    H6     sing N N 83  
DG  OP3   P      sing N N 84  
DG  OP3   HOP3   sing N N 85  
DG  P     OP1    doub N N 86  
DG  P     OP2    sing N N 87  
DG  P     "O5'"  sing N N 88  
DG  OP2   HOP2   sing N N 89  
DG  "O5'" "C5'"  sing N N 90  
DG  "C5'" "C4'"  sing N N 91  
DG  "C5'" "H5'"  sing N N 92  
DG  "C5'" "H5''" sing N N 93  
DG  "C4'" "O4'"  sing N N 94  
DG  "C4'" "C3'"  sing N N 95  
DG  "C4'" "H4'"  sing N N 96  
DG  "O4'" "C1'"  sing N N 97  
DG  "C3'" "O3'"  sing N N 98  
DG  "C3'" "C2'"  sing N N 99  
DG  "C3'" "H3'"  sing N N 100 
DG  "O3'" "HO3'" sing N N 101 
DG  "C2'" "C1'"  sing N N 102 
DG  "C2'" "H2'"  sing N N 103 
DG  "C2'" "H2''" sing N N 104 
DG  "C1'" N9     sing N N 105 
DG  "C1'" "H1'"  sing N N 106 
DG  N9    C8     sing Y N 107 
DG  N9    C4     sing Y N 108 
DG  C8    N7     doub Y N 109 
DG  C8    H8     sing N N 110 
DG  N7    C5     sing Y N 111 
DG  C5    C6     sing N N 112 
DG  C5    C4     doub Y N 113 
DG  C6    O6     doub N N 114 
DG  C6    N1     sing N N 115 
DG  N1    C2     sing N N 116 
DG  N1    H1     sing N N 117 
DG  C2    N2     sing N N 118 
DG  C2    N3     doub N N 119 
DG  N2    H21    sing N N 120 
DG  N2    H22    sing N N 121 
DG  N3    C4     sing N N 122 
DT  OP3   P      sing N N 123 
DT  OP3   HOP3   sing N N 124 
DT  P     OP1    doub N N 125 
DT  P     OP2    sing N N 126 
DT  P     "O5'"  sing N N 127 
DT  OP2   HOP2   sing N N 128 
DT  "O5'" "C5'"  sing N N 129 
DT  "C5'" "C4'"  sing N N 130 
DT  "C5'" "H5'"  sing N N 131 
DT  "C5'" "H5''" sing N N 132 
DT  "C4'" "O4'"  sing N N 133 
DT  "C4'" "C3'"  sing N N 134 
DT  "C4'" "H4'"  sing N N 135 
DT  "O4'" "C1'"  sing N N 136 
DT  "C3'" "O3'"  sing N N 137 
DT  "C3'" "C2'"  sing N N 138 
DT  "C3'" "H3'"  sing N N 139 
DT  "O3'" "HO3'" sing N N 140 
DT  "C2'" "C1'"  sing N N 141 
DT  "C2'" "H2'"  sing N N 142 
DT  "C2'" "H2''" sing N N 143 
DT  "C1'" N1     sing N N 144 
DT  "C1'" "H1'"  sing N N 145 
DT  N1    C2     sing N N 146 
DT  N1    C6     sing N N 147 
DT  C2    O2     doub N N 148 
DT  C2    N3     sing N N 149 
DT  N3    C4     sing N N 150 
DT  N3    H3     sing N N 151 
DT  C4    O4     doub N N 152 
DT  C4    C5     sing N N 153 
DT  C5    C7     sing N N 154 
DT  C5    C6     doub N N 155 
DT  C7    H71    sing N N 156 
DT  C7    H72    sing N N 157 
DT  C7    H73    sing N N 158 
DT  C6    H6     sing N N 159 
# 
loop_
_ndb_struct_conf_na.entry_id 
_ndb_struct_conf_na.feature 
7JON 'double helix'        
7JON 'a-form double helix' 
7JON 'b-form double helix' 
# 
loop_
_ndb_struct_na_base_pair.model_number 
_ndb_struct_na_base_pair.i_label_asym_id 
_ndb_struct_na_base_pair.i_label_comp_id 
_ndb_struct_na_base_pair.i_label_seq_id 
_ndb_struct_na_base_pair.i_symmetry 
_ndb_struct_na_base_pair.j_label_asym_id 
_ndb_struct_na_base_pair.j_label_comp_id 
_ndb_struct_na_base_pair.j_label_seq_id 
_ndb_struct_na_base_pair.j_symmetry 
_ndb_struct_na_base_pair.shear 
_ndb_struct_na_base_pair.stretch 
_ndb_struct_na_base_pair.stagger 
_ndb_struct_na_base_pair.buckle 
_ndb_struct_na_base_pair.propeller 
_ndb_struct_na_base_pair.opening 
_ndb_struct_na_base_pair.pair_number 
_ndb_struct_na_base_pair.pair_name 
_ndb_struct_na_base_pair.i_auth_asym_id 
_ndb_struct_na_base_pair.i_auth_seq_id 
_ndb_struct_na_base_pair.i_PDB_ins_code 
_ndb_struct_na_base_pair.j_auth_asym_id 
_ndb_struct_na_base_pair.j_auth_seq_id 
_ndb_struct_na_base_pair.j_PDB_ins_code 
_ndb_struct_na_base_pair.hbond_type_28 
_ndb_struct_na_base_pair.hbond_type_12 
1 A DG 3  1_555 D DC 7 1_555 1.808  0.560  0.438  -6.350  -22.541 0.827   1  A_DG3:DC16_D A 3  ? D 16 ? ?  1 
1 A DC 4  1_555 D DG 6 1_555 0.169  -0.109 -0.128 -10.465 -9.168  1.636   2  A_DC4:DG15_D A 4  ? D 15 ? 19 1 
1 A DA 5  1_555 D DT 5 1_555 0.149  -0.031 -0.120 -8.538  -7.242  -6.869  3  A_DA5:DT14_D A 5  ? D 14 ? 20 1 
1 A DG 6  1_555 D DC 4 1_555 -0.174 -0.187 -0.612 -8.336  -2.647  -0.871  4  A_DG6:DC13_D A 6  ? D 13 ? 19 1 
1 A DA 7  1_555 D DT 3 1_555 0.134  -0.045 0.034  -1.199  -0.407  -7.441  5  A_DA7:DT12_D A 7  ? D 12 ? 20 1 
1 A DC 8  1_555 D DG 2 1_555 0.190  -0.130 0.169  1.730   -1.293  0.000   6  A_DC8:DG11_D A 8  ? D 11 ? 19 1 
1 A DC 9  1_555 D DG 1 1_555 0.171  -0.130 0.049  -0.603  -2.619  -0.761  7  A_DC9:DG10_D A 9  ? D 10 ? 19 1 
1 A DT 10 1_555 B DA 6 1_555 -1.861 0.448  0.849  -7.466  -7.309  1.275   8  A_DT10:DA5_B A 10 ? B 5  ? ?  ? 
1 A DG 11 1_555 B DC 5 1_555 1.058  0.443  0.512  0.585   -2.215  8.408   9  A_DG11:DC4_B A 11 ? B 4  ? ?  1 
1 A DA 12 1_555 B DT 4 1_555 1.675  0.401  0.534  -2.222  -0.902  -12.275 10 A_DA12:DT3_B A 12 ? B 3  ? 20 1 
1 A DC 13 1_555 B DG 3 1_555 0.124  -0.200 0.788  -2.480  -4.924  -3.117  11 A_DC13:DG2_B A 13 ? B 2  ? 19 1 
1 A DG 14 1_555 B DC 2 1_555 -0.159 -0.209 0.499  -1.021  -8.818  -2.010  12 A_DG14:DC1_B A 14 ? B 1  ? 19 1 
1 A DA 15 1_555 B DT 1 1_555 0.134  -0.152 0.345  -4.459  -6.158  -3.567  13 A_DA15:DT0_B A 15 ? B 0  ? 20 1 
1 A DC 16 1_555 C DG 8 1_555 0.128  -0.248 0.837  -0.236  -7.275  -2.624  14 A_DC16:DG8_C A 16 ? C 8  ? 19 1 
1 A DA 17 1_555 C DT 7 1_555 0.367  -0.328 1.240  9.392   -11.897 -8.178  15 A_DA17:DT7_C A 17 ? C 7  ? 20 1 
1 A DC 18 1_555 C DG 6 1_555 0.213  -0.158 0.673  -6.409  -8.609  0.207   16 A_DC18:DG6_C A 18 ? C 6  ? 19 1 
1 A DT 19 1_555 C DA 5 1_555 -0.139 -0.117 0.133  -4.606  -10.832 -1.042  17 A_DT19:DA5_C A 19 ? C 5  ? 20 1 
1 A DC 20 1_555 C DG 4 1_555 0.220  -0.139 -0.413 -0.645  -6.959  3.534   18 A_DC20:DG4_C A 20 ? C 4  ? 19 1 
1 A DA 21 1_555 C DT 3 1_555 0.133  -0.083 -0.190 -4.154  -6.671  -0.966  19 A_DA21:DT3_C A 21 ? C 3  ? 20 1 
# 
loop_
_ndb_struct_na_base_pair_step.model_number 
_ndb_struct_na_base_pair_step.i_label_asym_id_1 
_ndb_struct_na_base_pair_step.i_label_comp_id_1 
_ndb_struct_na_base_pair_step.i_label_seq_id_1 
_ndb_struct_na_base_pair_step.i_symmetry_1 
_ndb_struct_na_base_pair_step.j_label_asym_id_1 
_ndb_struct_na_base_pair_step.j_label_comp_id_1 
_ndb_struct_na_base_pair_step.j_label_seq_id_1 
_ndb_struct_na_base_pair_step.j_symmetry_1 
_ndb_struct_na_base_pair_step.i_label_asym_id_2 
_ndb_struct_na_base_pair_step.i_label_comp_id_2 
_ndb_struct_na_base_pair_step.i_label_seq_id_2 
_ndb_struct_na_base_pair_step.i_symmetry_2 
_ndb_struct_na_base_pair_step.j_label_asym_id_2 
_ndb_struct_na_base_pair_step.j_label_comp_id_2 
_ndb_struct_na_base_pair_step.j_label_seq_id_2 
_ndb_struct_na_base_pair_step.j_symmetry_2 
_ndb_struct_na_base_pair_step.shift 
_ndb_struct_na_base_pair_step.slide 
_ndb_struct_na_base_pair_step.rise 
_ndb_struct_na_base_pair_step.tilt 
_ndb_struct_na_base_pair_step.roll 
_ndb_struct_na_base_pair_step.twist 
_ndb_struct_na_base_pair_step.x_displacement 
_ndb_struct_na_base_pair_step.y_displacement 
_ndb_struct_na_base_pair_step.helical_rise 
_ndb_struct_na_base_pair_step.inclination 
_ndb_struct_na_base_pair_step.tip 
_ndb_struct_na_base_pair_step.helical_twist 
_ndb_struct_na_base_pair_step.step_number 
_ndb_struct_na_base_pair_step.step_name 
_ndb_struct_na_base_pair_step.i_auth_asym_id_1 
_ndb_struct_na_base_pair_step.i_auth_seq_id_1 
_ndb_struct_na_base_pair_step.i_PDB_ins_code_1 
_ndb_struct_na_base_pair_step.j_auth_asym_id_1 
_ndb_struct_na_base_pair_step.j_auth_seq_id_1 
_ndb_struct_na_base_pair_step.j_PDB_ins_code_1 
_ndb_struct_na_base_pair_step.i_auth_asym_id_2 
_ndb_struct_na_base_pair_step.i_auth_seq_id_2 
_ndb_struct_na_base_pair_step.i_PDB_ins_code_2 
_ndb_struct_na_base_pair_step.j_auth_asym_id_2 
_ndb_struct_na_base_pair_step.j_auth_seq_id_2 
_ndb_struct_na_base_pair_step.j_PDB_ins_code_2 
1 A DG 3  1_555 D DC 7 1_555 A DC 4  1_555 D DG 6 1_555 0.025  -0.667 3.277 2.060  -1.208 31.589 -0.999 0.335  3.294 -2.215  
-3.778 31.677 1  AA_DG3DC4:DG15DC16_DD A 3  ? D 16 ? A 4  ? D 15 ? 
1 A DC 4  1_555 D DG 6 1_555 A DA 5  1_555 D DT 5 1_555 -0.998 0.056  3.462 -2.978 2.891  29.751 -0.529 1.269  3.533 5.596   5.765 
30.033 2  AA_DC4DA5:DT14DG15_DD A 4  ? D 15 ? A 5  ? D 14 ? 
1 A DA 5  1_555 D DT 5 1_555 A DG 6  1_555 D DC 4 1_555 -0.091 -0.320 3.401 0.314  1.896  29.378 -1.049 0.248  3.373 3.733   
-0.618 29.439 3  AA_DA5DG6:DC13DT14_DD A 5  ? D 14 ? A 6  ? D 13 ? 
1 A DG 6  1_555 D DC 4 1_555 A DA 7  1_555 D DT 3 1_555 -0.071 -0.693 3.033 -3.514 1.880  41.379 -1.161 -0.244 2.996 2.653   4.959 
41.562 4  AA_DG6DA7:DT12DC13_DD A 6  ? D 13 ? A 7  ? D 12 ? 
1 A DA 7  1_555 D DT 3 1_555 A DC 8  1_555 D DG 2 1_555 0.852  -1.140 3.307 -4.168 1.336  32.336 -2.259 -2.232 3.127 2.385   7.441 
32.623 5  AA_DA7DC8:DG11DT12_DD A 7  ? D 12 ? A 8  ? D 11 ? 
1 A DC 8  1_555 D DG 2 1_555 A DC 9  1_555 D DG 1 1_555 -0.934 -1.918 3.202 -2.478 2.114  34.318 -3.556 1.202  3.139 3.572   4.189 
34.467 6  AA_DC8DC9:DG10DG11_DD A 8  ? D 11 ? A 9  ? D 10 ? 
1 A DC 9  1_555 D DG 1 1_555 A DT 10 1_555 B DA 6 1_555 -1.135 -2.235 3.437 -3.991 -0.315 14.527 -8.237 0.697  3.660 -1.215  
15.404 15.066 7  AA_DC9DT10:DA5DG10_BD A 9  ? D 10 ? A 10 ? B 5  ? 
1 A DT 10 1_555 B DA 6 1_555 A DG 11 1_555 B DC 5 1_555 0.138  0.672  3.359 0.342  3.658  40.510 0.546  -0.159 3.406 5.270   
-0.493 40.670 8  AA_DT10DG11:DC4DA5_BB A 10 ? B 5  ? A 11 ? B 4  ? 
1 A DG 11 1_555 B DC 5 1_555 A DA 12 1_555 B DT 4 1_555 -0.999 -0.118 3.335 -1.499 2.083  41.073 -0.399 1.256  3.358 2.965   2.134 
41.149 9  AA_DG11DA12:DT3DC4_BB A 11 ? B 4  ? A 12 ? B 3  ? 
1 A DA 12 1_555 B DT 4 1_555 A DC 13 1_555 B DG 3 1_555 0.380  -1.339 3.267 -2.735 2.761  30.213 -3.087 -1.257 3.089 5.270   5.221 
30.456 10 AA_DA12DC13:DG2DT3_BB A 12 ? B 3  ? A 13 ? B 2  ? 
1 A DC 13 1_555 B DG 3 1_555 A DG 14 1_555 B DC 2 1_555 -0.509 -0.715 3.201 -0.677 1.790  30.714 -1.688 0.830  3.165 3.375   1.276 
30.772 11 AA_DC13DG14:DC1DG2_BB A 13 ? B 2  ? A 14 ? B 1  ? 
1 A DG 14 1_555 B DC 2 1_555 A DA 15 1_555 B DT 1 1_555 -0.422 -0.800 3.314 -4.019 1.039  38.055 -1.353 0.132  3.317 1.588   6.141 
38.273 12 AA_DG14DA15:DT0DC1_BB A 14 ? B 1  ? A 15 ? B 0  ? 
1 A DA 15 1_555 B DT 1 1_555 A DC 16 1_555 C DG 8 1_555 -1.090 -1.235 3.038 -6.624 2.895  26.133 -3.331 0.736  3.064 6.252   
14.304 27.098 13 AA_DA15DC16:DG8DT0_CB A 15 ? B 0  ? A 16 ? C 8  ? 
1 A DC 16 1_555 C DG 8 1_555 A DA 17 1_555 C DT 7 1_555 -1.004 -0.639 2.807 -8.712 -3.205 36.012 -0.617 0.526  3.005 -5.080  
13.810 37.151 14 AA_DC16DA17:DT7DG8_CC A 16 ? C 8  ? A 17 ? C 7  ? 
1 A DA 17 1_555 C DT 7 1_555 A DC 18 1_555 C DG 6 1_555 0.179  -1.101 3.639 1.583  -6.496 33.215 -0.691 -0.015 3.785 -11.222 
-2.735 33.862 15 AA_DA17DC18:DG6DT7_CC A 17 ? C 7  ? A 18 ? C 6  ? 
1 A DC 18 1_555 C DG 6 1_555 A DT 19 1_555 C DA 5 1_555 -0.740 -1.078 3.151 2.906  -2.593 38.037 -1.331 1.483  3.152 -3.966  
-4.444 38.229 16 AA_DC18DT19:DA5DG6_CC A 18 ? C 6  ? A 19 ? C 5  ? 
1 A DT 19 1_555 C DA 5 1_555 A DC 20 1_555 C DG 4 1_555 1.011  1.852  3.283 5.101  0.695  36.744 2.815  -0.886 3.421 1.095   
-8.043 37.091 17 AA_DT19DC20:DG4DA5_CC A 19 ? C 5  ? A 20 ? C 4  ? 
1 A DC 20 1_555 C DG 4 1_555 A DA 21 1_555 C DT 3 1_555 -1.004 1.573  3.517 -5.831 1.619  34.923 2.320  0.698  3.698 2.673   9.627 
35.427 18 AA_DC20DA21:DT3DG4_CC A 20 ? C 4  ? A 21 ? C 3  ? 
# 
loop_
_pdbx_audit_support.funding_organization 
_pdbx_audit_support.country 
_pdbx_audit_support.grant_number 
_pdbx_audit_support.ordinal 
'National Science Foundation (NSF, United States)'                                         'United States' 1360635     1 
'National Institutes of Health/National Institute of General Medical Sciences (NIH/NIGMS)' 'United States' R01GM104960 2 
'National Science Foundation (NSF, United States)'                                         'United States' NSF2004250  3 
# 
loop_
_pdbx_entity_nonpoly.entity_id 
_pdbx_entity_nonpoly.name 
_pdbx_entity_nonpoly.comp_id 
5 'MAGNESIUM ION'  MG  
6 'CACODYLATE ION' CAC 
# 
_pdbx_initial_refinement_model.id               1 
_pdbx_initial_refinement_model.entity_id_list   ? 
_pdbx_initial_refinement_model.type             'experimental model' 
_pdbx_initial_refinement_model.source_name      PDB 
_pdbx_initial_refinement_model.accession_code   5VY6 
_pdbx_initial_refinement_model.details          ? 
# 
_pdbx_struct_assembly_auth_evidence.id                     1 
_pdbx_struct_assembly_auth_evidence.assembly_id            1 
_pdbx_struct_assembly_auth_evidence.experimental_support   none 
_pdbx_struct_assembly_auth_evidence.details                ? 
# 
